data_2RO0
#
_entry.id   2RO0
#
_entity_poly.entity_id   1
_entity_poly.type   'polypeptide(L)'
_entity_poly.pdbx_seq_one_letter_code
;GSHMSHDGKEEPGIAKKINSVDDIIIKCQCWVQKNDEERLAEILSINTRKAPPKFYVHYVNYNKRLDEWITTDRINLDKE
VLYPKLKATDED
;
_entity_poly.pdbx_strand_id   A
#
# COMPACT_ATOMS: atom_id res chain seq x y z
N GLY A 1 -1.80 -16.35 -23.51
CA GLY A 1 -0.95 -15.69 -24.48
C GLY A 1 0.40 -15.30 -23.90
N SER A 2 1.46 -15.56 -24.65
CA SER A 2 2.81 -15.24 -24.21
C SER A 2 3.65 -14.68 -25.36
N HIS A 3 4.55 -13.76 -25.03
CA HIS A 3 5.41 -13.15 -26.03
C HIS A 3 6.77 -12.80 -25.43
N MET A 4 7.65 -12.24 -26.26
CA MET A 4 9.00 -11.87 -25.82
C MET A 4 8.92 -10.78 -24.74
N SER A 5 9.16 -11.17 -23.49
CA SER A 5 9.12 -10.23 -22.38
C SER A 5 10.53 -9.84 -21.95
N HIS A 6 11.03 -8.74 -22.51
CA HIS A 6 12.37 -8.27 -22.18
C HIS A 6 12.35 -7.41 -20.92
N ASP A 7 13.53 -6.99 -20.47
CA ASP A 7 13.63 -6.14 -19.28
C ASP A 7 14.08 -4.73 -19.65
N GLY A 8 15.28 -4.62 -20.21
CA GLY A 8 15.80 -3.32 -20.59
C GLY A 8 16.13 -2.46 -19.40
N LYS A 9 15.32 -1.43 -19.16
CA LYS A 9 15.54 -0.52 -18.04
C LYS A 9 14.21 -0.11 -17.40
N GLU A 10 13.63 -1.02 -16.63
CA GLU A 10 12.36 -0.75 -15.96
C GLU A 10 12.58 -0.34 -14.51
N GLU A 11 11.56 0.26 -13.91
CA GLU A 11 11.65 0.70 -12.52
C GLU A 11 10.78 -0.17 -11.62
N PRO A 12 11.05 -0.13 -10.31
CA PRO A 12 10.30 -0.90 -9.32
C PRO A 12 8.89 -0.38 -9.12
N GLY A 13 8.16 -0.98 -8.18
CA GLY A 13 6.80 -0.56 -7.91
C GLY A 13 5.78 -1.41 -8.64
N ILE A 14 4.98 -2.15 -7.87
CA ILE A 14 3.96 -3.02 -8.45
C ILE A 14 2.56 -2.48 -8.16
N ALA A 15 1.78 -2.27 -9.21
CA ALA A 15 0.42 -1.78 -9.06
C ALA A 15 -0.61 -2.89 -9.28
N LYS A 16 -1.30 -3.26 -8.21
CA LYS A 16 -2.32 -4.31 -8.29
C LYS A 16 -3.57 -3.92 -7.51
N LYS A 17 -4.73 -4.31 -8.03
CA LYS A 17 -5.99 -4.01 -7.38
C LYS A 17 -6.50 -5.21 -6.58
N ILE A 18 -6.67 -5.02 -5.28
CA ILE A 18 -7.14 -6.08 -4.41
C ILE A 18 -8.57 -5.81 -3.94
N ASN A 19 -9.13 -6.74 -3.18
CA ASN A 19 -10.48 -6.59 -2.65
C ASN A 19 -10.57 -7.09 -1.21
N SER A 20 -9.41 -7.27 -0.59
CA SER A 20 -9.35 -7.74 0.79
C SER A 20 -8.26 -7.02 1.57
N VAL A 21 -8.62 -6.48 2.73
CA VAL A 21 -7.68 -5.76 3.57
C VAL A 21 -6.67 -6.71 4.21
N ASP A 22 -6.99 -8.00 4.18
CA ASP A 22 -6.10 -9.02 4.75
C ASP A 22 -4.75 -9.02 4.05
N ASP A 23 -4.78 -8.81 2.73
CA ASP A 23 -3.56 -8.80 1.94
C ASP A 23 -2.88 -7.43 2.01
N ILE A 24 -2.60 -6.99 3.23
CA ILE A 24 -1.95 -5.69 3.43
C ILE A 24 -0.71 -5.83 4.32
N ILE A 25 0.34 -5.08 3.98
CA ILE A 25 1.57 -5.12 4.74
C ILE A 25 2.05 -3.72 5.09
N ILE A 26 3.20 -3.64 5.74
CA ILE A 26 3.76 -2.35 6.14
C ILE A 26 4.29 -1.59 4.93
N LYS A 27 4.65 -2.32 3.88
CA LYS A 27 5.18 -1.72 2.66
C LYS A 27 4.07 -1.50 1.65
N CYS A 28 2.83 -1.78 2.06
CA CYS A 28 1.68 -1.60 1.17
C CYS A 28 1.11 -0.19 1.29
N GLN A 29 0.74 0.38 0.16
CA GLN A 29 0.18 1.73 0.13
C GLN A 29 -1.20 1.74 -0.54
N CYS A 30 -2.14 2.41 0.10
CA CYS A 30 -3.50 2.50 -0.42
C CYS A 30 -4.08 3.89 -0.22
N TRP A 31 -5.30 4.10 -0.70
CA TRP A 31 -5.97 5.40 -0.56
C TRP A 31 -6.94 5.39 0.61
N VAL A 32 -6.99 6.49 1.34
CA VAL A 32 -7.89 6.62 2.48
C VAL A 32 -8.83 7.80 2.32
N GLN A 33 -10.10 7.59 2.64
CA GLN A 33 -11.10 8.66 2.53
C GLN A 33 -11.05 9.57 3.74
N LYS A 34 -10.74 10.85 3.50
CA LYS A 34 -10.65 11.83 4.57
C LYS A 34 -11.19 13.18 4.11
N ASN A 35 -11.99 13.83 4.95
CA ASN A 35 -12.56 15.13 4.63
C ASN A 35 -13.26 15.08 3.28
N ASP A 36 -14.14 14.11 3.10
CA ASP A 36 -14.88 13.94 1.86
C ASP A 36 -13.93 13.96 0.66
N GLU A 37 -12.71 13.48 0.88
CA GLU A 37 -11.71 13.43 -0.19
C GLU A 37 -10.90 12.15 -0.11
N GLU A 38 -10.01 11.94 -1.09
CA GLU A 38 -9.18 10.75 -1.12
C GLU A 38 -7.70 11.14 -1.08
N ARG A 39 -6.97 10.55 -0.14
CA ARG A 39 -5.55 10.81 0.01
C ARG A 39 -4.75 9.53 0.06
N LEU A 40 -3.61 9.50 -0.64
CA LEU A 40 -2.76 8.32 -0.67
C LEU A 40 -2.06 8.12 0.67
N ALA A 41 -2.48 7.10 1.41
CA ALA A 41 -1.88 6.80 2.71
C ALA A 41 -1.04 5.53 2.65
N GLU A 42 0.12 5.56 3.29
CA GLU A 42 1.02 4.42 3.31
C GLU A 42 0.89 3.63 4.62
N ILE A 43 0.70 2.32 4.51
CA ILE A 43 0.57 1.47 5.68
C ILE A 43 1.83 1.49 6.53
N LEU A 44 1.67 1.47 7.85
CA LEU A 44 2.79 1.47 8.76
C LEU A 44 2.81 0.21 9.61
N SER A 45 1.62 -0.26 9.99
CA SER A 45 1.50 -1.47 10.81
C SER A 45 0.09 -2.03 10.73
N ILE A 46 -0.10 -3.21 11.31
CA ILE A 46 -1.40 -3.86 11.31
C ILE A 46 -1.81 -4.28 12.72
N ASN A 47 -3.10 -4.14 13.03
CA ASN A 47 -3.62 -4.51 14.33
C ASN A 47 -4.90 -5.32 14.21
N THR A 48 -4.75 -6.64 14.34
CA THR A 48 -5.90 -7.54 14.24
C THR A 48 -6.40 -7.95 15.62
N ARG A 49 -6.90 -6.99 16.38
CA ARG A 49 -7.40 -7.25 17.72
C ARG A 49 -8.88 -6.90 17.82
N LYS A 50 -9.50 -6.60 16.68
CA LYS A 50 -10.91 -6.24 16.64
C LYS A 50 -11.59 -6.86 15.42
N ALA A 51 -12.90 -6.65 15.31
CA ALA A 51 -13.66 -7.19 14.19
C ALA A 51 -14.70 -6.19 13.71
N PRO A 52 -14.42 -5.56 12.55
CA PRO A 52 -13.20 -5.83 11.78
C PRO A 52 -11.95 -5.29 12.48
N PRO A 53 -10.77 -5.74 12.03
CA PRO A 53 -9.49 -5.32 12.60
C PRO A 53 -9.16 -3.86 12.28
N LYS A 54 -8.00 -3.41 12.75
CA LYS A 54 -7.58 -2.04 12.51
C LYS A 54 -6.21 -2.01 11.82
N PHE A 55 -5.92 -0.89 11.16
CA PHE A 55 -4.64 -0.72 10.46
C PHE A 55 -4.08 0.68 10.68
N TYR A 56 -2.76 0.78 10.66
CA TYR A 56 -2.09 2.07 10.85
C TYR A 56 -1.66 2.67 9.51
N VAL A 57 -2.24 3.81 9.18
CA VAL A 57 -1.90 4.49 7.92
C VAL A 57 -1.19 5.81 8.18
N HIS A 58 -0.44 6.28 7.19
CA HIS A 58 0.30 7.53 7.31
C HIS A 58 0.22 8.33 6.02
N TYR A 59 -0.40 9.51 6.10
CA TYR A 59 -0.54 10.38 4.93
C TYR A 59 0.82 10.82 4.41
N VAL A 60 1.22 10.25 3.27
CA VAL A 60 2.51 10.59 2.65
C VAL A 60 2.57 12.06 2.29
N ASN A 61 1.41 12.66 2.02
CA ASN A 61 1.33 14.06 1.67
C ASN A 61 1.52 14.95 2.89
N TYR A 62 1.23 14.40 4.07
CA TYR A 62 1.36 15.14 5.31
C TYR A 62 2.52 14.60 6.14
N ASN A 63 2.68 15.13 7.36
CA ASN A 63 3.74 14.70 8.24
C ASN A 63 3.35 13.42 8.98
N LYS A 64 4.30 12.85 9.71
CA LYS A 64 4.06 11.61 10.46
C LYS A 64 3.08 11.87 11.61
N ARG A 65 2.83 13.13 11.90
CA ARG A 65 1.92 13.50 12.98
C ARG A 65 0.47 13.42 12.52
N LEU A 66 0.27 13.03 11.26
CA LEU A 66 -1.06 12.91 10.69
C LEU A 66 -1.52 11.45 10.68
N ASP A 67 -0.55 10.54 10.71
CA ASP A 67 -0.86 9.11 10.71
C ASP A 67 -1.85 8.76 11.81
N GLU A 68 -2.49 7.61 11.68
CA GLU A 68 -3.47 7.16 12.67
C GLU A 68 -3.92 5.73 12.38
N TRP A 69 -4.83 5.23 13.21
CA TRP A 69 -5.35 3.88 13.04
C TRP A 69 -6.73 3.90 12.40
N ILE A 70 -6.79 3.53 11.12
CA ILE A 70 -8.06 3.51 10.39
C ILE A 70 -8.62 2.09 10.31
N THR A 71 -9.89 1.98 9.93
CA THR A 71 -10.55 0.69 9.82
C THR A 71 -10.81 0.33 8.36
N THR A 72 -11.29 -0.88 8.13
CA THR A 72 -11.58 -1.35 6.78
C THR A 72 -12.53 -0.40 6.06
N ASP A 73 -13.53 0.09 6.78
CA ASP A 73 -14.51 1.00 6.21
C ASP A 73 -13.86 2.34 5.88
N ARG A 74 -12.65 2.56 6.38
CA ARG A 74 -11.93 3.79 6.13
C ARG A 74 -10.89 3.61 5.01
N ILE A 75 -10.84 2.39 4.47
CA ILE A 75 -9.89 2.08 3.41
C ILE A 75 -10.58 2.10 2.05
N ASN A 76 -9.87 2.60 1.04
CA ASN A 76 -10.41 2.68 -0.31
C ASN A 76 -9.90 1.52 -1.17
N LEU A 77 -10.78 0.54 -1.41
CA LEU A 77 -10.42 -0.62 -2.22
C LEU A 77 -10.81 -0.42 -3.68
N ASP A 78 -11.00 0.84 -4.07
CA ASP A 78 -11.38 1.17 -5.43
C ASP A 78 -10.17 1.63 -6.24
N LYS A 79 -9.14 2.09 -5.53
CA LYS A 79 -7.92 2.54 -6.18
C LYS A 79 -6.83 1.48 -6.14
N GLU A 80 -6.04 1.40 -7.20
CA GLU A 80 -4.97 0.42 -7.28
C GLU A 80 -4.08 0.48 -6.04
N VAL A 81 -3.55 -0.68 -5.65
CA VAL A 81 -2.68 -0.76 -4.48
C VAL A 81 -1.21 -0.87 -4.88
N LEU A 82 -0.34 -0.23 -4.10
CA LEU A 82 1.09 -0.26 -4.38
C LEU A 82 1.81 -1.22 -3.44
N TYR A 83 2.59 -2.12 -4.01
CA TYR A 83 3.33 -3.10 -3.23
C TYR A 83 4.84 -2.99 -3.50
N PRO A 84 5.64 -3.46 -2.54
CA PRO A 84 7.11 -3.42 -2.65
C PRO A 84 7.63 -4.39 -3.70
N LYS A 85 8.87 -4.15 -4.13
CA LYS A 85 9.49 -5.00 -5.14
C LYS A 85 10.53 -5.93 -4.51
N LEU A 86 10.64 -7.14 -5.04
CA LEU A 86 11.59 -8.12 -4.53
C LEU A 86 12.48 -8.66 -5.65
N LYS A 87 13.78 -8.73 -5.39
CA LYS A 87 14.73 -9.23 -6.37
C LYS A 87 15.83 -10.04 -5.69
N ALA A 88 16.21 -11.16 -6.32
CA ALA A 88 17.25 -12.02 -5.78
C ALA A 88 18.60 -11.30 -5.77
N THR A 89 19.11 -11.03 -4.57
CA THR A 89 20.39 -10.36 -4.41
C THR A 89 21.24 -11.02 -3.35
N ASP A 90 22.36 -11.59 -3.77
CA ASP A 90 23.27 -12.27 -2.85
C ASP A 90 24.56 -11.46 -2.67
N GLU A 91 24.43 -10.25 -2.15
CA GLU A 91 25.58 -9.38 -1.93
C GLU A 91 25.90 -9.28 -0.44
N ASP A 92 26.97 -8.54 -0.12
CA ASP A 92 27.38 -8.36 1.26
C ASP A 92 27.70 -6.90 1.54
N GLY A 1 6.67 1.18 -41.35
CA GLY A 1 6.70 0.27 -40.21
C GLY A 1 7.77 0.62 -39.20
N SER A 2 9.02 0.40 -39.56
CA SER A 2 10.13 0.70 -38.68
C SER A 2 10.50 2.18 -38.73
N HIS A 3 10.12 2.91 -37.69
CA HIS A 3 10.40 4.34 -37.61
C HIS A 3 11.05 4.70 -36.28
N MET A 4 10.41 4.29 -35.18
CA MET A 4 10.92 4.57 -33.86
C MET A 4 11.26 3.26 -33.12
N SER A 5 11.89 3.40 -31.96
CA SER A 5 12.28 2.24 -31.16
C SER A 5 11.37 2.10 -29.94
N HIS A 6 11.29 0.88 -29.42
CA HIS A 6 10.46 0.60 -28.25
C HIS A 6 11.31 0.10 -27.09
N ASP A 7 12.32 0.88 -26.72
CA ASP A 7 13.19 0.52 -25.62
C ASP A 7 13.09 1.53 -24.48
N GLY A 8 13.67 1.18 -23.34
CA GLY A 8 13.62 2.06 -22.19
C GLY A 8 14.21 1.43 -20.94
N LYS A 9 13.70 1.82 -19.78
CA LYS A 9 14.18 1.28 -18.52
C LYS A 9 13.02 0.88 -17.61
N GLU A 10 13.05 -0.35 -17.12
CA GLU A 10 12.00 -0.84 -16.24
C GLU A 10 12.26 -0.44 -14.79
N GLU A 11 11.36 0.36 -14.23
CA GLU A 11 11.50 0.82 -12.85
C GLU A 11 10.65 -0.03 -11.91
N PRO A 12 10.99 0.02 -10.60
CA PRO A 12 10.27 -0.75 -9.58
C PRO A 12 8.86 -0.21 -9.34
N GLY A 13 8.12 -0.89 -8.48
CA GLY A 13 6.76 -0.47 -8.17
C GLY A 13 5.72 -1.39 -8.78
N ILE A 14 4.91 -2.00 -7.92
CA ILE A 14 3.86 -2.91 -8.37
C ILE A 14 2.47 -2.36 -8.04
N ALA A 15 1.60 -2.37 -9.03
CA ALA A 15 0.23 -1.87 -8.84
C ALA A 15 -0.79 -2.98 -9.11
N LYS A 16 -1.53 -3.34 -8.07
CA LYS A 16 -2.55 -4.38 -8.19
C LYS A 16 -3.82 -3.99 -7.45
N LYS A 17 -4.96 -4.43 -7.97
CA LYS A 17 -6.25 -4.12 -7.36
C LYS A 17 -6.74 -5.30 -6.51
N ILE A 18 -6.92 -5.05 -5.22
CA ILE A 18 -7.39 -6.09 -4.31
C ILE A 18 -8.74 -5.72 -3.71
N ASN A 19 -9.43 -6.72 -3.16
CA ASN A 19 -10.74 -6.50 -2.55
C ASN A 19 -10.77 -7.02 -1.12
N SER A 20 -9.59 -7.17 -0.53
CA SER A 20 -9.48 -7.66 0.84
C SER A 20 -8.40 -6.90 1.60
N VAL A 21 -8.74 -6.45 2.81
CA VAL A 21 -7.80 -5.72 3.65
C VAL A 21 -6.75 -6.64 4.24
N ASP A 22 -7.05 -7.94 4.26
CA ASP A 22 -6.14 -8.93 4.81
C ASP A 22 -4.80 -8.89 4.08
N ASP A 23 -4.85 -8.67 2.77
CA ASP A 23 -3.64 -8.61 1.95
C ASP A 23 -3.00 -7.23 2.02
N ILE A 24 -2.73 -6.77 3.24
CA ILE A 24 -2.11 -5.47 3.44
C ILE A 24 -0.91 -5.56 4.37
N ILE A 25 0.27 -5.21 3.85
CA ILE A 25 1.49 -5.25 4.64
C ILE A 25 1.96 -3.85 5.00
N ILE A 26 2.98 -3.76 5.85
CA ILE A 26 3.53 -2.49 6.27
C ILE A 26 4.22 -1.77 5.11
N LYS A 27 4.61 -2.55 4.09
CA LYS A 27 5.28 -1.99 2.93
C LYS A 27 4.28 -1.70 1.81
N CYS A 28 3.00 -1.90 2.11
CA CYS A 28 1.95 -1.65 1.13
C CYS A 28 1.44 -0.22 1.22
N GLN A 29 0.80 0.25 0.15
CA GLN A 29 0.26 1.60 0.12
C GLN A 29 -1.12 1.63 -0.52
N CYS A 30 -2.07 2.25 0.16
CA CYS A 30 -3.44 2.34 -0.34
C CYS A 30 -3.96 3.77 -0.24
N TRP A 31 -5.25 3.95 -0.50
CA TRP A 31 -5.87 5.26 -0.44
C TRP A 31 -6.93 5.32 0.64
N VAL A 32 -6.94 6.41 1.40
CA VAL A 32 -7.91 6.58 2.48
C VAL A 32 -8.85 7.76 2.19
N GLN A 33 -10.11 7.61 2.60
CA GLN A 33 -11.10 8.66 2.39
C GLN A 33 -11.02 9.72 3.48
N LYS A 34 -10.75 10.95 3.08
CA LYS A 34 -10.65 12.06 4.02
C LYS A 34 -11.25 13.33 3.43
N ASN A 35 -12.11 13.99 4.21
CA ASN A 35 -12.76 15.22 3.77
C ASN A 35 -13.44 15.02 2.42
N ASP A 36 -14.24 13.98 2.31
CA ASP A 36 -14.96 13.68 1.07
C ASP A 36 -14.00 13.60 -0.10
N GLU A 37 -12.75 13.21 0.18
CA GLU A 37 -11.74 13.10 -0.84
C GLU A 37 -10.86 11.87 -0.63
N GLU A 38 -9.92 11.64 -1.54
CA GLU A 38 -9.03 10.49 -1.44
C GLU A 38 -7.58 10.94 -1.30
N ARG A 39 -6.88 10.37 -0.33
CA ARG A 39 -5.49 10.71 -0.08
C ARG A 39 -4.63 9.46 0.03
N LEU A 40 -3.50 9.45 -0.67
CA LEU A 40 -2.59 8.30 -0.64
C LEU A 40 -2.01 8.10 0.76
N ALA A 41 -2.27 6.93 1.33
CA ALA A 41 -1.78 6.61 2.66
C ALA A 41 -0.93 5.34 2.64
N GLU A 42 0.21 5.38 3.33
CA GLU A 42 1.11 4.23 3.38
C GLU A 42 0.92 3.46 4.68
N ILE A 43 0.95 2.13 4.58
CA ILE A 43 0.79 1.27 5.75
C ILE A 43 2.01 1.35 6.66
N LEU A 44 1.77 1.33 7.97
CA LEU A 44 2.85 1.40 8.95
C LEU A 44 2.84 0.17 9.86
N SER A 45 1.64 -0.34 10.14
CA SER A 45 1.49 -1.51 11.00
C SER A 45 0.05 -2.03 10.95
N ILE A 46 -0.09 -3.33 11.18
CA ILE A 46 -1.41 -3.96 11.17
C ILE A 46 -1.77 -4.50 12.54
N ASN A 47 -3.00 -4.21 12.98
CA ASN A 47 -3.47 -4.67 14.28
C ASN A 47 -4.77 -5.45 14.15
N THR A 48 -4.69 -6.77 14.24
CA THR A 48 -5.86 -7.63 14.11
C THR A 48 -6.36 -8.06 15.49
N ARG A 49 -6.81 -7.11 16.29
CA ARG A 49 -7.31 -7.40 17.62
C ARG A 49 -8.78 -7.00 17.75
N LYS A 50 -9.40 -6.69 16.62
CA LYS A 50 -10.81 -6.29 16.60
C LYS A 50 -11.53 -6.91 15.39
N ALA A 51 -12.83 -6.68 15.32
CA ALA A 51 -13.64 -7.20 14.21
C ALA A 51 -14.67 -6.17 13.75
N PRO A 52 -14.40 -5.53 12.61
CA PRO A 52 -13.19 -5.78 11.83
C PRO A 52 -11.93 -5.27 12.52
N PRO A 53 -10.76 -5.72 12.05
CA PRO A 53 -9.46 -5.32 12.61
C PRO A 53 -9.13 -3.85 12.32
N LYS A 54 -7.95 -3.42 12.76
CA LYS A 54 -7.51 -2.05 12.55
C LYS A 54 -6.16 -2.02 11.86
N PHE A 55 -5.86 -0.90 11.20
CA PHE A 55 -4.59 -0.74 10.50
C PHE A 55 -4.03 0.67 10.69
N TYR A 56 -2.71 0.78 10.71
CA TYR A 56 -2.06 2.07 10.89
C TYR A 56 -1.59 2.64 9.56
N VAL A 57 -2.14 3.79 9.19
CA VAL A 57 -1.77 4.44 7.93
C VAL A 57 -1.12 5.79 8.18
N HIS A 58 -0.30 6.23 7.23
CA HIS A 58 0.38 7.51 7.35
C HIS A 58 0.25 8.33 6.05
N TYR A 59 -0.20 9.56 6.18
CA TYR A 59 -0.38 10.44 5.02
C TYR A 59 0.97 10.95 4.52
N VAL A 60 1.39 10.44 3.36
CA VAL A 60 2.65 10.85 2.77
C VAL A 60 2.68 12.34 2.47
N ASN A 61 1.49 12.90 2.24
CA ASN A 61 1.36 14.33 1.94
C ASN A 61 1.60 15.17 3.19
N TYR A 62 1.38 14.57 4.35
CA TYR A 62 1.56 15.26 5.62
C TYR A 62 2.71 14.63 6.42
N ASN A 63 2.90 15.12 7.64
CA ASN A 63 3.95 14.60 8.50
C ASN A 63 3.52 13.31 9.20
N LYS A 64 4.45 12.68 9.89
CA LYS A 64 4.16 11.43 10.60
C LYS A 64 3.18 11.67 11.74
N ARG A 65 2.96 12.94 12.08
CA ARG A 65 2.05 13.30 13.16
C ARG A 65 0.61 13.27 12.66
N LEU A 66 0.42 12.93 11.39
CA LEU A 66 -0.92 12.88 10.81
C LEU A 66 -1.42 11.44 10.75
N ASP A 67 -0.50 10.48 10.77
CA ASP A 67 -0.84 9.07 10.73
C ASP A 67 -1.87 8.74 11.81
N GLU A 68 -2.53 7.59 11.66
CA GLU A 68 -3.53 7.16 12.61
C GLU A 68 -3.99 5.73 12.33
N TRP A 69 -4.88 5.21 13.17
CA TRP A 69 -5.38 3.86 13.00
C TRP A 69 -6.76 3.87 12.33
N ILE A 70 -6.79 3.50 11.06
CA ILE A 70 -8.04 3.46 10.31
C ILE A 70 -8.58 2.04 10.21
N THR A 71 -9.88 1.92 9.96
CA THR A 71 -10.51 0.61 9.85
C THR A 71 -10.82 0.29 8.38
N THR A 72 -11.34 -0.92 8.15
CA THR A 72 -11.68 -1.35 6.80
C THR A 72 -12.62 -0.37 6.12
N ASP A 73 -13.61 0.11 6.87
CA ASP A 73 -14.58 1.04 6.35
C ASP A 73 -13.92 2.38 6.03
N ARG A 74 -12.70 2.57 6.51
CA ARG A 74 -11.97 3.81 6.28
C ARG A 74 -10.95 3.63 5.16
N ILE A 75 -10.89 2.42 4.60
CA ILE A 75 -9.97 2.12 3.52
C ILE A 75 -10.67 2.16 2.17
N ASN A 76 -9.96 2.65 1.15
CA ASN A 76 -10.50 2.76 -0.19
C ASN A 76 -10.03 1.59 -1.06
N LEU A 77 -10.93 0.64 -1.31
CA LEU A 77 -10.59 -0.52 -2.12
C LEU A 77 -11.00 -0.30 -3.58
N ASP A 78 -11.13 0.97 -3.96
CA ASP A 78 -11.51 1.32 -5.33
C ASP A 78 -10.28 1.73 -6.15
N LYS A 79 -9.24 2.16 -5.46
CA LYS A 79 -8.00 2.57 -6.12
C LYS A 79 -6.96 1.47 -6.05
N GLU A 80 -6.17 1.35 -7.11
CA GLU A 80 -5.13 0.33 -7.18
C GLU A 80 -4.19 0.44 -5.96
N VAL A 81 -3.68 -0.71 -5.52
CA VAL A 81 -2.78 -0.74 -4.37
C VAL A 81 -1.33 -0.86 -4.82
N LEU A 82 -0.43 -0.27 -4.04
CA LEU A 82 0.99 -0.30 -4.36
C LEU A 82 1.73 -1.25 -3.43
N TYR A 83 2.61 -2.07 -4.02
CA TYR A 83 3.38 -3.04 -3.25
C TYR A 83 4.87 -2.76 -3.37
N PRO A 84 5.65 -3.27 -2.40
CA PRO A 84 7.10 -3.10 -2.37
C PRO A 84 7.81 -3.86 -3.49
N LYS A 85 8.96 -3.35 -3.93
CA LYS A 85 9.73 -3.98 -4.99
C LYS A 85 11.17 -4.21 -4.56
N LEU A 86 11.56 -5.47 -4.46
CA LEU A 86 12.91 -5.83 -4.06
C LEU A 86 13.50 -6.89 -4.99
N LYS A 87 14.83 -6.88 -5.11
CA LYS A 87 15.52 -7.85 -5.96
C LYS A 87 15.82 -9.13 -5.20
N ALA A 88 14.97 -10.13 -5.35
CA ALA A 88 15.14 -11.41 -4.68
C ALA A 88 16.53 -11.98 -4.96
N THR A 89 17.07 -12.71 -3.99
CA THR A 89 18.39 -13.31 -4.12
C THR A 89 18.29 -14.82 -4.30
N ASP A 90 19.15 -15.37 -5.15
CA ASP A 90 19.16 -16.81 -5.40
C ASP A 90 20.30 -17.49 -4.65
N GLU A 91 20.44 -17.14 -3.36
CA GLU A 91 21.50 -17.72 -2.54
C GLU A 91 20.91 -18.40 -1.31
N ASP A 92 20.68 -19.71 -1.42
CA ASP A 92 20.13 -20.48 -0.31
C ASP A 92 21.20 -21.34 0.36
N GLY A 1 3.61 -20.39 -25.53
CA GLY A 1 4.73 -19.73 -24.90
C GLY A 1 6.05 -20.05 -25.58
N SER A 2 7.11 -19.35 -25.17
CA SER A 2 8.43 -19.56 -25.74
C SER A 2 9.52 -19.03 -24.81
N HIS A 3 10.71 -19.59 -24.92
CA HIS A 3 11.84 -19.17 -24.09
C HIS A 3 12.87 -18.41 -24.93
N MET A 4 12.86 -17.08 -24.80
CA MET A 4 13.80 -16.25 -25.55
C MET A 4 14.21 -15.03 -24.72
N SER A 5 15.50 -14.75 -24.70
CA SER A 5 16.03 -13.62 -23.95
C SER A 5 15.77 -12.31 -24.68
N HIS A 6 15.14 -11.37 -24.00
CA HIS A 6 14.83 -10.06 -24.59
C HIS A 6 15.36 -8.94 -23.72
N ASP A 7 15.09 -7.70 -24.12
CA ASP A 7 15.54 -6.53 -23.38
C ASP A 7 14.36 -5.72 -22.86
N GLY A 8 14.19 -5.72 -21.54
CA GLY A 8 13.09 -4.99 -20.93
C GLY A 8 13.44 -4.48 -19.54
N LYS A 9 13.37 -3.17 -19.36
CA LYS A 9 13.67 -2.56 -18.07
C LYS A 9 12.57 -1.59 -17.65
N GLU A 10 11.94 -1.88 -16.51
CA GLU A 10 10.87 -1.04 -16.00
C GLU A 10 11.13 -0.64 -14.55
N GLU A 11 10.86 0.62 -14.23
CA GLU A 11 11.07 1.12 -12.88
C GLU A 11 10.35 0.24 -11.85
N PRO A 12 10.78 0.35 -10.59
CA PRO A 12 10.21 -0.43 -9.49
C PRO A 12 8.79 0.00 -9.15
N GLY A 13 8.11 -0.78 -8.31
CA GLY A 13 6.75 -0.45 -7.92
C GLY A 13 5.72 -1.36 -8.58
N ILE A 14 4.94 -2.04 -7.76
CA ILE A 14 3.92 -2.95 -8.26
C ILE A 14 2.52 -2.42 -7.97
N ALA A 15 1.71 -2.28 -9.02
CA ALA A 15 0.35 -1.79 -8.87
C ALA A 15 -0.66 -2.87 -9.17
N LYS A 16 -1.36 -3.32 -8.12
CA LYS A 16 -2.37 -4.37 -8.27
C LYS A 16 -3.66 -3.98 -7.56
N LYS A 17 -4.79 -4.45 -8.09
CA LYS A 17 -6.09 -4.15 -7.51
C LYS A 17 -6.58 -5.32 -6.66
N ILE A 18 -6.86 -5.05 -5.39
CA ILE A 18 -7.33 -6.07 -4.47
C ILE A 18 -8.68 -5.69 -3.88
N ASN A 19 -9.35 -6.66 -3.26
CA ASN A 19 -10.65 -6.42 -2.64
C ASN A 19 -10.69 -6.96 -1.22
N SER A 20 -9.51 -7.14 -0.63
CA SER A 20 -9.40 -7.65 0.73
C SER A 20 -8.32 -6.91 1.51
N VAL A 21 -8.65 -6.48 2.72
CA VAL A 21 -7.70 -5.76 3.56
C VAL A 21 -6.69 -6.71 4.19
N ASP A 22 -6.91 -8.01 4.00
CA ASP A 22 -6.03 -9.03 4.55
C ASP A 22 -4.63 -8.92 3.93
N ASP A 23 -4.59 -8.65 2.63
CA ASP A 23 -3.32 -8.52 1.93
C ASP A 23 -2.73 -7.12 2.11
N ILE A 24 -2.56 -6.72 3.37
CA ILE A 24 -2.01 -5.40 3.67
C ILE A 24 -0.79 -5.51 4.58
N ILE A 25 0.36 -5.08 4.07
CA ILE A 25 1.59 -5.12 4.84
C ILE A 25 2.11 -3.71 5.15
N ILE A 26 3.25 -3.65 5.81
CA ILE A 26 3.85 -2.36 6.17
C ILE A 26 4.37 -1.63 4.93
N LYS A 27 4.71 -2.40 3.90
CA LYS A 27 5.21 -1.83 2.66
C LYS A 27 4.08 -1.60 1.67
N CYS A 28 2.85 -1.87 2.09
CA CYS A 28 1.68 -1.70 1.24
C CYS A 28 1.15 -0.28 1.32
N GLN A 29 0.76 0.27 0.17
CA GLN A 29 0.24 1.63 0.11
C GLN A 29 -1.16 1.65 -0.51
N CYS A 30 -2.10 2.28 0.18
CA CYS A 30 -3.48 2.37 -0.31
C CYS A 30 -4.00 3.80 -0.21
N TRP A 31 -5.29 3.97 -0.45
CA TRP A 31 -5.91 5.29 -0.38
C TRP A 31 -6.96 5.33 0.72
N VAL A 32 -6.98 6.43 1.48
CA VAL A 32 -7.94 6.60 2.56
C VAL A 32 -8.87 7.77 2.30
N GLN A 33 -10.13 7.63 2.69
CA GLN A 33 -11.12 8.68 2.49
C GLN A 33 -11.07 9.69 3.63
N LYS A 34 -10.72 10.93 3.31
CA LYS A 34 -10.64 11.99 4.30
C LYS A 34 -11.13 13.32 3.73
N ASN A 35 -11.93 14.04 4.51
CA ASN A 35 -12.46 15.33 4.09
C ASN A 35 -13.18 15.20 2.74
N ASP A 36 -14.09 14.23 2.65
CA ASP A 36 -14.84 14.00 1.43
C ASP A 36 -13.91 13.86 0.22
N GLU A 37 -12.68 13.42 0.48
CA GLU A 37 -11.69 13.24 -0.57
C GLU A 37 -10.88 11.96 -0.36
N GLU A 38 -9.94 11.71 -1.27
CA GLU A 38 -9.10 10.51 -1.18
C GLU A 38 -7.63 10.89 -1.20
N ARG A 39 -6.89 10.44 -0.20
CA ARG A 39 -5.46 10.73 -0.10
C ARG A 39 -4.65 9.45 -0.03
N LEU A 40 -3.47 9.46 -0.64
CA LEU A 40 -2.60 8.29 -0.65
C LEU A 40 -2.00 8.06 0.74
N ALA A 41 -2.43 6.99 1.39
CA ALA A 41 -1.93 6.66 2.72
C ALA A 41 -1.05 5.41 2.68
N GLU A 42 0.10 5.47 3.35
CA GLU A 42 1.02 4.36 3.38
C GLU A 42 0.88 3.57 4.68
N ILE A 43 0.74 2.26 4.56
CA ILE A 43 0.60 1.40 5.72
C ILE A 43 1.87 1.39 6.56
N LEU A 44 1.70 1.37 7.88
CA LEU A 44 2.84 1.36 8.80
C LEU A 44 2.82 0.12 9.68
N SER A 45 1.61 -0.33 10.03
CA SER A 45 1.45 -1.51 10.87
C SER A 45 0.03 -2.05 10.79
N ILE A 46 -0.17 -3.25 11.32
CA ILE A 46 -1.49 -3.89 11.29
C ILE A 46 -1.88 -4.39 12.68
N ASN A 47 -3.11 -4.11 13.08
CA ASN A 47 -3.60 -4.54 14.39
C ASN A 47 -4.89 -5.35 14.24
N THR A 48 -4.77 -6.67 14.34
CA THR A 48 -5.92 -7.55 14.22
C THR A 48 -6.43 -7.99 15.59
N ARG A 49 -6.92 -7.04 16.38
CA ARG A 49 -7.43 -7.32 17.70
C ARG A 49 -8.91 -6.95 17.82
N LYS A 50 -9.52 -6.64 16.68
CA LYS A 50 -10.92 -6.27 16.64
C LYS A 50 -11.62 -6.88 15.44
N ALA A 51 -12.93 -6.66 15.34
CA ALA A 51 -13.71 -7.19 14.23
C ALA A 51 -14.74 -6.18 13.75
N PRO A 52 -14.47 -5.54 12.59
CA PRO A 52 -13.25 -5.79 11.84
C PRO A 52 -12.00 -5.27 12.54
N PRO A 53 -10.81 -5.73 12.08
CA PRO A 53 -9.53 -5.32 12.66
C PRO A 53 -9.20 -3.86 12.35
N LYS A 54 -8.03 -3.42 12.82
CA LYS A 54 -7.60 -2.05 12.59
C LYS A 54 -6.25 -2.02 11.89
N PHE A 55 -5.95 -0.90 11.23
CA PHE A 55 -4.68 -0.75 10.53
C PHE A 55 -4.13 0.66 10.71
N TYR A 56 -2.81 0.77 10.71
CA TYR A 56 -2.14 2.05 10.88
C TYR A 56 -1.69 2.63 9.54
N VAL A 57 -2.27 3.78 9.17
CA VAL A 57 -1.93 4.42 7.91
C VAL A 57 -1.21 5.75 8.15
N HIS A 58 -0.42 6.18 7.18
CA HIS A 58 0.32 7.42 7.28
C HIS A 58 0.22 8.23 5.99
N TYR A 59 -0.21 9.48 6.12
CA TYR A 59 -0.37 10.36 4.95
C TYR A 59 1.00 10.83 4.46
N VAL A 60 1.43 10.29 3.32
CA VAL A 60 2.71 10.66 2.73
C VAL A 60 2.74 12.14 2.38
N ASN A 61 1.57 12.69 2.05
CA ASN A 61 1.47 14.11 1.69
C ASN A 61 1.70 14.99 2.91
N TYR A 62 1.46 14.43 4.10
CA TYR A 62 1.64 15.17 5.34
C TYR A 62 2.76 14.57 6.18
N ASN A 63 2.90 15.06 7.40
CA ASN A 63 3.93 14.56 8.31
C ASN A 63 3.49 13.28 9.00
N LYS A 64 4.40 12.67 9.74
CA LYS A 64 4.10 11.43 10.46
C LYS A 64 3.13 11.69 11.60
N ARG A 65 2.91 12.96 11.91
CA ARG A 65 2.00 13.34 12.98
C ARG A 65 0.55 13.30 12.52
N LEU A 66 0.36 12.94 11.25
CA LEU A 66 -0.98 12.86 10.68
C LEU A 66 -1.48 11.41 10.66
N ASP A 67 -0.55 10.47 10.68
CA ASP A 67 -0.89 9.06 10.67
C ASP A 67 -1.90 8.73 11.76
N GLU A 68 -2.55 7.58 11.64
CA GLU A 68 -3.54 7.16 12.61
C GLU A 68 -4.01 5.73 12.33
N TRP A 69 -4.89 5.23 13.19
CA TRP A 69 -5.42 3.88 13.03
C TRP A 69 -6.80 3.89 12.39
N ILE A 70 -6.86 3.51 11.11
CA ILE A 70 -8.12 3.49 10.38
C ILE A 70 -8.68 2.07 10.29
N THR A 71 -9.96 1.96 9.96
CA THR A 71 -10.61 0.66 9.84
C THR A 71 -10.89 0.32 8.38
N THR A 72 -11.39 -0.89 8.15
CA THR A 72 -11.70 -1.35 6.80
C THR A 72 -12.64 -0.39 6.10
N ASP A 73 -13.64 0.10 6.83
CA ASP A 73 -14.62 1.03 6.27
C ASP A 73 -13.96 2.36 5.93
N ARG A 74 -12.74 2.57 6.44
CA ARG A 74 -12.00 3.80 6.19
C ARG A 74 -10.97 3.61 5.09
N ILE A 75 -10.90 2.38 4.56
CA ILE A 75 -9.95 2.07 3.49
C ILE A 75 -10.64 2.08 2.13
N ASN A 76 -9.93 2.56 1.12
CA ASN A 76 -10.47 2.63 -0.23
C ASN A 76 -9.95 1.46 -1.07
N LEU A 77 -10.82 0.48 -1.32
CA LEU A 77 -10.46 -0.69 -2.11
C LEU A 77 -10.83 -0.49 -3.58
N ASP A 78 -11.02 0.77 -3.97
CA ASP A 78 -11.38 1.09 -5.34
C ASP A 78 -10.15 1.56 -6.13
N LYS A 79 -9.13 2.00 -5.41
CA LYS A 79 -7.90 2.47 -6.04
C LYS A 79 -6.82 1.39 -6.00
N GLU A 80 -6.03 1.32 -7.06
CA GLU A 80 -4.96 0.33 -7.16
C GLU A 80 -4.05 0.40 -5.94
N VAL A 81 -3.55 -0.76 -5.52
CA VAL A 81 -2.67 -0.83 -4.36
C VAL A 81 -1.21 -0.94 -4.79
N LEU A 82 -0.33 -0.31 -4.02
CA LEU A 82 1.10 -0.33 -4.32
C LEU A 82 1.84 -1.31 -3.41
N TYR A 83 2.67 -2.15 -3.99
CA TYR A 83 3.44 -3.13 -3.22
C TYR A 83 4.93 -2.92 -3.41
N PRO A 84 5.72 -3.42 -2.45
CA PRO A 84 7.18 -3.30 -2.48
C PRO A 84 7.81 -4.14 -3.58
N LYS A 85 8.92 -3.66 -4.14
CA LYS A 85 9.63 -4.38 -5.19
C LYS A 85 10.95 -4.95 -4.69
N LEU A 86 11.05 -6.27 -4.70
CA LEU A 86 12.26 -6.94 -4.24
C LEU A 86 13.10 -7.43 -5.42
N LYS A 87 14.42 -7.36 -5.28
CA LYS A 87 15.33 -7.79 -6.33
C LYS A 87 15.38 -9.32 -6.40
N ALA A 88 14.32 -9.92 -6.92
CA ALA A 88 14.25 -11.37 -7.04
C ALA A 88 13.89 -11.79 -8.47
N THR A 89 14.15 -13.05 -8.80
CA THR A 89 13.84 -13.56 -10.14
C THR A 89 12.62 -14.46 -10.11
N ASP A 90 11.60 -14.07 -10.87
CA ASP A 90 10.35 -14.84 -10.93
C ASP A 90 9.86 -14.95 -12.37
N GLU A 91 8.95 -15.89 -12.61
CA GLU A 91 8.39 -16.09 -13.94
C GLU A 91 6.95 -15.60 -14.01
N ASP A 92 6.54 -15.13 -15.19
CA ASP A 92 5.20 -14.64 -15.39
C ASP A 92 4.60 -15.18 -16.68
N GLY A 1 34.40 -5.43 -27.85
CA GLY A 1 33.91 -6.13 -26.67
C GLY A 1 32.42 -6.43 -26.76
N SER A 2 31.67 -5.97 -25.75
CA SER A 2 30.23 -6.20 -25.73
C SER A 2 29.50 -5.18 -26.58
N HIS A 3 28.18 -5.32 -26.68
CA HIS A 3 27.37 -4.41 -27.47
C HIS A 3 25.88 -4.61 -27.17
N MET A 4 25.18 -3.51 -26.90
CA MET A 4 23.76 -3.56 -26.61
C MET A 4 22.93 -3.58 -27.89
N SER A 5 21.78 -4.23 -27.84
CA SER A 5 20.89 -4.32 -28.99
C SER A 5 19.46 -3.99 -28.61
N HIS A 6 19.18 -2.70 -28.44
CA HIS A 6 17.84 -2.24 -28.07
C HIS A 6 17.40 -2.87 -26.76
N ASP A 7 18.37 -3.22 -25.91
CA ASP A 7 18.07 -3.82 -24.62
C ASP A 7 18.34 -2.84 -23.48
N GLY A 8 17.41 -2.78 -22.54
CA GLY A 8 17.56 -1.88 -21.41
C GLY A 8 17.24 -2.55 -20.09
N LYS A 9 16.38 -1.92 -19.30
CA LYS A 9 15.99 -2.46 -18.00
C LYS A 9 14.67 -1.84 -17.53
N GLU A 10 13.92 -2.62 -16.75
CA GLU A 10 12.63 -2.16 -16.23
C GLU A 10 12.79 -1.54 -14.84
N GLU A 11 11.78 -0.79 -14.41
CA GLU A 11 11.81 -0.15 -13.10
C GLU A 11 10.88 -0.86 -12.13
N PRO A 12 11.16 -0.71 -10.83
CA PRO A 12 10.36 -1.33 -9.76
C PRO A 12 8.97 -0.71 -9.64
N GLY A 13 8.22 -1.16 -8.65
CA GLY A 13 6.88 -0.63 -8.44
C GLY A 13 5.80 -1.58 -8.91
N ILE A 14 4.98 -2.05 -7.98
CA ILE A 14 3.90 -2.97 -8.32
C ILE A 14 2.54 -2.37 -8.00
N ALA A 15 1.70 -2.23 -9.02
CA ALA A 15 0.37 -1.68 -8.84
C ALA A 15 -0.71 -2.72 -9.12
N LYS A 16 -1.26 -3.29 -8.05
CA LYS A 16 -2.31 -4.30 -8.17
C LYS A 16 -3.56 -3.87 -7.42
N LYS A 17 -4.72 -4.26 -7.94
CA LYS A 17 -6.00 -3.92 -7.33
C LYS A 17 -6.53 -5.09 -6.52
N ILE A 18 -6.75 -4.86 -5.22
CA ILE A 18 -7.27 -5.90 -4.33
C ILE A 18 -8.68 -5.59 -3.88
N ASN A 19 -9.27 -6.49 -3.11
CA ASN A 19 -10.63 -6.30 -2.60
C ASN A 19 -10.73 -6.77 -1.16
N SER A 20 -9.59 -6.97 -0.51
CA SER A 20 -9.56 -7.43 0.87
C SER A 20 -8.47 -6.71 1.66
N VAL A 21 -8.79 -6.32 2.88
CA VAL A 21 -7.84 -5.62 3.74
C VAL A 21 -6.83 -6.59 4.35
N ASP A 22 -7.17 -7.87 4.32
CA ASP A 22 -6.30 -8.91 4.88
C ASP A 22 -4.96 -8.94 4.15
N ASP A 23 -5.00 -8.73 2.83
CA ASP A 23 -3.80 -8.73 2.01
C ASP A 23 -3.10 -7.38 2.07
N ILE A 24 -2.78 -6.93 3.28
CA ILE A 24 -2.12 -5.65 3.47
C ILE A 24 -0.88 -5.80 4.35
N ILE A 25 0.19 -5.09 3.98
CA ILE A 25 1.43 -5.14 4.73
C ILE A 25 1.93 -3.74 5.07
N ILE A 26 3.09 -3.67 5.72
CA ILE A 26 3.68 -2.40 6.11
C ILE A 26 4.21 -1.64 4.89
N LYS A 27 4.63 -2.39 3.88
CA LYS A 27 5.15 -1.80 2.65
C LYS A 27 4.04 -1.56 1.64
N CYS A 28 2.80 -1.83 2.05
CA CYS A 28 1.65 -1.64 1.19
C CYS A 28 1.13 -0.20 1.29
N GLN A 29 0.75 0.36 0.15
CA GLN A 29 0.23 1.72 0.10
C GLN A 29 -1.16 1.76 -0.53
N CYS A 30 -2.12 2.33 0.19
CA CYS A 30 -3.49 2.42 -0.30
C CYS A 30 -4.00 3.87 -0.21
N TRP A 31 -5.28 4.04 -0.45
CA TRP A 31 -5.89 5.37 -0.40
C TRP A 31 -6.98 5.42 0.68
N VAL A 32 -6.98 6.50 1.45
CA VAL A 32 -7.96 6.67 2.51
C VAL A 32 -8.88 7.85 2.22
N GLN A 33 -10.14 7.72 2.61
CA GLN A 33 -11.13 8.77 2.40
C GLN A 33 -11.08 9.81 3.51
N LYS A 34 -10.78 11.06 3.14
CA LYS A 34 -10.70 12.14 4.11
C LYS A 34 -11.24 13.43 3.53
N ASN A 35 -12.15 14.07 4.26
CA ASN A 35 -12.76 15.32 3.81
C ASN A 35 -13.40 15.16 2.44
N ASP A 36 -14.23 14.13 2.30
CA ASP A 36 -14.91 13.86 1.03
C ASP A 36 -13.91 13.79 -0.12
N GLU A 37 -12.68 13.37 0.19
CA GLU A 37 -11.63 13.26 -0.81
C GLU A 37 -10.79 12.01 -0.58
N GLU A 38 -9.88 11.74 -1.51
CA GLU A 38 -9.01 10.57 -1.41
C GLU A 38 -7.55 10.99 -1.32
N ARG A 39 -6.88 10.51 -0.27
CA ARG A 39 -5.48 10.83 -0.06
C ARG A 39 -4.63 9.56 0.03
N LEU A 40 -3.47 9.58 -0.63
CA LEU A 40 -2.58 8.43 -0.63
C LEU A 40 -2.03 8.16 0.76
N ALA A 41 -2.45 7.06 1.36
CA ALA A 41 -1.99 6.69 2.69
C ALA A 41 -1.11 5.44 2.65
N GLU A 42 0.05 5.52 3.31
CA GLU A 42 0.98 4.40 3.34
C GLU A 42 0.86 3.64 4.65
N ILE A 43 0.71 2.32 4.54
CA ILE A 43 0.58 1.47 5.72
C ILE A 43 1.85 1.49 6.56
N LEU A 44 1.69 1.48 7.88
CA LEU A 44 2.82 1.49 8.79
C LEU A 44 2.84 0.24 9.66
N SER A 45 1.65 -0.30 9.95
CA SER A 45 1.54 -1.49 10.78
C SER A 45 0.13 -2.08 10.68
N ILE A 46 -0.04 -3.27 11.23
CA ILE A 46 -1.33 -3.94 11.22
C ILE A 46 -1.71 -4.47 12.60
N ASN A 47 -2.95 -4.26 13.00
CA ASN A 47 -3.44 -4.71 14.30
C ASN A 47 -4.71 -5.53 14.15
N THR A 48 -4.57 -6.85 14.22
CA THR A 48 -5.71 -7.75 14.09
C THR A 48 -6.20 -8.22 15.46
N ARG A 49 -6.68 -7.29 16.27
CA ARG A 49 -7.17 -7.62 17.61
C ARG A 49 -8.65 -7.26 17.75
N LYS A 50 -9.28 -6.92 16.63
CA LYS A 50 -10.69 -6.57 16.62
C LYS A 50 -11.39 -7.14 15.39
N ALA A 51 -12.70 -6.92 15.31
CA ALA A 51 -13.49 -7.42 14.19
C ALA A 51 -14.53 -6.40 13.76
N PRO A 52 -14.27 -5.74 12.62
CA PRO A 52 -13.06 -5.96 11.83
C PRO A 52 -11.80 -5.46 12.53
N PRO A 53 -10.63 -5.89 12.04
CA PRO A 53 -9.34 -5.49 12.61
C PRO A 53 -9.02 -4.03 12.34
N LYS A 54 -7.86 -3.58 12.82
CA LYS A 54 -7.43 -2.20 12.63
C LYS A 54 -6.09 -2.14 11.92
N PHE A 55 -5.81 -1.01 11.27
CA PHE A 55 -4.56 -0.83 10.56
C PHE A 55 -4.01 0.59 10.76
N TYR A 56 -2.69 0.71 10.74
CA TYR A 56 -2.05 2.01 10.93
C TYR A 56 -1.64 2.62 9.58
N VAL A 57 -2.19 3.79 9.28
CA VAL A 57 -1.88 4.48 8.03
C VAL A 57 -1.20 5.81 8.30
N HIS A 58 -0.47 6.31 7.30
CA HIS A 58 0.23 7.58 7.42
C HIS A 58 0.13 8.38 6.13
N TYR A 59 -0.32 9.63 6.25
CA TYR A 59 -0.47 10.50 5.09
C TYR A 59 0.89 11.00 4.61
N VAL A 60 1.34 10.49 3.47
CA VAL A 60 2.62 10.88 2.90
C VAL A 60 2.64 12.37 2.58
N ASN A 61 1.50 12.90 2.16
CA ASN A 61 1.39 14.32 1.82
C ASN A 61 1.53 15.19 3.07
N TYR A 62 1.24 14.59 4.22
CA TYR A 62 1.32 15.31 5.49
C TYR A 62 2.47 14.77 6.35
N ASN A 63 2.57 15.28 7.56
CA ASN A 63 3.62 14.85 8.49
C ASN A 63 3.23 13.55 9.18
N LYS A 64 4.17 12.97 9.92
CA LYS A 64 3.93 11.72 10.64
C LYS A 64 2.94 11.94 11.79
N ARG A 65 2.65 13.20 12.09
CA ARG A 65 1.73 13.54 13.16
C ARG A 65 0.28 13.42 12.69
N LEU A 66 0.10 13.04 11.43
CA LEU A 66 -1.23 12.89 10.86
C LEU A 66 -1.65 11.43 10.84
N ASP A 67 -0.67 10.54 10.85
CA ASP A 67 -0.94 9.11 10.84
C ASP A 67 -1.92 8.72 11.95
N GLU A 68 -2.50 7.54 11.83
CA GLU A 68 -3.47 7.07 12.82
C GLU A 68 -3.91 5.64 12.50
N TRP A 69 -4.80 5.11 13.34
CA TRP A 69 -5.31 3.74 13.14
C TRP A 69 -6.69 3.78 12.50
N ILE A 70 -6.75 3.42 11.22
CA ILE A 70 -8.00 3.39 10.49
C ILE A 70 -8.56 1.99 10.39
N THR A 71 -9.85 1.88 10.03
CA THR A 71 -10.49 0.59 9.91
C THR A 71 -10.78 0.25 8.45
N THR A 72 -11.30 -0.94 8.20
CA THR A 72 -11.62 -1.38 6.85
C THR A 72 -12.55 -0.38 6.16
N ASP A 73 -13.56 0.08 6.89
CA ASP A 73 -14.52 1.04 6.34
C ASP A 73 -13.84 2.36 6.03
N ARG A 74 -12.64 2.55 6.57
CA ARG A 74 -11.89 3.78 6.35
C ARG A 74 -10.84 3.60 5.25
N ILE A 75 -10.93 2.46 4.54
CA ILE A 75 -9.99 2.17 3.47
C ILE A 75 -10.68 2.21 2.11
N ASN A 76 -9.96 2.70 1.11
CA ASN A 76 -10.51 2.79 -0.24
C ASN A 76 -10.01 1.64 -1.11
N LEU A 77 -10.90 0.69 -1.38
CA LEU A 77 -10.55 -0.48 -2.20
C LEU A 77 -10.93 -0.24 -3.66
N ASP A 78 -11.08 1.02 -4.03
CA ASP A 78 -11.44 1.38 -5.40
C ASP A 78 -10.20 1.80 -6.19
N LYS A 79 -9.17 2.23 -5.47
CA LYS A 79 -7.94 2.67 -6.11
C LYS A 79 -6.88 1.58 -6.05
N GLU A 80 -6.05 1.51 -7.09
CA GLU A 80 -4.99 0.51 -7.16
C GLU A 80 -4.15 0.52 -5.88
N VAL A 81 -3.46 -0.58 -5.62
CA VAL A 81 -2.61 -0.70 -4.44
C VAL A 81 -1.14 -0.84 -4.83
N LEU A 82 -0.27 -0.20 -4.06
CA LEU A 82 1.16 -0.25 -4.32
C LEU A 82 1.85 -1.26 -3.40
N TYR A 83 2.66 -2.14 -3.99
CA TYR A 83 3.37 -3.16 -3.22
C TYR A 83 4.88 -2.98 -3.36
N PRO A 84 5.63 -3.55 -2.41
CA PRO A 84 7.09 -3.47 -2.40
C PRO A 84 7.72 -4.30 -3.52
N LYS A 85 8.80 -3.77 -4.11
CA LYS A 85 9.49 -4.45 -5.19
C LYS A 85 10.90 -4.84 -4.76
N LEU A 86 11.17 -6.14 -4.73
CA LEU A 86 12.48 -6.64 -4.35
C LEU A 86 13.15 -7.38 -5.51
N LYS A 87 14.46 -7.53 -5.43
CA LYS A 87 15.22 -8.22 -6.48
C LYS A 87 15.82 -9.52 -5.94
N ALA A 88 16.05 -10.47 -6.85
CA ALA A 88 16.62 -11.75 -6.47
C ALA A 88 17.96 -11.57 -5.75
N THR A 89 18.05 -12.09 -4.54
CA THR A 89 19.27 -11.98 -3.75
C THR A 89 19.74 -13.35 -3.27
N ASP A 90 21.03 -13.47 -2.98
CA ASP A 90 21.61 -14.72 -2.51
C ASP A 90 22.44 -14.50 -1.26
N GLU A 91 23.31 -13.49 -1.30
CA GLU A 91 24.17 -13.17 -0.17
C GLU A 91 23.64 -11.96 0.60
N ASP A 92 23.28 -12.16 1.85
CA ASP A 92 22.76 -11.09 2.68
C ASP A 92 23.46 -11.05 4.04
N GLY A 1 5.44 11.34 -24.07
CA GLY A 1 5.73 9.93 -24.23
C GLY A 1 6.04 9.55 -25.66
N SER A 2 7.22 9.95 -26.13
CA SER A 2 7.64 9.65 -27.50
C SER A 2 8.91 8.82 -27.51
N HIS A 3 10.00 9.42 -27.05
CA HIS A 3 11.30 8.73 -27.00
C HIS A 3 11.21 7.47 -26.15
N MET A 4 11.35 6.32 -26.79
CA MET A 4 11.29 5.04 -26.08
C MET A 4 12.42 4.12 -26.52
N SER A 5 12.92 3.32 -25.59
CA SER A 5 14.02 2.40 -25.88
C SER A 5 13.77 1.04 -25.22
N HIS A 6 14.13 -0.03 -25.93
CA HIS A 6 13.96 -1.39 -25.41
C HIS A 6 15.16 -1.80 -24.56
N ASP A 7 14.93 -1.96 -23.26
CA ASP A 7 16.00 -2.37 -22.34
C ASP A 7 15.55 -3.55 -21.49
N GLY A 8 16.51 -4.17 -20.82
CA GLY A 8 16.19 -5.31 -19.96
C GLY A 8 16.32 -4.98 -18.50
N LYS A 9 16.00 -3.75 -18.14
CA LYS A 9 16.08 -3.30 -16.75
C LYS A 9 14.70 -2.90 -16.23
N GLU A 10 14.07 -3.80 -15.49
CA GLU A 10 12.75 -3.54 -14.94
C GLU A 10 12.85 -2.88 -13.56
N GLU A 11 12.25 -1.70 -13.44
CA GLU A 11 12.28 -0.95 -12.19
C GLU A 11 11.21 -1.47 -11.22
N PRO A 12 11.38 -1.16 -9.93
CA PRO A 12 10.44 -1.58 -8.89
C PRO A 12 9.11 -0.84 -8.98
N GLY A 13 8.18 -1.19 -8.10
CA GLY A 13 6.88 -0.56 -8.09
C GLY A 13 5.81 -1.42 -8.74
N ILE A 14 4.95 -2.02 -7.92
CA ILE A 14 3.88 -2.87 -8.41
C ILE A 14 2.52 -2.26 -8.13
N ALA A 15 1.69 -2.18 -9.17
CA ALA A 15 0.35 -1.62 -9.03
C ALA A 15 -0.72 -2.67 -9.28
N LYS A 16 -1.33 -3.17 -8.21
CA LYS A 16 -2.36 -4.18 -8.32
C LYS A 16 -3.61 -3.77 -7.55
N LYS A 17 -4.77 -4.16 -8.07
CA LYS A 17 -6.04 -3.83 -7.42
C LYS A 17 -6.56 -5.01 -6.60
N ILE A 18 -6.71 -4.79 -5.30
CA ILE A 18 -7.21 -5.84 -4.41
C ILE A 18 -8.61 -5.51 -3.91
N ASN A 19 -9.19 -6.44 -3.16
CA ASN A 19 -10.53 -6.25 -2.61
C ASN A 19 -10.62 -6.78 -1.18
N SER A 20 -9.46 -6.99 -0.56
CA SER A 20 -9.41 -7.49 0.80
C SER A 20 -8.31 -6.79 1.60
N VAL A 21 -8.67 -6.32 2.80
CA VAL A 21 -7.72 -5.62 3.66
C VAL A 21 -6.70 -6.59 4.26
N ASP A 22 -7.02 -7.88 4.20
CA ASP A 22 -6.14 -8.92 4.73
C ASP A 22 -4.80 -8.91 4.01
N ASP A 23 -4.85 -8.69 2.69
CA ASP A 23 -3.65 -8.67 1.88
C ASP A 23 -2.96 -7.30 1.95
N ILE A 24 -2.66 -6.87 3.18
CA ILE A 24 -2.01 -5.58 3.38
C ILE A 24 -0.76 -5.73 4.25
N ILE A 25 0.28 -4.96 3.93
CA ILE A 25 1.52 -5.01 4.68
C ILE A 25 2.00 -3.60 5.03
N ILE A 26 3.16 -3.52 5.68
CA ILE A 26 3.72 -2.24 6.08
C ILE A 26 4.26 -1.48 4.87
N LYS A 27 4.62 -2.22 3.82
CA LYS A 27 5.14 -1.63 2.59
C LYS A 27 4.02 -1.40 1.58
N CYS A 28 2.79 -1.67 1.98
CA CYS A 28 1.64 -1.49 1.11
C CYS A 28 1.10 -0.06 1.22
N GLN A 29 0.72 0.50 0.08
CA GLN A 29 0.19 1.86 0.04
C GLN A 29 -1.21 1.88 -0.58
N CYS A 30 -2.16 2.42 0.15
CA CYS A 30 -3.55 2.51 -0.32
C CYS A 30 -4.08 3.93 -0.22
N TRP A 31 -5.37 4.09 -0.45
CA TRP A 31 -6.00 5.41 -0.39
C TRP A 31 -7.08 5.45 0.69
N VAL A 32 -7.11 6.52 1.46
CA VAL A 32 -8.09 6.68 2.53
C VAL A 32 -9.01 7.86 2.26
N GLN A 33 -10.26 7.74 2.69
CA GLN A 33 -11.24 8.80 2.50
C GLN A 33 -11.15 9.84 3.61
N LYS A 34 -10.86 11.08 3.22
CA LYS A 34 -10.74 12.17 4.19
C LYS A 34 -11.31 13.47 3.62
N ASN A 35 -12.21 14.10 4.37
CA ASN A 35 -12.83 15.34 3.94
C ASN A 35 -13.51 15.17 2.59
N ASP A 36 -14.34 14.14 2.47
CA ASP A 36 -15.06 13.87 1.24
C ASP A 36 -14.09 13.79 0.05
N GLU A 37 -12.86 13.39 0.34
CA GLU A 37 -11.84 13.27 -0.70
C GLU A 37 -10.98 12.03 -0.50
N GLU A 38 -10.08 11.77 -1.44
CA GLU A 38 -9.21 10.61 -1.36
C GLU A 38 -7.74 11.04 -1.27
N ARG A 39 -7.06 10.55 -0.24
CA ARG A 39 -5.65 10.88 -0.05
C ARG A 39 -4.80 9.63 0.02
N LEU A 40 -3.63 9.67 -0.62
CA LEU A 40 -2.73 8.53 -0.63
C LEU A 40 -2.15 8.26 0.75
N ALA A 41 -2.56 7.15 1.35
CA ALA A 41 -2.10 6.77 2.68
C ALA A 41 -1.19 5.55 2.62
N GLU A 42 -0.03 5.64 3.27
CA GLU A 42 0.91 4.53 3.28
C GLU A 42 0.82 3.75 4.59
N ILE A 43 0.65 2.44 4.47
CA ILE A 43 0.55 1.57 5.65
C ILE A 43 1.84 1.60 6.47
N LEU A 44 1.69 1.58 7.79
CA LEU A 44 2.84 1.59 8.68
C LEU A 44 2.89 0.33 9.54
N SER A 45 1.71 -0.14 9.95
CA SER A 45 1.61 -1.33 10.78
C SER A 45 0.22 -1.93 10.71
N ILE A 46 0.06 -3.14 11.24
CA ILE A 46 -1.22 -3.81 11.24
C ILE A 46 -1.60 -4.30 12.65
N ASN A 47 -2.87 -4.16 13.00
CA ASN A 47 -3.35 -4.58 14.31
C ASN A 47 -4.62 -5.44 14.17
N THR A 48 -4.45 -6.75 14.26
CA THR A 48 -5.57 -7.68 14.16
C THR A 48 -6.04 -8.13 15.53
N ARG A 49 -6.55 -7.19 16.32
CA ARG A 49 -7.04 -7.50 17.66
C ARG A 49 -8.52 -7.18 17.79
N LYS A 50 -9.16 -6.88 16.66
CA LYS A 50 -10.57 -6.54 16.65
C LYS A 50 -11.27 -7.17 15.45
N ALA A 51 -12.58 -6.98 15.36
CA ALA A 51 -13.36 -7.52 14.26
C ALA A 51 -14.43 -6.52 13.81
N PRO A 52 -14.17 -5.87 12.66
CA PRO A 52 -12.95 -6.10 11.88
C PRO A 52 -11.72 -5.55 12.57
N PRO A 53 -10.54 -5.96 12.09
CA PRO A 53 -9.26 -5.52 12.65
C PRO A 53 -8.97 -4.05 12.37
N LYS A 54 -7.81 -3.58 12.82
CA LYS A 54 -7.41 -2.19 12.61
C LYS A 54 -6.07 -2.11 11.87
N PHE A 55 -5.83 -0.97 11.23
CA PHE A 55 -4.59 -0.77 10.49
C PHE A 55 -4.06 0.65 10.71
N TYR A 56 -2.74 0.79 10.68
CA TYR A 56 -2.10 2.09 10.87
C TYR A 56 -1.70 2.70 9.53
N VAL A 57 -2.33 3.83 9.19
CA VAL A 57 -2.04 4.52 7.95
C VAL A 57 -1.35 5.85 8.19
N HIS A 58 -0.59 6.31 7.21
CA HIS A 58 0.14 7.57 7.33
C HIS A 58 0.04 8.37 6.03
N TYR A 59 -0.40 9.63 6.14
CA TYR A 59 -0.54 10.49 4.98
C TYR A 59 0.82 10.99 4.50
N VAL A 60 1.28 10.46 3.37
CA VAL A 60 2.57 10.84 2.80
C VAL A 60 2.59 12.33 2.48
N ASN A 61 1.42 12.90 2.17
CA ASN A 61 1.32 14.31 1.83
C ASN A 61 1.57 15.18 3.06
N TYR A 62 1.40 14.60 4.24
CA TYR A 62 1.61 15.32 5.49
C TYR A 62 2.71 14.66 6.32
N ASN A 63 2.88 15.15 7.55
CA ASN A 63 3.90 14.61 8.44
C ASN A 63 3.43 13.30 9.07
N LYS A 64 4.33 12.64 9.78
CA LYS A 64 4.01 11.36 10.44
C LYS A 64 3.11 11.61 11.65
N ARG A 65 2.94 12.86 12.01
CA ARG A 65 2.10 13.22 13.15
C ARG A 65 0.63 13.20 12.77
N LEU A 66 0.35 12.89 11.51
CA LEU A 66 -1.02 12.84 11.02
C LEU A 66 -1.51 11.40 10.95
N ASP A 67 -0.59 10.46 10.89
CA ASP A 67 -0.92 9.04 10.83
C ASP A 67 -1.89 8.67 11.95
N GLU A 68 -2.61 7.56 11.76
CA GLU A 68 -3.57 7.10 12.76
C GLU A 68 -4.02 5.68 12.45
N TRP A 69 -4.90 5.14 13.30
CA TRP A 69 -5.40 3.79 13.12
C TRP A 69 -6.79 3.80 12.50
N ILE A 70 -6.87 3.40 11.23
CA ILE A 70 -8.13 3.36 10.52
C ILE A 70 -8.67 1.94 10.41
N THR A 71 -9.95 1.82 10.06
CA THR A 71 -10.59 0.52 9.91
C THR A 71 -10.84 0.18 8.45
N THR A 72 -11.32 -1.03 8.20
CA THR A 72 -11.61 -1.47 6.84
C THR A 72 -12.55 -0.51 6.14
N ASP A 73 -13.59 -0.08 6.85
CA ASP A 73 -14.57 0.85 6.29
C ASP A 73 -13.93 2.20 5.99
N ARG A 74 -12.74 2.42 6.53
CA ARG A 74 -12.02 3.66 6.32
C ARG A 74 -10.95 3.50 5.23
N ILE A 75 -11.04 2.40 4.50
CA ILE A 75 -10.07 2.13 3.43
C ILE A 75 -10.75 2.17 2.06
N ASN A 76 -10.03 2.68 1.07
CA ASN A 76 -10.55 2.78 -0.29
C ASN A 76 -10.05 1.63 -1.15
N LEU A 77 -10.92 0.67 -1.43
CA LEU A 77 -10.57 -0.48 -2.25
C LEU A 77 -10.93 -0.25 -3.71
N ASP A 78 -11.11 1.01 -4.07
CA ASP A 78 -11.47 1.37 -5.44
C ASP A 78 -10.25 1.84 -6.22
N LYS A 79 -9.22 2.28 -5.49
CA LYS A 79 -7.99 2.74 -6.11
C LYS A 79 -6.92 1.67 -6.08
N GLU A 80 -6.12 1.61 -7.14
CA GLU A 80 -5.04 0.62 -7.24
C GLU A 80 -4.17 0.65 -6.00
N VAL A 81 -3.58 -0.50 -5.67
CA VAL A 81 -2.71 -0.61 -4.50
C VAL A 81 -1.26 -0.75 -4.91
N LEU A 82 -0.36 -0.14 -4.13
CA LEU A 82 1.07 -0.19 -4.42
C LEU A 82 1.77 -1.17 -3.47
N TYR A 83 2.52 -2.10 -4.05
CA TYR A 83 3.25 -3.09 -3.26
C TYR A 83 4.75 -2.98 -3.51
N PRO A 84 5.54 -3.47 -2.54
CA PRO A 84 7.01 -3.45 -2.63
C PRO A 84 7.54 -4.41 -3.68
N LYS A 85 8.71 -4.09 -4.23
CA LYS A 85 9.32 -4.92 -5.25
C LYS A 85 10.66 -5.49 -4.76
N LEU A 86 10.78 -6.80 -4.79
CA LEU A 86 12.00 -7.47 -4.35
C LEU A 86 12.69 -8.19 -5.52
N LYS A 87 13.97 -7.91 -5.68
CA LYS A 87 14.75 -8.53 -6.76
C LYS A 87 15.63 -9.66 -6.22
N ALA A 88 16.04 -10.55 -7.10
CA ALA A 88 16.89 -11.67 -6.72
C ALA A 88 18.35 -11.25 -6.64
N THR A 89 18.89 -11.23 -5.42
CA THR A 89 20.27 -10.85 -5.20
C THR A 89 21.01 -11.90 -4.37
N ASP A 90 22.28 -11.63 -4.08
CA ASP A 90 23.09 -12.55 -3.28
C ASP A 90 23.83 -11.81 -2.17
N GLU A 91 24.23 -12.54 -1.14
CA GLU A 91 24.93 -11.95 -0.01
C GLU A 91 26.41 -12.33 -0.04
N ASP A 92 27.26 -11.34 -0.32
CA ASP A 92 28.70 -11.57 -0.37
C ASP A 92 29.45 -10.56 0.49
N GLY A 1 11.29 -18.67 -5.76
CA GLY A 1 11.17 -17.41 -5.05
C GLY A 1 12.33 -17.15 -4.11
N SER A 2 12.99 -16.02 -4.28
CA SER A 2 14.14 -15.66 -3.44
C SER A 2 14.41 -14.15 -3.51
N HIS A 3 14.87 -13.60 -2.39
CA HIS A 3 15.17 -12.18 -2.31
C HIS A 3 16.67 -11.94 -2.34
N MET A 4 17.28 -12.12 -3.50
CA MET A 4 18.71 -11.93 -3.67
C MET A 4 19.02 -11.16 -4.94
N SER A 5 18.38 -10.00 -5.10
CA SER A 5 18.58 -9.16 -6.28
C SER A 5 18.87 -7.72 -5.89
N HIS A 6 19.95 -7.17 -6.41
CA HIS A 6 20.34 -5.80 -6.11
C HIS A 6 19.78 -4.84 -7.16
N ASP A 7 20.26 -4.96 -8.39
CA ASP A 7 19.82 -4.11 -9.48
C ASP A 7 19.68 -4.91 -10.77
N GLY A 8 19.17 -4.26 -11.81
CA GLY A 8 18.98 -4.93 -13.09
C GLY A 8 18.30 -4.05 -14.12
N LYS A 9 18.62 -2.76 -14.09
CA LYS A 9 18.04 -1.80 -15.03
C LYS A 9 16.52 -1.73 -14.85
N GLU A 10 16.05 -2.17 -13.69
CA GLU A 10 14.62 -2.16 -13.40
C GLU A 10 14.37 -1.78 -11.94
N GLU A 11 13.40 -0.90 -11.72
CA GLU A 11 13.06 -0.45 -10.38
C GLU A 11 11.77 -1.11 -9.89
N PRO A 12 11.57 -1.12 -8.56
CA PRO A 12 10.38 -1.71 -7.95
C PRO A 12 9.12 -0.92 -8.24
N GLY A 13 8.04 -1.27 -7.56
CA GLY A 13 6.77 -0.59 -7.76
C GLY A 13 5.75 -1.43 -8.50
N ILE A 14 4.81 -2.00 -7.75
CA ILE A 14 3.77 -2.84 -8.34
C ILE A 14 2.38 -2.29 -8.05
N ALA A 15 1.57 -2.17 -9.10
CA ALA A 15 0.22 -1.66 -8.96
C ALA A 15 -0.81 -2.75 -9.21
N LYS A 16 -1.57 -3.10 -8.17
CA LYS A 16 -2.59 -4.13 -8.29
C LYS A 16 -3.87 -3.70 -7.57
N LYS A 17 -5.02 -4.16 -8.08
CA LYS A 17 -6.31 -3.84 -7.49
C LYS A 17 -6.81 -4.96 -6.61
N ILE A 18 -6.77 -4.75 -5.29
CA ILE A 18 -7.23 -5.75 -4.35
C ILE A 18 -8.62 -5.42 -3.82
N ASN A 19 -9.21 -6.37 -3.11
CA ASN A 19 -10.55 -6.19 -2.54
C ASN A 19 -10.63 -6.75 -1.14
N SER A 20 -9.47 -6.95 -0.51
CA SER A 20 -9.41 -7.49 0.85
C SER A 20 -8.34 -6.78 1.66
N VAL A 21 -8.72 -6.30 2.85
CA VAL A 21 -7.80 -5.61 3.72
C VAL A 21 -6.78 -6.57 4.32
N ASP A 22 -7.07 -7.86 4.24
CA ASP A 22 -6.18 -8.88 4.77
C ASP A 22 -4.82 -8.84 4.06
N ASP A 23 -4.85 -8.61 2.76
CA ASP A 23 -3.63 -8.55 1.97
C ASP A 23 -2.99 -7.17 2.06
N ILE A 24 -2.71 -6.73 3.30
CA ILE A 24 -2.10 -5.43 3.53
C ILE A 24 -0.86 -5.56 4.41
N ILE A 25 0.26 -5.06 3.91
CA ILE A 25 1.52 -5.12 4.65
C ILE A 25 2.03 -3.72 4.99
N ILE A 26 3.20 -3.65 5.60
CA ILE A 26 3.79 -2.38 5.97
C ILE A 26 4.26 -1.60 4.74
N LYS A 27 4.57 -2.33 3.68
CA LYS A 27 5.03 -1.73 2.44
C LYS A 27 3.86 -1.49 1.48
N CYS A 28 2.65 -1.78 1.96
CA CYS A 28 1.45 -1.60 1.15
C CYS A 28 0.97 -0.15 1.22
N GLN A 29 0.52 0.39 0.09
CA GLN A 29 0.03 1.76 0.03
C GLN A 29 -1.37 1.80 -0.57
N CYS A 30 -2.32 2.34 0.19
CA CYS A 30 -3.70 2.43 -0.27
C CYS A 30 -4.27 3.83 0.02
N TRP A 31 -5.32 4.19 -0.70
CA TRP A 31 -5.96 5.49 -0.52
C TRP A 31 -6.97 5.45 0.61
N VAL A 32 -7.10 6.56 1.33
CA VAL A 32 -8.04 6.65 2.44
C VAL A 32 -9.02 7.80 2.24
N GLN A 33 -10.26 7.58 2.68
CA GLN A 33 -11.30 8.60 2.53
C GLN A 33 -11.22 9.62 3.67
N LYS A 34 -10.94 10.87 3.32
CA LYS A 34 -10.83 11.94 4.30
C LYS A 34 -11.40 13.25 3.75
N ASN A 35 -12.18 13.94 4.57
CA ASN A 35 -12.77 15.21 4.17
C ASN A 35 -13.55 15.04 2.87
N ASP A 36 -14.42 14.05 2.82
CA ASP A 36 -15.23 13.78 1.63
C ASP A 36 -14.34 13.68 0.40
N GLU A 37 -13.09 13.27 0.59
CA GLU A 37 -12.14 13.13 -0.51
C GLU A 37 -11.29 11.88 -0.34
N GLU A 38 -10.39 11.65 -1.28
CA GLU A 38 -9.50 10.49 -1.24
C GLU A 38 -8.04 10.92 -1.33
N ARG A 39 -7.23 10.44 -0.38
CA ARG A 39 -5.81 10.76 -0.37
C ARG A 39 -4.97 9.50 -0.22
N LEU A 40 -3.76 9.54 -0.78
CA LEU A 40 -2.85 8.40 -0.71
C LEU A 40 -2.36 8.18 0.72
N ALA A 41 -2.47 6.95 1.19
CA ALA A 41 -2.03 6.60 2.54
C ALA A 41 -1.08 5.41 2.52
N GLU A 42 0.05 5.55 3.20
CA GLU A 42 1.05 4.49 3.25
C GLU A 42 0.95 3.72 4.57
N ILE A 43 0.77 2.41 4.46
CA ILE A 43 0.65 1.55 5.63
C ILE A 43 1.94 1.56 6.44
N LEU A 44 1.80 1.54 7.76
CA LEU A 44 2.97 1.53 8.66
C LEU A 44 2.98 0.28 9.51
N SER A 45 1.81 -0.24 9.82
CA SER A 45 1.69 -1.44 10.64
C SER A 45 0.27 -2.01 10.56
N ILE A 46 0.12 -3.25 11.04
CA ILE A 46 -1.18 -3.90 11.02
C ILE A 46 -1.54 -4.45 12.41
N ASN A 47 -2.76 -4.22 12.84
CA ASN A 47 -3.23 -4.69 14.14
C ASN A 47 -4.51 -5.51 14.00
N THR A 48 -4.37 -6.83 14.06
CA THR A 48 -5.51 -7.72 13.94
C THR A 48 -5.98 -8.21 15.30
N ARG A 49 -6.46 -7.28 16.13
CA ARG A 49 -6.92 -7.61 17.47
C ARG A 49 -8.40 -7.25 17.63
N LYS A 50 -9.05 -6.92 16.52
CA LYS A 50 -10.46 -6.56 16.54
C LYS A 50 -11.19 -7.13 15.33
N ALA A 51 -12.49 -6.93 15.28
CA ALA A 51 -13.31 -7.42 14.17
C ALA A 51 -14.35 -6.40 13.75
N PRO A 52 -14.11 -5.72 12.62
CA PRO A 52 -12.91 -5.94 11.81
C PRO A 52 -11.65 -5.43 12.51
N PRO A 53 -10.48 -5.87 11.99
CA PRO A 53 -9.18 -5.47 12.55
C PRO A 53 -8.87 -3.99 12.28
N LYS A 54 -7.70 -3.56 12.73
CA LYS A 54 -7.28 -2.17 12.55
C LYS A 54 -5.93 -2.10 11.83
N PHE A 55 -5.67 -0.97 11.18
CA PHE A 55 -4.42 -0.78 10.46
C PHE A 55 -3.88 0.64 10.67
N TYR A 56 -2.56 0.78 10.65
CA TYR A 56 -1.92 2.07 10.83
C TYR A 56 -1.52 2.68 9.49
N VAL A 57 -2.11 3.82 9.16
CA VAL A 57 -1.81 4.50 7.91
C VAL A 57 -1.11 5.83 8.16
N HIS A 58 -0.37 6.30 7.16
CA HIS A 58 0.35 7.56 7.28
C HIS A 58 0.25 8.37 5.99
N TYR A 59 -0.31 9.57 6.09
CA TYR A 59 -0.48 10.43 4.93
C TYR A 59 0.87 10.93 4.43
N VAL A 60 1.30 10.41 3.28
CA VAL A 60 2.58 10.80 2.68
C VAL A 60 2.59 12.28 2.36
N ASN A 61 1.42 12.83 2.04
CA ASN A 61 1.31 14.25 1.70
C ASN A 61 1.48 15.12 2.94
N TYR A 62 1.23 14.53 4.11
CA TYR A 62 1.36 15.25 5.36
C TYR A 62 2.51 14.70 6.19
N ASN A 63 2.66 15.23 7.40
CA ASN A 63 3.74 14.78 8.30
C ASN A 63 3.35 13.50 9.01
N LYS A 64 4.30 12.92 9.74
CA LYS A 64 4.07 11.68 10.47
C LYS A 64 3.09 11.91 11.62
N ARG A 65 2.82 13.18 11.92
CA ARG A 65 1.90 13.52 13.00
C ARG A 65 0.46 13.42 12.53
N LEU A 66 0.27 13.05 11.27
CA LEU A 66 -1.06 12.92 10.70
C LEU A 66 -1.51 11.45 10.68
N ASP A 67 -0.53 10.55 10.71
CA ASP A 67 -0.82 9.12 10.69
C ASP A 67 -1.82 8.75 11.80
N GLU A 68 -2.42 7.58 11.69
CA GLU A 68 -3.38 7.12 12.66
C GLU A 68 -3.84 5.69 12.36
N TRP A 69 -4.72 5.16 13.21
CA TRP A 69 -5.23 3.81 13.03
C TRP A 69 -6.61 3.83 12.38
N ILE A 70 -6.67 3.41 11.12
CA ILE A 70 -7.94 3.38 10.39
C ILE A 70 -8.48 1.96 10.28
N THR A 71 -9.77 1.84 9.97
CA THR A 71 -10.41 0.54 9.83
C THR A 71 -10.73 0.23 8.38
N THR A 72 -11.26 -0.97 8.14
CA THR A 72 -11.62 -1.39 6.79
C THR A 72 -12.54 -0.38 6.13
N ASP A 73 -13.55 0.07 6.86
CA ASP A 73 -14.51 1.04 6.35
C ASP A 73 -13.83 2.37 6.04
N ARG A 74 -12.61 2.54 6.56
CA ARG A 74 -11.86 3.77 6.34
C ARG A 74 -10.82 3.57 5.24
N ILE A 75 -10.96 2.48 4.48
CA ILE A 75 -10.03 2.19 3.40
C ILE A 75 -10.73 2.26 2.04
N ASN A 76 -10.02 2.78 1.05
CA ASN A 76 -10.57 2.91 -0.30
C ASN A 76 -10.08 1.77 -1.20
N LEU A 77 -10.97 0.84 -1.51
CA LEU A 77 -10.63 -0.30 -2.35
C LEU A 77 -11.00 -0.02 -3.80
N ASP A 78 -11.11 1.26 -4.15
CA ASP A 78 -11.45 1.66 -5.51
C ASP A 78 -10.19 2.07 -6.28
N LYS A 79 -9.17 2.48 -5.55
CA LYS A 79 -7.91 2.91 -6.16
C LYS A 79 -6.87 1.79 -6.11
N GLU A 80 -6.08 1.68 -7.16
CA GLU A 80 -5.05 0.64 -7.22
C GLU A 80 -4.13 0.72 -6.00
N VAL A 81 -3.69 -0.44 -5.53
CA VAL A 81 -2.80 -0.51 -4.38
C VAL A 81 -1.36 -0.70 -4.81
N LEU A 82 -0.45 -0.07 -4.06
CA LEU A 82 0.98 -0.16 -4.37
C LEU A 82 1.67 -1.16 -3.45
N TYR A 83 2.47 -2.04 -4.03
CA TYR A 83 3.19 -3.06 -3.26
C TYR A 83 4.66 -3.09 -3.64
N PRO A 84 5.50 -3.59 -2.72
CA PRO A 84 6.95 -3.69 -2.95
C PRO A 84 7.30 -4.77 -3.98
N LYS A 85 8.45 -4.60 -4.62
CA LYS A 85 8.90 -5.55 -5.63
C LYS A 85 10.14 -6.30 -5.15
N LEU A 86 10.08 -7.62 -5.22
CA LEU A 86 11.20 -8.47 -4.80
C LEU A 86 11.46 -9.58 -5.80
N LYS A 87 12.41 -9.35 -6.70
CA LYS A 87 12.77 -10.33 -7.72
C LYS A 87 13.94 -11.19 -7.26
N ALA A 88 14.11 -12.34 -7.90
CA ALA A 88 15.22 -13.24 -7.57
C ALA A 88 16.26 -13.27 -8.68
N THR A 89 17.49 -12.92 -8.35
CA THR A 89 18.58 -12.90 -9.31
C THR A 89 19.83 -13.54 -8.74
N ASP A 90 20.64 -14.14 -9.61
CA ASP A 90 21.88 -14.78 -9.19
C ASP A 90 23.08 -13.90 -9.50
N GLU A 91 23.66 -13.31 -8.46
CA GLU A 91 24.83 -12.44 -8.62
C GLU A 91 25.86 -12.71 -7.54
N ASP A 92 27.14 -12.61 -7.90
CA ASP A 92 28.22 -12.84 -6.96
C ASP A 92 29.35 -11.84 -7.17
N GLY A 1 -4.56 -17.39 -23.85
CA GLY A 1 -4.48 -16.34 -22.86
C GLY A 1 -3.48 -15.26 -23.22
N SER A 2 -2.76 -14.77 -22.23
CA SER A 2 -1.76 -13.73 -22.45
C SER A 2 -0.40 -14.14 -21.89
N HIS A 3 0.65 -13.50 -22.38
CA HIS A 3 2.01 -13.81 -21.94
C HIS A 3 2.41 -12.91 -20.76
N MET A 4 3.48 -13.28 -20.08
CA MET A 4 3.96 -12.52 -18.93
C MET A 4 5.47 -12.32 -19.01
N SER A 5 5.89 -11.08 -19.20
CA SER A 5 7.31 -10.75 -19.29
C SER A 5 7.95 -10.73 -17.91
N HIS A 6 9.07 -11.44 -17.78
CA HIS A 6 9.79 -11.51 -16.51
C HIS A 6 10.80 -10.38 -16.40
N ASP A 7 11.71 -10.30 -17.38
CA ASP A 7 12.74 -9.26 -17.40
C ASP A 7 12.38 -8.17 -18.38
N GLY A 8 13.19 -7.11 -18.41
CA GLY A 8 12.94 -6.00 -19.31
C GLY A 8 13.19 -4.66 -18.65
N LYS A 9 13.14 -3.60 -19.45
CA LYS A 9 13.36 -2.25 -18.94
C LYS A 9 12.08 -1.69 -18.33
N GLU A 10 11.76 -2.12 -17.12
CA GLU A 10 10.56 -1.66 -16.42
C GLU A 10 10.92 -1.08 -15.06
N GLU A 11 10.29 0.05 -14.73
CA GLU A 11 10.55 0.72 -13.46
C GLU A 11 9.96 -0.08 -12.30
N PRO A 12 10.46 0.18 -11.08
CA PRO A 12 10.00 -0.50 -9.87
C PRO A 12 8.57 -0.11 -9.49
N GLY A 13 8.09 -0.67 -8.39
CA GLY A 13 6.74 -0.37 -7.92
C GLY A 13 5.70 -1.26 -8.56
N ILE A 14 5.13 -2.17 -7.78
CA ILE A 14 4.11 -3.08 -8.29
C ILE A 14 2.72 -2.63 -7.89
N ALA A 15 1.92 -2.24 -8.87
CA ALA A 15 0.56 -1.78 -8.63
C ALA A 15 -0.45 -2.87 -8.96
N LYS A 16 -1.27 -3.23 -7.98
CA LYS A 16 -2.28 -4.26 -8.16
C LYS A 16 -3.58 -3.87 -7.45
N LYS A 17 -4.70 -4.39 -7.97
CA LYS A 17 -6.01 -4.10 -7.39
C LYS A 17 -6.47 -5.25 -6.50
N ILE A 18 -6.98 -4.91 -5.32
CA ILE A 18 -7.47 -5.91 -4.39
C ILE A 18 -8.80 -5.50 -3.77
N ASN A 19 -9.55 -6.47 -3.28
CA ASN A 19 -10.84 -6.21 -2.66
C ASN A 19 -10.89 -6.73 -1.23
N SER A 20 -9.71 -6.96 -0.65
CA SER A 20 -9.61 -7.46 0.71
C SER A 20 -8.51 -6.74 1.48
N VAL A 21 -8.80 -6.36 2.72
CA VAL A 21 -7.84 -5.66 3.56
C VAL A 21 -6.82 -6.63 4.15
N ASP A 22 -7.19 -7.91 4.20
CA ASP A 22 -6.30 -8.94 4.73
C ASP A 22 -4.98 -8.96 3.99
N ASP A 23 -5.03 -8.76 2.68
CA ASP A 23 -3.84 -8.75 1.85
C ASP A 23 -3.16 -7.38 1.88
N ILE A 24 -2.85 -6.91 3.09
CA ILE A 24 -2.21 -5.61 3.26
C ILE A 24 -1.02 -5.71 4.20
N ILE A 25 0.14 -5.26 3.72
CA ILE A 25 1.36 -5.29 4.51
C ILE A 25 1.87 -3.89 4.81
N ILE A 26 2.73 -3.77 5.82
CA ILE A 26 3.28 -2.48 6.20
C ILE A 26 4.03 -1.83 5.05
N LYS A 27 4.56 -2.67 4.15
CA LYS A 27 5.29 -2.18 2.99
C LYS A 27 4.34 -1.82 1.85
N CYS A 28 3.04 -1.93 2.11
CA CYS A 28 2.03 -1.61 1.11
C CYS A 28 1.47 -0.22 1.32
N GLN A 29 0.83 0.32 0.29
CA GLN A 29 0.26 1.66 0.36
C GLN A 29 -1.12 1.69 -0.29
N CYS A 30 -2.11 2.21 0.44
CA CYS A 30 -3.47 2.29 -0.06
C CYS A 30 -4.02 3.71 0.08
N TRP A 31 -5.20 3.95 -0.49
CA TRP A 31 -5.83 5.26 -0.42
C TRP A 31 -6.89 5.29 0.68
N VAL A 32 -6.96 6.41 1.38
CA VAL A 32 -7.92 6.58 2.46
C VAL A 32 -8.85 7.75 2.19
N GLN A 33 -10.12 7.61 2.60
CA GLN A 33 -11.11 8.65 2.39
C GLN A 33 -10.99 9.73 3.47
N LYS A 34 -10.73 10.96 3.05
CA LYS A 34 -10.59 12.07 3.98
C LYS A 34 -11.19 13.34 3.39
N ASN A 35 -12.04 14.01 4.16
CA ASN A 35 -12.68 15.24 3.71
C ASN A 35 -13.35 15.05 2.35
N ASP A 36 -14.17 14.02 2.25
CA ASP A 36 -14.87 13.72 1.01
C ASP A 36 -13.89 13.62 -0.16
N GLU A 37 -12.65 13.23 0.15
CA GLU A 37 -11.63 13.10 -0.88
C GLU A 37 -10.78 11.85 -0.64
N GLU A 38 -9.83 11.60 -1.54
CA GLU A 38 -8.96 10.44 -1.43
C GLU A 38 -7.50 10.86 -1.33
N ARG A 39 -6.83 10.40 -0.28
CA ARG A 39 -5.42 10.73 -0.06
C ARG A 39 -4.59 9.46 0.09
N LEU A 40 -3.44 9.42 -0.57
CA LEU A 40 -2.55 8.27 -0.51
C LEU A 40 -2.00 8.09 0.90
N ALA A 41 -2.10 6.87 1.42
CA ALA A 41 -1.61 6.57 2.76
C ALA A 41 -0.83 5.26 2.77
N GLU A 42 0.33 5.28 3.42
CA GLU A 42 1.18 4.09 3.51
C GLU A 42 0.99 3.38 4.84
N ILE A 43 0.98 2.05 4.81
CA ILE A 43 0.81 1.26 6.01
C ILE A 43 2.07 1.31 6.89
N LEU A 44 1.86 1.35 8.20
CA LEU A 44 2.97 1.40 9.15
C LEU A 44 2.92 0.22 10.10
N SER A 45 1.71 -0.21 10.45
CA SER A 45 1.53 -1.33 11.36
C SER A 45 0.13 -1.93 11.22
N ILE A 46 0.00 -3.21 11.56
CA ILE A 46 -1.28 -3.89 11.47
C ILE A 46 -1.70 -4.44 12.83
N ASN A 47 -2.93 -4.13 13.23
CA ASN A 47 -3.46 -4.60 14.51
C ASN A 47 -4.74 -5.40 14.31
N THR A 48 -4.62 -6.73 14.39
CA THR A 48 -5.75 -7.61 14.21
C THR A 48 -6.29 -8.08 15.56
N ARG A 49 -6.82 -7.14 16.34
CA ARG A 49 -7.37 -7.46 17.65
C ARG A 49 -8.85 -7.09 17.73
N LYS A 50 -9.42 -6.76 16.58
CA LYS A 50 -10.83 -6.39 16.50
C LYS A 50 -11.49 -6.98 15.27
N ALA A 51 -12.80 -6.76 15.13
CA ALA A 51 -13.55 -7.27 14.00
C ALA A 51 -14.57 -6.24 13.50
N PRO A 52 -14.24 -5.59 12.39
CA PRO A 52 -13.00 -5.82 11.65
C PRO A 52 -11.78 -5.31 12.42
N PRO A 53 -10.59 -5.74 11.98
CA PRO A 53 -9.32 -5.35 12.60
C PRO A 53 -8.99 -3.88 12.35
N LYS A 54 -7.84 -3.44 12.85
CA LYS A 54 -7.40 -2.06 12.69
C LYS A 54 -6.05 -2.00 11.98
N PHE A 55 -5.83 -0.93 11.23
CA PHE A 55 -4.58 -0.75 10.50
C PHE A 55 -4.02 0.66 10.73
N TYR A 56 -2.69 0.76 10.75
CA TYR A 56 -2.03 2.04 10.96
C TYR A 56 -1.57 2.64 9.62
N VAL A 57 -2.21 3.73 9.22
CA VAL A 57 -1.87 4.39 7.97
C VAL A 57 -1.15 5.72 8.23
N HIS A 58 -0.39 6.17 7.25
CA HIS A 58 0.35 7.43 7.37
C HIS A 58 0.31 8.21 6.06
N TYR A 59 -0.25 9.42 6.11
CA TYR A 59 -0.36 10.26 4.94
C TYR A 59 1.02 10.76 4.50
N VAL A 60 1.48 10.26 3.36
CA VAL A 60 2.78 10.66 2.83
C VAL A 60 2.83 12.15 2.54
N ASN A 61 1.77 12.66 1.91
CA ASN A 61 1.69 14.08 1.58
C ASN A 61 1.78 14.94 2.84
N TYR A 62 1.43 14.35 3.97
CA TYR A 62 1.47 15.07 5.24
C TYR A 62 2.62 14.57 6.11
N ASN A 63 2.67 15.05 7.35
CA ASN A 63 3.72 14.66 8.28
C ASN A 63 3.33 13.40 9.04
N LYS A 64 4.28 12.87 9.81
CA LYS A 64 4.03 11.66 10.59
C LYS A 64 3.02 11.91 11.70
N ARG A 65 2.73 13.19 11.94
CA ARG A 65 1.78 13.57 12.97
C ARG A 65 0.34 13.42 12.47
N LEU A 66 0.19 12.99 11.23
CA LEU A 66 -1.13 12.80 10.62
C LEU A 66 -1.53 11.34 10.67
N ASP A 67 -0.55 10.45 10.69
CA ASP A 67 -0.80 9.01 10.73
C ASP A 67 -1.76 8.67 11.86
N GLU A 68 -2.43 7.52 11.74
CA GLU A 68 -3.38 7.07 12.76
C GLU A 68 -3.90 5.68 12.43
N TRP A 69 -4.84 5.21 13.25
CA TRP A 69 -5.43 3.88 13.05
C TRP A 69 -6.78 4.00 12.35
N ILE A 70 -6.90 3.30 11.22
CA ILE A 70 -8.15 3.32 10.46
C ILE A 70 -8.71 1.91 10.30
N THR A 71 -10.02 1.82 10.07
CA THR A 71 -10.68 0.53 9.91
C THR A 71 -10.92 0.23 8.43
N THR A 72 -11.41 -0.98 8.16
CA THR A 72 -11.68 -1.39 6.78
C THR A 72 -12.62 -0.42 6.09
N ASP A 73 -13.63 0.05 6.82
CA ASP A 73 -14.59 1.00 6.27
C ASP A 73 -13.93 2.33 5.96
N ARG A 74 -12.72 2.52 6.47
CA ARG A 74 -11.98 3.76 6.24
C ARG A 74 -10.95 3.59 5.13
N ILE A 75 -10.91 2.39 4.56
CA ILE A 75 -9.97 2.10 3.48
C ILE A 75 -10.65 2.17 2.12
N ASN A 76 -9.92 2.64 1.12
CA ASN A 76 -10.45 2.76 -0.23
C ASN A 76 -10.00 1.59 -1.10
N LEU A 77 -10.92 0.67 -1.35
CA LEU A 77 -10.62 -0.50 -2.17
C LEU A 77 -11.00 -0.27 -3.62
N ASP A 78 -11.13 1.01 -4.00
CA ASP A 78 -11.48 1.37 -5.37
C ASP A 78 -10.25 1.77 -6.17
N LYS A 79 -9.21 2.20 -5.46
CA LYS A 79 -7.97 2.61 -6.11
C LYS A 79 -6.92 1.51 -6.03
N GLU A 80 -6.07 1.43 -7.05
CA GLU A 80 -5.02 0.42 -7.10
C GLU A 80 -4.10 0.54 -5.89
N VAL A 81 -3.57 -0.60 -5.44
CA VAL A 81 -2.68 -0.63 -4.29
C VAL A 81 -1.21 -0.71 -4.74
N LEU A 82 -0.33 -0.11 -3.95
CA LEU A 82 1.10 -0.12 -4.25
C LEU A 82 1.84 -1.08 -3.35
N TYR A 83 2.61 -1.98 -3.96
CA TYR A 83 3.39 -2.96 -3.21
C TYR A 83 4.88 -2.66 -3.30
N PRO A 84 5.65 -3.22 -2.35
CA PRO A 84 7.10 -3.03 -2.30
C PRO A 84 7.82 -3.75 -3.44
N LYS A 85 8.97 -3.22 -3.83
CA LYS A 85 9.76 -3.80 -4.91
C LYS A 85 11.15 -4.18 -4.41
N LEU A 86 11.49 -5.46 -4.52
CA LEU A 86 12.79 -5.96 -4.08
C LEU A 86 13.69 -6.25 -5.28
N LYS A 87 14.80 -5.53 -5.39
CA LYS A 87 15.74 -5.72 -6.48
C LYS A 87 17.17 -5.50 -6.02
N ALA A 88 18.08 -6.35 -6.49
CA ALA A 88 19.50 -6.24 -6.11
C ALA A 88 20.03 -4.84 -6.40
N THR A 89 20.49 -4.17 -5.34
CA THR A 89 21.04 -2.82 -5.48
C THR A 89 22.41 -2.71 -4.85
N ASP A 90 23.25 -1.85 -5.42
CA ASP A 90 24.61 -1.65 -4.91
C ASP A 90 24.72 -0.33 -4.16
N GLU A 91 24.25 -0.32 -2.91
CA GLU A 91 24.29 0.89 -2.10
C GLU A 91 25.19 0.68 -0.88
N ASP A 92 26.24 -0.11 -1.05
CA ASP A 92 27.17 -0.39 0.04
C ASP A 92 28.50 0.31 -0.20
N GLY A 1 23.50 -21.26 -16.31
CA GLY A 1 23.29 -19.88 -16.70
C GLY A 1 24.03 -19.51 -17.97
N SER A 2 23.29 -19.01 -18.95
CA SER A 2 23.88 -18.62 -20.23
C SER A 2 23.35 -17.27 -20.68
N HIS A 3 23.97 -16.71 -21.72
CA HIS A 3 23.56 -15.41 -22.26
C HIS A 3 22.07 -15.41 -22.58
N MET A 4 21.30 -14.64 -21.82
CA MET A 4 19.86 -14.56 -22.04
C MET A 4 19.55 -13.82 -23.34
N SER A 5 18.62 -14.36 -24.11
CA SER A 5 18.23 -13.76 -25.38
C SER A 5 17.52 -12.42 -25.16
N HIS A 6 17.10 -11.79 -26.24
CA HIS A 6 16.41 -10.51 -26.18
C HIS A 6 15.25 -10.56 -25.18
N ASP A 7 15.24 -9.65 -24.22
CA ASP A 7 14.19 -9.60 -23.21
C ASP A 7 13.50 -8.24 -23.21
N GLY A 8 12.54 -8.07 -22.31
CA GLY A 8 11.82 -6.81 -22.22
C GLY A 8 12.32 -5.94 -21.09
N LYS A 9 12.19 -4.63 -21.25
CA LYS A 9 12.62 -3.68 -20.22
C LYS A 9 11.54 -3.48 -19.17
N GLU A 10 11.74 -4.09 -18.01
CA GLU A 10 10.78 -3.97 -16.91
C GLU A 10 11.23 -2.93 -15.89
N GLU A 11 10.29 -2.49 -15.07
CA GLU A 11 10.59 -1.49 -14.05
C GLU A 11 10.00 -1.88 -12.70
N PRO A 12 10.54 -1.29 -11.62
CA PRO A 12 10.09 -1.57 -10.25
C PRO A 12 8.68 -1.04 -9.99
N GLY A 13 8.21 -1.20 -8.75
CA GLY A 13 6.89 -0.72 -8.39
C GLY A 13 5.79 -1.63 -8.91
N ILE A 14 5.17 -2.38 -8.00
CA ILE A 14 4.10 -3.30 -8.37
C ILE A 14 2.73 -2.69 -8.06
N ALA A 15 1.95 -2.46 -9.11
CA ALA A 15 0.62 -1.89 -8.95
C ALA A 15 -0.46 -2.93 -9.19
N LYS A 16 -1.19 -3.26 -8.14
CA LYS A 16 -2.27 -4.26 -8.23
C LYS A 16 -3.49 -3.81 -7.44
N LYS A 17 -4.67 -4.13 -7.96
CA LYS A 17 -5.92 -3.76 -7.31
C LYS A 17 -6.49 -4.94 -6.52
N ILE A 18 -6.50 -4.82 -5.19
CA ILE A 18 -7.02 -5.88 -4.34
C ILE A 18 -8.43 -5.54 -3.85
N ASN A 19 -9.03 -6.48 -3.11
CA ASN A 19 -10.37 -6.29 -2.60
C ASN A 19 -10.49 -6.83 -1.17
N SER A 20 -9.33 -7.05 -0.53
CA SER A 20 -9.31 -7.57 0.83
C SER A 20 -8.22 -6.88 1.65
N VAL A 21 -8.62 -6.31 2.79
CA VAL A 21 -7.68 -5.63 3.66
C VAL A 21 -6.68 -6.60 4.28
N ASP A 22 -7.00 -7.89 4.19
CA ASP A 22 -6.13 -8.93 4.74
C ASP A 22 -4.77 -8.94 4.04
N ASP A 23 -4.79 -8.71 2.74
CA ASP A 23 -3.56 -8.70 1.95
C ASP A 23 -2.88 -7.33 2.04
N ILE A 24 -2.60 -6.89 3.26
CA ILE A 24 -1.95 -5.61 3.48
C ILE A 24 -0.71 -5.76 4.36
N ILE A 25 0.35 -5.05 3.98
CA ILE A 25 1.60 -5.11 4.74
C ILE A 25 2.06 -3.71 5.14
N ILE A 26 3.22 -3.64 5.80
CA ILE A 26 3.76 -2.36 6.24
C ILE A 26 4.31 -1.56 5.07
N LYS A 27 4.70 -2.27 4.01
CA LYS A 27 5.24 -1.63 2.82
C LYS A 27 4.14 -1.40 1.78
N CYS A 28 2.91 -1.71 2.15
CA CYS A 28 1.77 -1.54 1.25
C CYS A 28 1.20 -0.13 1.36
N GLN A 29 0.86 0.46 0.22
CA GLN A 29 0.30 1.80 0.19
C GLN A 29 -1.08 1.82 -0.46
N CYS A 30 -2.05 2.41 0.21
CA CYS A 30 -3.41 2.49 -0.31
C CYS A 30 -3.95 3.91 -0.21
N TRP A 31 -5.24 4.07 -0.49
CA TRP A 31 -5.87 5.39 -0.45
C TRP A 31 -6.98 5.41 0.62
N VAL A 32 -7.00 6.48 1.40
CA VAL A 32 -8.00 6.64 2.45
C VAL A 32 -8.92 7.82 2.16
N GLN A 33 -10.20 7.67 2.50
CA GLN A 33 -11.18 8.71 2.28
C GLN A 33 -11.18 9.72 3.43
N LYS A 34 -10.84 10.97 3.13
CA LYS A 34 -10.80 12.01 4.14
C LYS A 34 -11.29 13.34 3.56
N ASN A 35 -12.11 14.05 4.33
CA ASN A 35 -12.65 15.33 3.89
C ASN A 35 -13.33 15.21 2.54
N ASP A 36 -14.23 14.23 2.42
CA ASP A 36 -14.95 14.00 1.17
C ASP A 36 -13.98 13.89 -0.01
N GLU A 37 -12.76 13.45 0.28
CA GLU A 37 -11.75 13.28 -0.75
C GLU A 37 -10.93 12.02 -0.53
N GLU A 38 -9.97 11.78 -1.42
CA GLU A 38 -9.12 10.60 -1.32
C GLU A 38 -7.65 10.99 -1.29
N ARG A 39 -6.92 10.53 -0.28
CA ARG A 39 -5.51 10.83 -0.15
C ARG A 39 -4.69 9.54 -0.07
N LEU A 40 -3.47 9.60 -0.61
CA LEU A 40 -2.59 8.45 -0.60
C LEU A 40 -2.02 8.20 0.79
N ALA A 41 -2.46 7.12 1.42
CA ALA A 41 -1.99 6.77 2.76
C ALA A 41 -1.09 5.52 2.72
N GLU A 42 0.04 5.61 3.39
CA GLU A 42 0.98 4.49 3.44
C GLU A 42 0.83 3.70 4.74
N ILE A 43 0.73 2.39 4.63
CA ILE A 43 0.59 1.52 5.78
C ILE A 43 1.85 1.54 6.64
N LEU A 44 1.67 1.51 7.96
CA LEU A 44 2.79 1.52 8.89
C LEU A 44 2.81 0.25 9.73
N SER A 45 1.62 -0.29 10.01
CA SER A 45 1.49 -1.49 10.82
C SER A 45 0.07 -2.05 10.76
N ILE A 46 -0.09 -3.31 11.13
CA ILE A 46 -1.39 -3.95 11.12
C ILE A 46 -1.74 -4.51 12.49
N ASN A 47 -2.97 -4.25 12.93
CA ASN A 47 -3.43 -4.72 14.24
C ASN A 47 -4.72 -5.52 14.09
N THR A 48 -4.61 -6.85 14.16
CA THR A 48 -5.76 -7.73 14.04
C THR A 48 -6.24 -8.20 15.41
N ARG A 49 -6.70 -7.26 16.22
CA ARG A 49 -7.19 -7.59 17.55
C ARG A 49 -8.66 -7.21 17.71
N LYS A 50 -9.31 -6.89 16.59
CA LYS A 50 -10.71 -6.51 16.59
C LYS A 50 -11.43 -7.11 15.39
N ALA A 51 -12.74 -6.89 15.33
CA ALA A 51 -13.55 -7.40 14.23
C ALA A 51 -14.60 -6.39 13.80
N PRO A 52 -14.35 -5.72 12.67
CA PRO A 52 -13.14 -5.94 11.87
C PRO A 52 -11.88 -5.43 12.56
N PRO A 53 -10.71 -5.86 12.06
CA PRO A 53 -9.42 -5.46 12.61
C PRO A 53 -9.11 -3.99 12.34
N LYS A 54 -7.93 -3.56 12.79
CA LYS A 54 -7.51 -2.17 12.59
C LYS A 54 -6.15 -2.11 11.89
N PHE A 55 -5.86 -0.98 11.26
CA PHE A 55 -4.59 -0.80 10.56
C PHE A 55 -4.05 0.61 10.78
N TYR A 56 -2.73 0.74 10.77
CA TYR A 56 -2.08 2.03 10.97
C TYR A 56 -1.66 2.64 9.64
N VAL A 57 -2.23 3.80 9.32
CA VAL A 57 -1.92 4.50 8.08
C VAL A 57 -1.24 5.84 8.35
N HIS A 58 -0.47 6.32 7.38
CA HIS A 58 0.23 7.58 7.51
C HIS A 58 0.15 8.39 6.22
N TYR A 59 -0.42 9.59 6.32
CA TYR A 59 -0.56 10.46 5.15
C TYR A 59 0.79 10.97 4.68
N VAL A 60 1.25 10.46 3.54
CA VAL A 60 2.53 10.86 2.99
C VAL A 60 2.54 12.35 2.67
N ASN A 61 1.37 12.90 2.35
CA ASN A 61 1.25 14.31 2.03
C ASN A 61 1.40 15.17 3.27
N TYR A 62 1.11 14.59 4.43
CA TYR A 62 1.21 15.30 5.70
C TYR A 62 2.36 14.76 6.54
N ASN A 63 2.49 15.27 7.75
CA ASN A 63 3.55 14.84 8.65
C ASN A 63 3.18 13.54 9.35
N LYS A 64 4.13 12.97 10.09
CA LYS A 64 3.91 11.73 10.81
C LYS A 64 2.90 11.92 11.95
N ARG A 65 2.60 13.18 12.25
CA ARG A 65 1.66 13.51 13.32
C ARG A 65 0.22 13.38 12.82
N LEU A 66 0.06 13.02 11.56
CA LEU A 66 -1.26 12.87 10.97
C LEU A 66 -1.69 11.40 10.94
N ASP A 67 -0.70 10.50 10.96
CA ASP A 67 -0.97 9.08 10.94
C ASP A 67 -1.94 8.68 12.05
N GLU A 68 -2.56 7.52 11.91
CA GLU A 68 -3.51 7.04 12.90
C GLU A 68 -3.98 5.62 12.57
N TRP A 69 -4.87 5.09 13.40
CA TRP A 69 -5.39 3.75 13.19
C TRP A 69 -6.76 3.79 12.53
N ILE A 70 -6.81 3.41 11.25
CA ILE A 70 -8.06 3.41 10.50
C ILE A 70 -8.63 2.01 10.39
N THR A 71 -9.92 1.91 10.07
CA THR A 71 -10.58 0.62 9.94
C THR A 71 -10.85 0.29 8.48
N THR A 72 -11.37 -0.90 8.23
CA THR A 72 -11.68 -1.34 6.87
C THR A 72 -12.59 -0.34 6.17
N ASP A 73 -13.62 0.11 6.88
CA ASP A 73 -14.56 1.07 6.32
C ASP A 73 -13.87 2.39 5.99
N ARG A 74 -12.67 2.58 6.53
CA ARG A 74 -11.90 3.79 6.29
C ARG A 74 -10.84 3.57 5.21
N ILE A 75 -10.99 2.48 4.46
CA ILE A 75 -10.05 2.15 3.41
C ILE A 75 -10.71 2.19 2.03
N ASN A 76 -10.00 2.74 1.06
CA ASN A 76 -10.52 2.85 -0.30
C ASN A 76 -9.96 1.74 -1.18
N LEU A 77 -10.81 0.76 -1.50
CA LEU A 77 -10.41 -0.36 -2.35
C LEU A 77 -10.78 -0.11 -3.80
N ASP A 78 -10.90 1.16 -4.16
CA ASP A 78 -11.25 1.54 -5.53
C ASP A 78 -10.01 1.95 -6.31
N LYS A 79 -8.96 2.34 -5.60
CA LYS A 79 -7.71 2.76 -6.22
C LYS A 79 -6.69 1.64 -6.19
N GLU A 80 -5.80 1.62 -7.17
CA GLU A 80 -4.76 0.59 -7.26
C GLU A 80 -3.87 0.63 -6.02
N VAL A 81 -3.41 -0.55 -5.60
CA VAL A 81 -2.54 -0.67 -4.43
C VAL A 81 -1.08 -0.79 -4.83
N LEU A 82 -0.21 -0.11 -4.10
CA LEU A 82 1.22 -0.15 -4.38
C LEU A 82 1.94 -1.12 -3.44
N TYR A 83 2.67 -2.07 -4.02
CA TYR A 83 3.41 -3.06 -3.22
C TYR A 83 4.90 -2.82 -3.33
N PRO A 84 5.66 -3.37 -2.37
CA PRO A 84 7.11 -3.24 -2.33
C PRO A 84 7.79 -4.04 -3.43
N LYS A 85 8.83 -3.47 -4.03
CA LYS A 85 9.57 -4.12 -5.09
C LYS A 85 10.94 -4.59 -4.61
N LEU A 86 11.31 -5.81 -4.97
CA LEU A 86 12.60 -6.37 -4.58
C LEU A 86 13.59 -6.33 -5.73
N LYS A 87 14.83 -5.95 -5.43
CA LYS A 87 15.88 -5.87 -6.43
C LYS A 87 16.51 -7.25 -6.66
N ALA A 88 16.10 -7.90 -7.74
CA ALA A 88 16.63 -9.22 -8.09
C ALA A 88 16.47 -9.51 -9.57
N THR A 89 17.41 -10.26 -10.13
CA THR A 89 17.37 -10.61 -11.54
C THR A 89 16.92 -12.05 -11.74
N ASP A 90 15.63 -12.23 -12.02
CA ASP A 90 15.08 -13.56 -12.23
C ASP A 90 14.20 -13.58 -13.48
N GLU A 91 14.06 -14.77 -14.08
CA GLU A 91 13.25 -14.93 -15.28
C GLU A 91 11.94 -15.66 -14.96
N ASP A 92 11.01 -15.64 -15.92
CA ASP A 92 9.72 -16.29 -15.74
C ASP A 92 9.46 -17.27 -16.88
N GLY A 1 -1.96 -9.18 -33.31
CA GLY A 1 -0.96 -8.19 -32.97
C GLY A 1 0.23 -8.80 -32.24
N SER A 2 0.27 -8.61 -30.92
CA SER A 2 1.36 -9.13 -30.11
C SER A 2 2.70 -8.60 -30.59
N HIS A 3 2.78 -7.28 -30.76
CA HIS A 3 4.01 -6.64 -31.21
C HIS A 3 4.99 -6.47 -30.05
N MET A 4 6.26 -6.79 -30.32
CA MET A 4 7.30 -6.69 -29.31
C MET A 4 7.39 -5.26 -28.77
N SER A 5 6.95 -5.07 -27.53
CA SER A 5 6.97 -3.75 -26.90
C SER A 5 8.39 -3.19 -26.89
N HIS A 6 8.52 -1.90 -26.56
CA HIS A 6 9.81 -1.24 -26.51
C HIS A 6 10.03 -0.58 -25.16
N ASP A 7 11.14 -0.91 -24.51
CA ASP A 7 11.47 -0.34 -23.21
C ASP A 7 12.93 0.08 -23.15
N GLY A 8 13.32 0.70 -22.03
CA GLY A 8 14.69 1.14 -21.87
C GLY A 8 15.02 1.48 -20.43
N LYS A 9 14.31 2.43 -19.87
CA LYS A 9 14.54 2.85 -18.48
C LYS A 9 13.30 2.61 -17.64
N GLU A 10 13.10 1.36 -17.22
CA GLU A 10 11.95 1.01 -16.39
C GLU A 10 12.27 1.14 -14.91
N GLU A 11 11.24 1.17 -14.08
CA GLU A 11 11.41 1.29 -12.64
C GLU A 11 10.56 0.27 -11.89
N PRO A 12 10.92 0.01 -10.63
CA PRO A 12 10.20 -0.95 -9.79
C PRO A 12 8.81 -0.44 -9.39
N GLY A 13 8.11 -1.23 -8.58
CA GLY A 13 6.78 -0.85 -8.15
C GLY A 13 5.69 -1.68 -8.79
N ILE A 14 5.05 -2.52 -7.98
CA ILE A 14 3.98 -3.38 -8.49
C ILE A 14 2.60 -2.80 -8.17
N ALA A 15 1.80 -2.60 -9.20
CA ALA A 15 0.46 -2.04 -9.03
C ALA A 15 -0.60 -3.13 -9.23
N LYS A 16 -1.33 -3.43 -8.16
CA LYS A 16 -2.38 -4.44 -8.21
C LYS A 16 -3.62 -3.98 -7.44
N LYS A 17 -4.80 -4.35 -7.94
CA LYS A 17 -6.05 -3.99 -7.31
C LYS A 17 -6.59 -5.14 -6.47
N ILE A 18 -6.74 -4.89 -5.17
CA ILE A 18 -7.25 -5.90 -4.25
C ILE A 18 -8.62 -5.51 -3.70
N ASN A 19 -9.30 -6.47 -3.10
CA ASN A 19 -10.62 -6.22 -2.52
C ASN A 19 -10.70 -6.73 -1.09
N SER A 20 -9.54 -6.93 -0.48
CA SER A 20 -9.47 -7.43 0.89
C SER A 20 -8.37 -6.72 1.67
N VAL A 21 -8.69 -6.32 2.90
CA VAL A 21 -7.72 -5.62 3.75
C VAL A 21 -6.73 -6.61 4.36
N ASP A 22 -7.07 -7.89 4.32
CA ASP A 22 -6.21 -8.93 4.86
C ASP A 22 -4.87 -8.96 4.13
N ASP A 23 -4.91 -8.77 2.82
CA ASP A 23 -3.71 -8.78 2.00
C ASP A 23 -2.99 -7.43 2.06
N ILE A 24 -2.68 -6.98 3.27
CA ILE A 24 -2.01 -5.70 3.46
C ILE A 24 -0.76 -5.86 4.32
N ILE A 25 0.29 -5.11 3.98
CA ILE A 25 1.54 -5.17 4.72
C ILE A 25 2.01 -3.78 5.12
N ILE A 26 3.17 -3.71 5.77
CA ILE A 26 3.73 -2.44 6.19
C ILE A 26 4.29 -1.65 5.01
N LYS A 27 4.66 -2.37 3.95
CA LYS A 27 5.21 -1.75 2.75
C LYS A 27 4.11 -1.51 1.72
N CYS A 28 2.87 -1.81 2.10
CA CYS A 28 1.73 -1.63 1.20
C CYS A 28 1.18 -0.21 1.31
N GLN A 29 0.83 0.37 0.16
CA GLN A 29 0.29 1.72 0.13
C GLN A 29 -1.08 1.74 -0.52
N CYS A 30 -2.04 2.37 0.14
CA CYS A 30 -3.41 2.46 -0.37
C CYS A 30 -3.94 3.89 -0.25
N TRP A 31 -5.23 4.06 -0.52
CA TRP A 31 -5.87 5.36 -0.44
C TRP A 31 -6.93 5.39 0.65
N VAL A 32 -6.99 6.49 1.39
CA VAL A 32 -7.96 6.64 2.47
C VAL A 32 -8.89 7.82 2.21
N GLN A 33 -10.13 7.70 2.65
CA GLN A 33 -11.12 8.75 2.47
C GLN A 33 -11.02 9.80 3.58
N LYS A 34 -10.67 11.02 3.19
CA LYS A 34 -10.54 12.11 4.15
C LYS A 34 -11.04 13.43 3.56
N ASN A 35 -11.80 14.18 4.35
CA ASN A 35 -12.34 15.45 3.91
C ASN A 35 -13.11 15.29 2.61
N ASP A 36 -14.03 14.33 2.57
CA ASP A 36 -14.82 14.07 1.39
C ASP A 36 -13.94 13.89 0.15
N GLU A 37 -12.71 13.45 0.38
CA GLU A 37 -11.76 13.23 -0.70
C GLU A 37 -10.95 11.95 -0.49
N GLU A 38 -10.05 11.66 -1.41
CA GLU A 38 -9.21 10.47 -1.33
C GLU A 38 -7.74 10.83 -1.41
N ARG A 39 -6.98 10.44 -0.39
CA ARG A 39 -5.55 10.72 -0.35
C ARG A 39 -4.74 9.43 -0.31
N LEU A 40 -3.47 9.53 -0.68
CA LEU A 40 -2.58 8.37 -0.68
C LEU A 40 -1.96 8.14 0.69
N ALA A 41 -2.38 7.07 1.36
CA ALA A 41 -1.87 6.75 2.69
C ALA A 41 -1.01 5.49 2.65
N GLU A 42 0.14 5.54 3.31
CA GLU A 42 1.05 4.40 3.35
C GLU A 42 0.90 3.63 4.66
N ILE A 43 0.75 2.32 4.55
CA ILE A 43 0.60 1.47 5.72
C ILE A 43 1.86 1.48 6.58
N LEU A 44 1.68 1.47 7.89
CA LEU A 44 2.80 1.48 8.82
C LEU A 44 2.83 0.20 9.66
N SER A 45 1.66 -0.28 10.02
CA SER A 45 1.55 -1.50 10.82
C SER A 45 0.14 -2.08 10.74
N ILE A 46 -0.04 -3.27 11.30
CA ILE A 46 -1.34 -3.93 11.31
C ILE A 46 -1.74 -4.35 12.71
N ASN A 47 -3.03 -4.24 13.02
CA ASN A 47 -3.54 -4.61 14.33
C ASN A 47 -4.83 -5.44 14.19
N THR A 48 -4.68 -6.75 14.31
CA THR A 48 -5.83 -7.65 14.21
C THR A 48 -6.32 -8.08 15.59
N ARG A 49 -6.81 -7.12 16.36
CA ARG A 49 -7.32 -7.40 17.70
C ARG A 49 -8.80 -7.05 17.81
N LYS A 50 -9.41 -6.73 16.68
CA LYS A 50 -10.83 -6.38 16.65
C LYS A 50 -11.52 -6.97 15.43
N ALA A 51 -12.82 -6.77 15.33
CA ALA A 51 -13.59 -7.29 14.21
C ALA A 51 -14.63 -6.28 13.74
N PRO A 52 -14.36 -5.64 12.58
CA PRO A 52 -13.13 -5.89 11.81
C PRO A 52 -11.88 -5.37 12.52
N PRO A 53 -10.71 -5.81 12.04
CA PRO A 53 -9.42 -5.40 12.61
C PRO A 53 -9.10 -3.93 12.32
N LYS A 54 -7.94 -3.49 12.78
CA LYS A 54 -7.50 -2.12 12.57
C LYS A 54 -6.14 -2.07 11.89
N PHE A 55 -5.83 -0.94 11.25
CA PHE A 55 -4.56 -0.77 10.56
C PHE A 55 -4.01 0.63 10.78
N TYR A 56 -2.69 0.76 10.75
CA TYR A 56 -2.04 2.04 10.93
C TYR A 56 -1.64 2.66 9.60
N VAL A 57 -2.23 3.80 9.27
CA VAL A 57 -1.93 4.49 8.02
C VAL A 57 -1.23 5.82 8.28
N HIS A 58 -0.48 6.28 7.30
CA HIS A 58 0.26 7.54 7.42
C HIS A 58 0.19 8.33 6.12
N TYR A 59 -0.40 9.52 6.17
CA TYR A 59 -0.52 10.38 5.00
C TYR A 59 0.84 10.85 4.52
N VAL A 60 1.29 10.29 3.39
CA VAL A 60 2.58 10.65 2.82
C VAL A 60 2.62 12.13 2.47
N ASN A 61 1.46 12.69 2.15
CA ASN A 61 1.37 14.11 1.78
C ASN A 61 1.50 14.99 3.02
N TYR A 62 1.20 14.43 4.19
CA TYR A 62 1.27 15.17 5.43
C TYR A 62 2.42 14.66 6.30
N ASN A 63 2.54 15.20 7.50
CA ASN A 63 3.60 14.81 8.42
C ASN A 63 3.23 13.52 9.14
N LYS A 64 4.19 12.98 9.90
CA LYS A 64 3.97 11.75 10.65
C LYS A 64 2.98 11.97 11.79
N ARG A 65 2.67 13.24 12.07
CA ARG A 65 1.74 13.58 13.13
C ARG A 65 0.29 13.43 12.65
N LEU A 66 0.12 13.02 11.40
CA LEU A 66 -1.20 12.83 10.83
C LEU A 66 -1.60 11.36 10.84
N ASP A 67 -0.60 10.49 10.84
CA ASP A 67 -0.85 9.05 10.86
C ASP A 67 -1.79 8.67 11.99
N GLU A 68 -2.45 7.53 11.86
CA GLU A 68 -3.38 7.06 12.88
C GLU A 68 -3.90 5.66 12.54
N TRP A 69 -4.84 5.17 13.35
CA TRP A 69 -5.42 3.85 13.13
C TRP A 69 -6.77 3.96 12.42
N ILE A 70 -6.90 3.26 11.30
CA ILE A 70 -8.15 3.28 10.54
C ILE A 70 -8.71 1.87 10.37
N THR A 71 -10.02 1.78 10.14
CA THR A 71 -10.67 0.50 9.96
C THR A 71 -10.90 0.20 8.48
N THR A 72 -11.39 -1.01 8.20
CA THR A 72 -11.65 -1.42 6.83
C THR A 72 -12.57 -0.43 6.12
N ASP A 73 -13.61 0.01 6.81
CA ASP A 73 -14.56 0.96 6.25
C ASP A 73 -13.88 2.29 5.95
N ARG A 74 -12.69 2.49 6.52
CA ARG A 74 -11.94 3.72 6.31
C ARG A 74 -10.86 3.52 5.26
N ILE A 75 -10.98 2.45 4.48
CA ILE A 75 -10.01 2.14 3.44
C ILE A 75 -10.65 2.21 2.06
N ASN A 76 -9.89 2.68 1.08
CA ASN A 76 -10.40 2.78 -0.29
C ASN A 76 -9.90 1.62 -1.14
N LEU A 77 -10.80 0.67 -1.40
CA LEU A 77 -10.46 -0.49 -2.21
C LEU A 77 -10.82 -0.28 -3.67
N ASP A 78 -10.97 0.99 -4.06
CA ASP A 78 -11.32 1.34 -5.43
C ASP A 78 -10.08 1.78 -6.21
N LYS A 79 -9.05 2.18 -5.47
CA LYS A 79 -7.81 2.63 -6.10
C LYS A 79 -6.75 1.53 -6.07
N GLU A 80 -5.97 1.44 -7.13
CA GLU A 80 -4.92 0.43 -7.24
C GLU A 80 -4.00 0.48 -6.02
N VAL A 81 -3.52 -0.69 -5.60
CA VAL A 81 -2.63 -0.78 -4.45
C VAL A 81 -1.17 -0.89 -4.89
N LEU A 82 -0.29 -0.19 -4.18
CA LEU A 82 1.14 -0.22 -4.50
C LEU A 82 1.89 -1.13 -3.54
N TYR A 83 2.70 -2.03 -4.10
CA TYR A 83 3.48 -2.96 -3.29
C TYR A 83 4.96 -2.88 -3.65
N PRO A 84 5.82 -3.30 -2.71
CA PRO A 84 7.27 -3.28 -2.90
C PRO A 84 7.74 -4.32 -3.91
N LYS A 85 8.99 -4.22 -4.32
CA LYS A 85 9.56 -5.14 -5.29
C LYS A 85 10.40 -6.22 -4.59
N LEU A 86 10.01 -7.47 -4.78
CA LEU A 86 10.73 -8.58 -4.17
C LEU A 86 11.10 -9.63 -5.22
N LYS A 87 12.12 -10.42 -4.92
CA LYS A 87 12.58 -11.46 -5.84
C LYS A 87 12.81 -10.91 -7.23
N ALA A 88 13.97 -10.30 -7.44
CA ALA A 88 14.31 -9.73 -8.73
C ALA A 88 15.45 -10.50 -9.40
N THR A 89 15.15 -11.73 -9.82
CA THR A 89 16.13 -12.58 -10.48
C THR A 89 15.73 -12.88 -11.92
N ASP A 90 14.43 -13.02 -12.15
CA ASP A 90 13.92 -13.31 -13.48
C ASP A 90 12.77 -12.38 -13.84
N GLU A 91 13.05 -11.39 -14.67
CA GLU A 91 12.04 -10.43 -15.08
C GLU A 91 11.63 -10.65 -16.54
N ASP A 92 11.60 -11.93 -16.95
CA ASP A 92 11.23 -12.28 -18.31
C ASP A 92 9.81 -12.81 -18.37
N GLY A 1 12.60 1.92 -37.69
CA GLY A 1 11.33 2.59 -37.57
C GLY A 1 10.16 1.63 -37.50
N SER A 2 9.94 0.89 -38.58
CA SER A 2 8.85 -0.07 -38.64
C SER A 2 9.35 -1.49 -38.34
N HIS A 3 9.69 -1.73 -37.08
CA HIS A 3 10.19 -3.04 -36.66
C HIS A 3 9.23 -3.69 -35.68
N MET A 4 9.41 -4.99 -35.45
CA MET A 4 8.55 -5.73 -34.52
C MET A 4 8.68 -5.18 -33.11
N SER A 5 7.82 -5.65 -32.22
CA SER A 5 7.83 -5.20 -30.83
C SER A 5 9.11 -5.63 -30.13
N HIS A 6 9.25 -5.23 -28.86
CA HIS A 6 10.43 -5.58 -28.08
C HIS A 6 10.07 -5.73 -26.60
N ASP A 7 11.08 -6.00 -25.78
CA ASP A 7 10.87 -6.17 -24.35
C ASP A 7 11.70 -5.17 -23.55
N GLY A 8 11.68 -5.31 -22.23
CA GLY A 8 12.44 -4.42 -21.37
C GLY A 8 11.63 -3.25 -20.88
N LYS A 9 12.29 -2.12 -20.63
CA LYS A 9 11.61 -0.93 -20.15
C LYS A 9 10.74 -1.23 -18.94
N GLU A 10 11.15 -2.23 -18.16
CA GLU A 10 10.42 -2.63 -16.98
C GLU A 10 10.90 -1.84 -15.74
N GLU A 11 10.06 -0.93 -15.27
CA GLU A 11 10.40 -0.11 -14.11
C GLU A 11 9.89 -0.76 -12.82
N PRO A 12 10.47 -0.35 -11.69
CA PRO A 12 10.08 -0.88 -10.38
C PRO A 12 8.69 -0.42 -9.95
N GLY A 13 8.23 -0.91 -8.81
CA GLY A 13 6.92 -0.55 -8.31
C GLY A 13 5.83 -1.48 -8.78
N ILE A 14 5.29 -2.28 -7.88
CA ILE A 14 4.23 -3.23 -8.21
C ILE A 14 2.86 -2.68 -7.83
N ALA A 15 2.02 -2.44 -8.84
CA ALA A 15 0.68 -1.92 -8.60
C ALA A 15 -0.38 -2.98 -8.90
N LYS A 16 -1.18 -3.30 -7.90
CA LYS A 16 -2.23 -4.30 -8.06
C LYS A 16 -3.50 -3.87 -7.33
N LYS A 17 -4.65 -4.27 -7.86
CA LYS A 17 -5.94 -3.92 -7.27
C LYS A 17 -6.48 -5.09 -6.44
N ILE A 18 -6.63 -4.86 -5.14
CA ILE A 18 -7.14 -5.89 -4.23
C ILE A 18 -8.52 -5.50 -3.70
N ASN A 19 -9.24 -6.50 -3.17
CA ASN A 19 -10.57 -6.27 -2.62
C ASN A 19 -10.60 -6.56 -1.12
N SER A 20 -9.65 -7.39 -0.67
CA SER A 20 -9.57 -7.74 0.73
C SER A 20 -8.49 -6.92 1.45
N VAL A 21 -8.75 -6.59 2.70
CA VAL A 21 -7.80 -5.80 3.49
C VAL A 21 -6.74 -6.71 4.13
N ASP A 22 -7.01 -8.01 4.12
CA ASP A 22 -6.08 -8.97 4.69
C ASP A 22 -4.73 -8.92 3.99
N ASP A 23 -4.76 -8.70 2.68
CA ASP A 23 -3.54 -8.63 1.88
C ASP A 23 -2.91 -7.23 1.97
N ILE A 24 -2.66 -6.78 3.20
CA ILE A 24 -2.05 -5.48 3.42
C ILE A 24 -0.85 -5.57 4.35
N ILE A 25 0.32 -5.20 3.84
CA ILE A 25 1.54 -5.24 4.62
C ILE A 25 2.04 -3.84 4.94
N ILE A 26 2.93 -3.75 5.93
CA ILE A 26 3.48 -2.47 6.34
C ILE A 26 4.20 -1.78 5.18
N LYS A 27 4.63 -2.59 4.21
CA LYS A 27 5.34 -2.06 3.05
C LYS A 27 4.37 -1.75 1.92
N CYS A 28 3.08 -1.91 2.19
CA CYS A 28 2.05 -1.64 1.19
C CYS A 28 1.53 -0.20 1.32
N GLN A 29 0.86 0.27 0.26
CA GLN A 29 0.32 1.63 0.26
C GLN A 29 -1.05 1.65 -0.39
N CYS A 30 -2.02 2.23 0.30
CA CYS A 30 -3.39 2.32 -0.21
C CYS A 30 -3.96 3.71 0.01
N TRP A 31 -5.09 4.00 -0.61
CA TRP A 31 -5.74 5.29 -0.49
C TRP A 31 -6.76 5.28 0.64
N VAL A 32 -6.72 6.32 1.47
CA VAL A 32 -7.64 6.43 2.59
C VAL A 32 -8.63 7.58 2.39
N GLN A 33 -9.87 7.38 2.82
CA GLN A 33 -10.90 8.40 2.70
C GLN A 33 -10.84 9.40 3.84
N LYS A 34 -10.57 10.66 3.51
CA LYS A 34 -10.49 11.70 4.51
C LYS A 34 -11.06 13.01 3.98
N ASN A 35 -11.85 13.69 4.81
CA ASN A 35 -12.45 14.96 4.42
C ASN A 35 -13.23 14.82 3.12
N ASP A 36 -14.10 13.80 3.06
CA ASP A 36 -14.90 13.56 1.88
C ASP A 36 -14.04 13.48 0.63
N GLU A 37 -12.78 13.07 0.82
CA GLU A 37 -11.84 12.95 -0.29
C GLU A 37 -10.97 11.70 -0.14
N GLU A 38 -10.11 11.47 -1.12
CA GLU A 38 -9.23 10.31 -1.10
C GLU A 38 -7.76 10.74 -1.21
N ARG A 39 -6.97 10.33 -0.22
CA ARG A 39 -5.55 10.68 -0.21
C ARG A 39 -4.70 9.43 -0.04
N LEU A 40 -3.52 9.43 -0.67
CA LEU A 40 -2.62 8.28 -0.59
C LEU A 40 -2.09 8.12 0.83
N ALA A 41 -2.09 6.88 1.31
CA ALA A 41 -1.60 6.58 2.66
C ALA A 41 -0.77 5.30 2.67
N GLU A 42 0.35 5.34 3.38
CA GLU A 42 1.24 4.18 3.46
C GLU A 42 1.02 3.43 4.78
N ILE A 43 1.03 2.11 4.71
CA ILE A 43 0.84 1.28 5.89
C ILE A 43 2.05 1.36 6.83
N LEU A 44 1.79 1.37 8.13
CA LEU A 44 2.85 1.45 9.12
C LEU A 44 2.84 0.22 10.02
N SER A 45 1.65 -0.24 10.37
CA SER A 45 1.50 -1.41 11.24
C SER A 45 0.11 -2.02 11.10
N ILE A 46 -0.06 -3.23 11.61
CA ILE A 46 -1.34 -3.92 11.55
C ILE A 46 -1.79 -4.37 12.93
N ASN A 47 -3.09 -4.22 13.20
CA ASN A 47 -3.65 -4.60 14.49
C ASN A 47 -5.02 -5.27 14.31
N THR A 48 -5.02 -6.60 14.30
CA THR A 48 -6.25 -7.35 14.15
C THR A 48 -6.76 -7.88 15.49
N ARG A 49 -7.04 -6.96 16.40
CA ARG A 49 -7.53 -7.32 17.73
C ARG A 49 -9.05 -7.19 17.80
N LYS A 50 -9.63 -6.47 16.83
CA LYS A 50 -11.07 -6.27 16.80
C LYS A 50 -11.66 -6.80 15.49
N ALA A 51 -12.95 -6.59 15.30
CA ALA A 51 -13.62 -7.06 14.09
C ALA A 51 -14.64 -6.03 13.61
N PRO A 52 -14.37 -5.44 12.44
CA PRO A 52 -13.17 -5.75 11.66
C PRO A 52 -11.90 -5.25 12.32
N PRO A 53 -10.74 -5.70 11.83
CA PRO A 53 -9.44 -5.31 12.35
C PRO A 53 -9.10 -3.86 12.04
N LYS A 54 -8.02 -3.36 12.65
CA LYS A 54 -7.59 -1.99 12.44
C LYS A 54 -6.20 -1.94 11.80
N PHE A 55 -5.93 -0.86 11.07
CA PHE A 55 -4.64 -0.70 10.41
C PHE A 55 -4.09 0.71 10.63
N TYR A 56 -2.77 0.83 10.67
CA TYR A 56 -2.12 2.11 10.88
C TYR A 56 -1.64 2.70 9.56
N VAL A 57 -2.25 3.80 9.13
CA VAL A 57 -1.88 4.46 7.89
C VAL A 57 -1.19 5.79 8.16
N HIS A 58 -0.41 6.25 7.18
CA HIS A 58 0.31 7.51 7.30
C HIS A 58 0.25 8.30 6.01
N TYR A 59 -0.28 9.52 6.09
CA TYR A 59 -0.42 10.39 4.94
C TYR A 59 0.95 10.89 4.48
N VAL A 60 1.41 10.38 3.34
CA VAL A 60 2.70 10.78 2.79
C VAL A 60 2.72 12.27 2.48
N ASN A 61 1.60 12.79 2.01
CA ASN A 61 1.49 14.21 1.68
C ASN A 61 1.62 15.07 2.93
N TYR A 62 1.33 14.49 4.09
CA TYR A 62 1.42 15.21 5.35
C TYR A 62 2.55 14.67 6.20
N ASN A 63 2.68 15.19 7.42
CA ASN A 63 3.73 14.77 8.33
C ASN A 63 3.33 13.49 9.06
N LYS A 64 4.26 12.92 9.82
CA LYS A 64 4.02 11.70 10.57
C LYS A 64 2.98 11.93 11.67
N ARG A 65 2.70 13.20 11.94
CA ARG A 65 1.73 13.56 12.97
C ARG A 65 0.31 13.44 12.43
N LEU A 66 0.17 13.04 11.18
CA LEU A 66 -1.14 12.89 10.55
C LEU A 66 -1.56 11.42 10.55
N ASP A 67 -0.59 10.52 10.65
CA ASP A 67 -0.87 9.10 10.66
C ASP A 67 -1.86 8.75 11.78
N GLU A 68 -2.53 7.60 11.64
CA GLU A 68 -3.50 7.16 12.63
C GLU A 68 -4.02 5.76 12.29
N TRP A 69 -5.00 5.30 13.06
CA TRP A 69 -5.59 3.99 12.85
C TRP A 69 -6.91 4.10 12.09
N ILE A 70 -7.08 3.27 11.07
CA ILE A 70 -8.29 3.27 10.27
C ILE A 70 -8.84 1.86 10.09
N THR A 71 -10.15 1.76 9.88
CA THR A 71 -10.79 0.47 9.70
C THR A 71 -11.04 0.19 8.23
N THR A 72 -11.55 -1.00 7.93
CA THR A 72 -11.84 -1.40 6.55
C THR A 72 -12.75 -0.39 5.87
N ASP A 73 -13.77 0.06 6.60
CA ASP A 73 -14.72 1.03 6.07
C ASP A 73 -14.04 2.37 5.81
N ARG A 74 -12.84 2.54 6.35
CA ARG A 74 -12.09 3.78 6.18
C ARG A 74 -11.04 3.63 5.09
N ILE A 75 -10.96 2.44 4.51
CA ILE A 75 -10.00 2.16 3.45
C ILE A 75 -10.65 2.25 2.07
N ASN A 76 -9.91 2.75 1.09
CA ASN A 76 -10.41 2.88 -0.27
C ASN A 76 -9.92 1.74 -1.15
N LEU A 77 -10.81 0.80 -1.43
CA LEU A 77 -10.47 -0.36 -2.26
C LEU A 77 -10.85 -0.11 -3.71
N ASP A 78 -10.96 1.17 -4.09
CA ASP A 78 -11.32 1.54 -5.45
C ASP A 78 -10.08 1.92 -6.25
N LYS A 79 -9.04 2.38 -5.55
CA LYS A 79 -7.79 2.78 -6.18
C LYS A 79 -6.75 1.67 -6.10
N GLU A 80 -5.96 1.53 -7.15
CA GLU A 80 -4.92 0.50 -7.20
C GLU A 80 -4.02 0.59 -5.97
N VAL A 81 -3.51 -0.55 -5.53
CA VAL A 81 -2.65 -0.61 -4.36
C VAL A 81 -1.18 -0.69 -4.78
N LEU A 82 -0.30 -0.12 -3.96
CA LEU A 82 1.13 -0.14 -4.24
C LEU A 82 1.86 -1.13 -3.33
N TYR A 83 2.73 -1.92 -3.92
CA TYR A 83 3.50 -2.91 -3.16
C TYR A 83 5.00 -2.64 -3.25
N PRO A 84 5.75 -3.19 -2.29
CA PRO A 84 7.21 -3.02 -2.24
C PRO A 84 7.91 -3.76 -3.36
N LYS A 85 8.91 -3.11 -3.96
CA LYS A 85 9.67 -3.71 -5.05
C LYS A 85 11.07 -4.12 -4.58
N LEU A 86 11.57 -5.22 -5.11
CA LEU A 86 12.90 -5.72 -4.75
C LEU A 86 13.89 -5.46 -5.88
N LYS A 87 15.05 -4.92 -5.52
CA LYS A 87 16.10 -4.62 -6.50
C LYS A 87 17.33 -5.50 -6.25
N ALA A 88 18.15 -5.64 -7.28
CA ALA A 88 19.37 -6.44 -7.17
C ALA A 88 20.38 -5.79 -6.23
N THR A 89 21.05 -6.62 -5.44
CA THR A 89 22.05 -6.13 -4.49
C THR A 89 23.29 -7.00 -4.50
N ASP A 90 24.45 -6.37 -4.71
CA ASP A 90 25.72 -7.09 -4.74
C ASP A 90 26.73 -6.44 -3.80
N GLU A 91 27.29 -7.25 -2.90
CA GLU A 91 28.27 -6.75 -1.93
C GLU A 91 29.54 -7.60 -1.98
N ASP A 92 29.38 -8.91 -1.78
CA ASP A 92 30.52 -9.82 -1.80
C ASP A 92 30.27 -10.97 -2.76
N GLY A 1 12.82 -24.96 -26.74
CA GLY A 1 12.81 -23.61 -26.22
C GLY A 1 14.02 -23.31 -25.36
N SER A 2 14.55 -22.09 -25.48
CA SER A 2 15.72 -21.69 -24.72
C SER A 2 15.74 -20.17 -24.52
N HIS A 3 15.69 -19.73 -23.27
CA HIS A 3 15.70 -18.31 -22.95
C HIS A 3 17.09 -17.71 -23.21
N MET A 4 17.16 -16.39 -23.18
CA MET A 4 18.42 -15.69 -23.42
C MET A 4 18.67 -14.64 -22.33
N SER A 5 19.82 -13.98 -22.41
CA SER A 5 20.18 -12.96 -21.43
C SER A 5 19.45 -11.66 -21.70
N HIS A 6 18.19 -11.60 -21.28
CA HIS A 6 17.38 -10.40 -21.48
C HIS A 6 17.17 -9.66 -20.17
N ASP A 7 17.76 -8.48 -20.05
CA ASP A 7 17.63 -7.68 -18.83
C ASP A 7 16.77 -6.44 -19.09
N GLY A 8 15.61 -6.40 -18.44
CA GLY A 8 14.71 -5.27 -18.61
C GLY A 8 15.14 -4.06 -17.81
N LYS A 9 15.25 -2.92 -18.49
CA LYS A 9 15.66 -1.68 -17.84
C LYS A 9 14.45 -0.86 -17.42
N GLU A 10 13.80 -1.27 -16.33
CA GLU A 10 12.63 -0.57 -15.84
C GLU A 10 12.71 -0.38 -14.32
N GLU A 11 12.10 0.70 -13.84
CA GLU A 11 12.10 0.99 -12.40
C GLU A 11 11.09 0.12 -11.67
N PRO A 12 11.28 0.00 -10.34
CA PRO A 12 10.40 -0.81 -9.49
C PRO A 12 9.02 -0.19 -9.34
N GLY A 13 8.20 -0.77 -8.46
CA GLY A 13 6.86 -0.26 -8.24
C GLY A 13 5.79 -1.18 -8.78
N ILE A 14 5.05 -1.83 -7.89
CA ILE A 14 4.00 -2.75 -8.29
C ILE A 14 2.62 -2.16 -7.98
N ALA A 15 1.71 -2.27 -8.95
CA ALA A 15 0.36 -1.75 -8.78
C ALA A 15 -0.68 -2.83 -9.05
N LYS A 16 -1.45 -3.18 -8.03
CA LYS A 16 -2.48 -4.21 -8.16
C LYS A 16 -3.74 -3.82 -7.39
N LYS A 17 -4.90 -4.23 -7.90
CA LYS A 17 -6.17 -3.92 -7.27
C LYS A 17 -6.67 -5.11 -6.46
N ILE A 18 -6.88 -4.89 -5.16
CA ILE A 18 -7.36 -5.94 -4.28
C ILE A 18 -8.78 -5.65 -3.78
N ASN A 19 -9.34 -6.58 -3.02
CA ASN A 19 -10.68 -6.41 -2.49
C ASN A 19 -10.77 -6.90 -1.05
N SER A 20 -9.60 -7.09 -0.43
CA SER A 20 -9.54 -7.57 0.95
C SER A 20 -8.43 -6.86 1.71
N VAL A 21 -8.78 -6.30 2.87
CA VAL A 21 -7.82 -5.59 3.70
C VAL A 21 -6.81 -6.55 4.34
N ASP A 22 -7.18 -7.82 4.38
CA ASP A 22 -6.32 -8.85 4.96
C ASP A 22 -4.99 -8.93 4.21
N ASP A 23 -5.05 -8.77 2.89
CA ASP A 23 -3.86 -8.82 2.06
C ASP A 23 -3.13 -7.47 2.06
N ILE A 24 -2.80 -6.99 3.26
CA ILE A 24 -2.10 -5.71 3.39
C ILE A 24 -0.87 -5.85 4.28
N ILE A 25 0.22 -5.19 3.88
CA ILE A 25 1.45 -5.23 4.65
C ILE A 25 1.92 -3.83 5.02
N ILE A 26 3.03 -3.76 5.75
CA ILE A 26 3.59 -2.48 6.17
C ILE A 26 4.25 -1.76 5.00
N LYS A 27 4.62 -2.52 3.97
CA LYS A 27 5.26 -1.96 2.79
C LYS A 27 4.23 -1.65 1.70
N CYS A 28 2.97 -1.85 2.03
CA CYS A 28 1.89 -1.60 1.08
C CYS A 28 1.40 -0.16 1.19
N GLN A 29 0.77 0.33 0.11
CA GLN A 29 0.25 1.69 0.10
C GLN A 29 -1.11 1.74 -0.59
N CYS A 30 -2.08 2.36 0.09
CA CYS A 30 -3.42 2.47 -0.45
C CYS A 30 -3.95 3.89 -0.28
N TRP A 31 -5.24 4.07 -0.57
CA TRP A 31 -5.87 5.39 -0.46
C TRP A 31 -6.89 5.41 0.68
N VAL A 32 -6.95 6.54 1.38
CA VAL A 32 -7.88 6.68 2.50
C VAL A 32 -8.80 7.88 2.28
N GLN A 33 -10.05 7.75 2.73
CA GLN A 33 -11.03 8.83 2.59
C GLN A 33 -10.92 9.81 3.74
N LYS A 34 -10.56 11.06 3.41
CA LYS A 34 -10.41 12.10 4.42
C LYS A 34 -10.89 13.44 3.89
N ASN A 35 -11.64 14.17 4.71
CA ASN A 35 -12.16 15.47 4.31
C ASN A 35 -12.89 15.38 2.97
N ASP A 36 -13.82 14.44 2.89
CA ASP A 36 -14.61 14.25 1.66
C ASP A 36 -13.69 14.11 0.45
N GLU A 37 -12.48 13.63 0.68
CA GLU A 37 -11.51 13.45 -0.39
C GLU A 37 -10.73 12.14 -0.22
N GLU A 38 -9.81 11.88 -1.14
CA GLU A 38 -9.00 10.68 -1.09
C GLU A 38 -7.51 11.01 -1.15
N ARG A 39 -6.77 10.58 -0.15
CA ARG A 39 -5.34 10.83 -0.08
C ARG A 39 -4.55 9.52 -0.02
N LEU A 40 -3.38 9.51 -0.64
CA LEU A 40 -2.53 8.32 -0.65
C LEU A 40 -1.90 8.09 0.72
N ALA A 41 -2.30 7.02 1.38
CA ALA A 41 -1.77 6.68 2.69
C ALA A 41 -0.93 5.41 2.64
N GLU A 42 0.21 5.43 3.32
CA GLU A 42 1.10 4.28 3.35
C GLU A 42 0.95 3.50 4.65
N ILE A 43 0.90 2.17 4.54
CA ILE A 43 0.76 1.32 5.71
C ILE A 43 2.02 1.36 6.58
N LEU A 44 1.81 1.33 7.89
CA LEU A 44 2.92 1.37 8.84
C LEU A 44 2.91 0.12 9.73
N SER A 45 1.72 -0.37 10.04
CA SER A 45 1.57 -1.55 10.88
C SER A 45 0.18 -2.13 10.76
N ILE A 46 -0.05 -3.26 11.43
CA ILE A 46 -1.35 -3.92 11.40
C ILE A 46 -1.75 -4.41 12.79
N ASN A 47 -3.04 -4.36 13.08
CA ASN A 47 -3.55 -4.81 14.38
C ASN A 47 -4.85 -5.60 14.21
N THR A 48 -4.74 -6.92 14.30
CA THR A 48 -5.90 -7.79 14.16
C THR A 48 -6.42 -8.23 15.52
N ARG A 49 -6.90 -7.28 16.31
CA ARG A 49 -7.43 -7.57 17.64
C ARG A 49 -8.90 -7.18 17.73
N LYS A 50 -9.49 -6.82 16.60
CA LYS A 50 -10.90 -6.43 16.56
C LYS A 50 -11.59 -7.00 15.33
N ALA A 51 -12.88 -6.75 15.21
CA ALA A 51 -13.66 -7.24 14.07
C ALA A 51 -14.66 -6.19 13.61
N PRO A 52 -14.35 -5.53 12.48
CA PRO A 52 -13.13 -5.80 11.71
C PRO A 52 -11.88 -5.32 12.44
N PRO A 53 -10.71 -5.78 11.98
CA PRO A 53 -9.42 -5.41 12.57
C PRO A 53 -9.07 -3.95 12.32
N LYS A 54 -7.89 -3.55 12.78
CA LYS A 54 -7.42 -2.17 12.61
C LYS A 54 -6.07 -2.14 11.90
N PHE A 55 -5.78 -1.03 11.23
CA PHE A 55 -4.52 -0.88 10.52
C PHE A 55 -3.94 0.52 10.74
N TYR A 56 -2.61 0.62 10.66
CA TYR A 56 -1.93 1.90 10.86
C TYR A 56 -1.56 2.53 9.52
N VAL A 57 -2.19 3.66 9.22
CA VAL A 57 -1.93 4.36 7.97
C VAL A 57 -1.24 5.70 8.23
N HIS A 58 -0.44 6.14 7.27
CA HIS A 58 0.27 7.40 7.39
C HIS A 58 0.29 8.16 6.06
N TYR A 59 -0.43 9.27 6.02
CA TYR A 59 -0.51 10.09 4.81
C TYR A 59 0.89 10.51 4.35
N VAL A 60 1.36 9.90 3.27
CA VAL A 60 2.67 10.20 2.73
C VAL A 60 2.75 11.66 2.29
N ASN A 61 1.74 12.11 1.55
CA ASN A 61 1.70 13.48 1.07
C ASN A 61 1.71 14.47 2.23
N TYR A 62 1.28 14.01 3.40
CA TYR A 62 1.23 14.84 4.59
C TYR A 62 2.29 14.40 5.61
N ASN A 63 2.32 15.08 6.75
CA ASN A 63 3.28 14.76 7.81
C ASN A 63 2.78 13.60 8.66
N LYS A 64 3.64 13.13 9.56
CA LYS A 64 3.28 12.03 10.45
C LYS A 64 2.22 12.45 11.44
N ARG A 65 1.95 13.75 11.50
CA ARG A 65 0.95 14.28 12.43
C ARG A 65 -0.43 13.71 12.12
N LEU A 66 -0.58 13.14 10.94
CA LEU A 66 -1.85 12.56 10.52
C LEU A 66 -1.84 11.04 10.71
N ASP A 67 -0.65 10.47 10.77
CA ASP A 67 -0.50 9.04 10.95
C ASP A 67 -1.32 8.54 12.13
N GLU A 68 -2.18 7.55 11.89
CA GLU A 68 -3.03 6.99 12.94
C GLU A 68 -3.59 5.64 12.51
N TRP A 69 -4.55 5.14 13.29
CA TRP A 69 -5.18 3.86 13.00
C TRP A 69 -6.50 4.05 12.28
N ILE A 70 -6.83 3.12 11.37
CA ILE A 70 -8.07 3.19 10.63
C ILE A 70 -8.69 1.81 10.47
N THR A 71 -9.97 1.77 10.12
CA THR A 71 -10.68 0.51 9.93
C THR A 71 -10.91 0.22 8.45
N THR A 72 -11.44 -0.96 8.15
CA THR A 72 -11.70 -1.35 6.78
C THR A 72 -12.59 -0.32 6.07
N ASP A 73 -13.60 0.16 6.78
CA ASP A 73 -14.52 1.15 6.23
C ASP A 73 -13.80 2.46 5.94
N ARG A 74 -12.60 2.60 6.50
CA ARG A 74 -11.81 3.81 6.30
C ARG A 74 -10.75 3.61 5.22
N ILE A 75 -10.85 2.49 4.50
CA ILE A 75 -9.92 2.17 3.44
C ILE A 75 -10.59 2.21 2.07
N ASN A 76 -9.85 2.64 1.06
CA ASN A 76 -10.39 2.72 -0.30
C ASN A 76 -9.94 1.52 -1.13
N LEU A 77 -10.85 0.57 -1.31
CA LEU A 77 -10.55 -0.63 -2.09
C LEU A 77 -10.94 -0.44 -3.55
N ASP A 78 -11.15 0.80 -3.94
CA ASP A 78 -11.52 1.12 -5.32
C ASP A 78 -10.31 1.60 -6.11
N LYS A 79 -9.28 2.05 -5.40
CA LYS A 79 -8.06 2.53 -6.04
C LYS A 79 -6.97 1.46 -6.01
N GLU A 80 -6.14 1.46 -7.04
CA GLU A 80 -5.05 0.49 -7.14
C GLU A 80 -4.13 0.58 -5.93
N VAL A 81 -3.64 -0.57 -5.48
CA VAL A 81 -2.74 -0.62 -4.32
C VAL A 81 -1.29 -0.75 -4.77
N LEU A 82 -0.38 -0.24 -3.94
CA LEU A 82 1.04 -0.30 -4.24
C LEU A 82 1.74 -1.31 -3.35
N TYR A 83 2.60 -2.13 -3.95
CA TYR A 83 3.34 -3.15 -3.21
C TYR A 83 4.85 -2.93 -3.34
N PRO A 84 5.61 -3.50 -2.40
CA PRO A 84 7.07 -3.39 -2.38
C PRO A 84 7.72 -4.16 -3.52
N LYS A 85 8.79 -3.60 -4.09
CA LYS A 85 9.50 -4.23 -5.18
C LYS A 85 10.94 -4.56 -4.78
N LEU A 86 11.27 -5.85 -4.78
CA LEU A 86 12.61 -6.30 -4.41
C LEU A 86 13.24 -7.09 -5.54
N LYS A 87 14.56 -7.24 -5.49
CA LYS A 87 15.29 -7.99 -6.51
C LYS A 87 15.38 -9.47 -6.14
N ALA A 88 14.29 -10.18 -6.32
CA ALA A 88 14.24 -11.60 -6.01
C ALA A 88 15.25 -12.38 -6.86
N THR A 89 15.57 -13.60 -6.43
CA THR A 89 16.52 -14.44 -7.15
C THR A 89 15.82 -15.61 -7.82
N ASP A 90 14.54 -15.41 -8.15
CA ASP A 90 13.75 -16.45 -8.79
C ASP A 90 13.42 -16.07 -10.23
N GLU A 91 12.68 -16.93 -10.92
CA GLU A 91 12.30 -16.69 -12.29
C GLU A 91 10.79 -16.42 -12.41
N ASP A 92 10.43 -15.16 -12.59
CA ASP A 92 9.03 -14.78 -12.70
C ASP A 92 8.73 -14.20 -14.09
N GLY A 1 22.75 2.23 -34.44
CA GLY A 1 21.73 2.49 -35.44
C GLY A 1 21.00 1.22 -35.86
N SER A 2 21.76 0.25 -36.37
CA SER A 2 21.19 -1.01 -36.83
C SER A 2 21.83 -2.19 -36.09
N HIS A 3 22.06 -2.02 -34.80
CA HIS A 3 22.66 -3.07 -33.98
C HIS A 3 21.74 -3.48 -32.85
N MET A 4 21.13 -2.49 -32.19
CA MET A 4 20.23 -2.75 -31.09
C MET A 4 18.80 -2.35 -31.45
N SER A 5 17.85 -3.23 -31.15
CA SER A 5 16.44 -2.98 -31.45
C SER A 5 15.73 -2.39 -30.24
N HIS A 6 15.82 -3.09 -29.11
CA HIS A 6 15.18 -2.64 -27.88
C HIS A 6 15.98 -3.07 -26.65
N ASP A 7 15.93 -2.27 -25.60
CA ASP A 7 16.65 -2.57 -24.37
C ASP A 7 15.69 -2.98 -23.27
N GLY A 8 14.51 -2.36 -23.24
CA GLY A 8 13.52 -2.68 -22.23
C GLY A 8 13.55 -1.71 -21.07
N LYS A 9 12.64 -0.74 -21.08
CA LYS A 9 12.56 0.25 -20.02
C LYS A 9 11.50 -0.13 -19.00
N GLU A 10 11.94 -0.61 -17.84
CA GLU A 10 11.02 -1.02 -16.78
C GLU A 10 11.50 -0.49 -15.43
N GLU A 11 10.56 -0.01 -14.62
CA GLU A 11 10.88 0.52 -13.30
C GLU A 11 10.26 -0.34 -12.20
N PRO A 12 10.79 -0.21 -10.98
CA PRO A 12 10.31 -0.96 -9.82
C PRO A 12 8.92 -0.50 -9.37
N GLY A 13 8.33 -1.24 -8.43
CA GLY A 13 7.01 -0.89 -7.93
C GLY A 13 5.91 -1.66 -8.61
N ILE A 14 5.28 -2.57 -7.87
CA ILE A 14 4.19 -3.38 -8.42
C ILE A 14 2.83 -2.82 -8.01
N ALA A 15 2.01 -2.50 -8.99
CA ALA A 15 0.68 -1.96 -8.74
C ALA A 15 -0.40 -3.00 -9.06
N LYS A 16 -1.20 -3.35 -8.06
CA LYS A 16 -2.27 -4.33 -8.23
C LYS A 16 -3.52 -3.89 -7.48
N LYS A 17 -4.69 -4.26 -8.01
CA LYS A 17 -5.95 -3.92 -7.39
C LYS A 17 -6.50 -5.10 -6.60
N ILE A 18 -6.61 -4.94 -5.28
CA ILE A 18 -7.12 -5.99 -4.42
C ILE A 18 -8.55 -5.69 -3.98
N ASN A 19 -9.13 -6.61 -3.21
CA ASN A 19 -10.49 -6.45 -2.72
C ASN A 19 -10.62 -6.91 -1.28
N SER A 20 -9.48 -7.09 -0.62
CA SER A 20 -9.46 -7.54 0.77
C SER A 20 -8.38 -6.79 1.56
N VAL A 21 -8.73 -6.40 2.78
CA VAL A 21 -7.79 -5.69 3.65
C VAL A 21 -6.79 -6.64 4.28
N ASP A 22 -7.11 -7.94 4.25
CA ASP A 22 -6.24 -8.96 4.83
C ASP A 22 -4.89 -8.98 4.11
N ASP A 23 -4.93 -8.78 2.80
CA ASP A 23 -3.70 -8.78 1.99
C ASP A 23 -3.02 -7.42 2.05
N ILE A 24 -2.72 -6.96 3.26
CA ILE A 24 -2.07 -5.68 3.45
C ILE A 24 -0.83 -5.81 4.33
N ILE A 25 0.20 -5.06 4.00
CA ILE A 25 1.45 -5.09 4.76
C ILE A 25 1.95 -3.68 5.07
N ILE A 26 3.10 -3.59 5.72
CA ILE A 26 3.69 -2.31 6.06
C ILE A 26 4.21 -1.59 4.82
N LYS A 27 4.67 -2.37 3.84
CA LYS A 27 5.20 -1.81 2.61
C LYS A 27 4.08 -1.57 1.60
N CYS A 28 2.85 -1.82 2.03
CA CYS A 28 1.68 -1.63 1.16
C CYS A 28 1.14 -0.20 1.27
N GLN A 29 0.75 0.37 0.14
CA GLN A 29 0.21 1.72 0.12
C GLN A 29 -1.15 1.76 -0.55
N CYS A 30 -2.11 2.40 0.11
CA CYS A 30 -3.47 2.50 -0.42
C CYS A 30 -4.05 3.89 -0.16
N TRP A 31 -5.21 4.16 -0.75
CA TRP A 31 -5.86 5.45 -0.60
C TRP A 31 -6.85 5.41 0.57
N VAL A 32 -6.87 6.48 1.36
CA VAL A 32 -7.76 6.57 2.50
C VAL A 32 -8.77 7.70 2.32
N GLN A 33 -10.01 7.46 2.71
CA GLN A 33 -11.07 8.45 2.59
C GLN A 33 -11.03 9.42 3.77
N LYS A 34 -10.76 10.69 3.47
CA LYS A 34 -10.69 11.72 4.51
C LYS A 34 -11.27 13.04 3.99
N ASN A 35 -12.07 13.70 4.82
CA ASN A 35 -12.67 14.97 4.46
C ASN A 35 -13.40 14.85 3.13
N ASP A 36 -14.27 13.85 3.01
CA ASP A 36 -15.03 13.63 1.79
C ASP A 36 -14.11 13.58 0.57
N GLU A 37 -12.86 13.18 0.79
CA GLU A 37 -11.89 13.10 -0.29
C GLU A 37 -11.02 11.85 -0.15
N GLU A 38 -10.10 11.68 -1.09
CA GLU A 38 -9.21 10.52 -1.07
C GLU A 38 -7.75 10.96 -1.11
N ARG A 39 -6.96 10.48 -0.15
CA ARG A 39 -5.54 10.82 -0.08
C ARG A 39 -4.69 9.56 0.04
N LEU A 40 -3.59 9.54 -0.70
CA LEU A 40 -2.68 8.40 -0.68
C LEU A 40 -2.05 8.22 0.70
N ALA A 41 -2.28 7.06 1.30
CA ALA A 41 -1.74 6.76 2.62
C ALA A 41 -0.90 5.48 2.60
N GLU A 42 0.25 5.53 3.26
CA GLU A 42 1.14 4.36 3.31
C GLU A 42 0.99 3.62 4.63
N ILE A 43 0.80 2.31 4.54
CA ILE A 43 0.64 1.48 5.72
C ILE A 43 1.90 1.50 6.58
N LEU A 44 1.71 1.51 7.90
CA LEU A 44 2.82 1.53 8.84
C LEU A 44 2.85 0.26 9.69
N SER A 45 1.66 -0.22 10.06
CA SER A 45 1.55 -1.43 10.87
C SER A 45 0.15 -2.01 10.78
N ILE A 46 -0.03 -3.20 11.33
CA ILE A 46 -1.33 -3.87 11.31
C ILE A 46 -1.75 -4.29 12.71
N ASN A 47 -3.04 -4.19 12.99
CA ASN A 47 -3.58 -4.55 14.29
C ASN A 47 -4.91 -5.29 14.15
N THR A 48 -4.86 -6.61 14.23
CA THR A 48 -6.06 -7.44 14.11
C THR A 48 -6.55 -7.87 15.47
N ARG A 49 -6.76 -6.92 16.37
CA ARG A 49 -7.24 -7.21 17.71
C ARG A 49 -8.73 -6.90 17.84
N LYS A 50 -9.35 -6.58 16.72
CA LYS A 50 -10.78 -6.26 16.70
C LYS A 50 -11.46 -6.85 15.48
N ALA A 51 -12.77 -6.63 15.37
CA ALA A 51 -13.54 -7.14 14.24
C ALA A 51 -14.57 -6.12 13.78
N PRO A 52 -14.33 -5.54 12.59
CA PRO A 52 -13.15 -5.86 11.77
C PRO A 52 -11.87 -5.33 12.40
N PRO A 53 -10.72 -5.81 11.89
CA PRO A 53 -9.41 -5.40 12.37
C PRO A 53 -9.07 -3.95 12.03
N LYS A 54 -8.02 -3.43 12.65
CA LYS A 54 -7.59 -2.05 12.40
C LYS A 54 -6.22 -2.02 11.75
N PHE A 55 -5.91 -0.89 11.11
CA PHE A 55 -4.62 -0.73 10.44
C PHE A 55 -4.07 0.68 10.66
N TYR A 56 -2.75 0.79 10.66
CA TYR A 56 -2.10 2.09 10.86
C TYR A 56 -1.66 2.68 9.52
N VAL A 57 -2.23 3.82 9.16
CA VAL A 57 -1.89 4.49 7.92
C VAL A 57 -1.22 5.83 8.18
N HIS A 58 -0.42 6.28 7.20
CA HIS A 58 0.29 7.55 7.33
C HIS A 58 0.15 8.38 6.06
N TYR A 59 -0.32 9.61 6.22
CA TYR A 59 -0.51 10.51 5.08
C TYR A 59 0.84 11.00 4.55
N VAL A 60 1.25 10.47 3.40
CA VAL A 60 2.51 10.86 2.78
C VAL A 60 2.52 12.35 2.45
N ASN A 61 1.34 12.90 2.21
CA ASN A 61 1.21 14.32 1.87
C ASN A 61 1.46 15.20 3.11
N TYR A 62 1.23 14.63 4.28
CA TYR A 62 1.42 15.35 5.53
C TYR A 62 2.56 14.73 6.35
N ASN A 63 2.73 15.24 7.56
CA ASN A 63 3.80 14.74 8.44
C ASN A 63 3.37 13.45 9.12
N LYS A 64 4.30 12.82 9.83
CA LYS A 64 4.02 11.57 10.53
C LYS A 64 3.04 11.79 11.68
N ARG A 65 2.81 13.06 12.01
CA ARG A 65 1.89 13.41 13.09
C ARG A 65 0.45 13.35 12.62
N LEU A 66 0.26 13.02 11.35
CA LEU A 66 -1.08 12.93 10.77
C LEU A 66 -1.55 11.48 10.73
N ASP A 67 -0.61 10.54 10.75
CA ASP A 67 -0.94 9.12 10.72
C ASP A 67 -1.95 8.78 11.80
N GLU A 68 -2.57 7.61 11.67
CA GLU A 68 -3.57 7.17 12.63
C GLU A 68 -4.03 5.75 12.32
N TRP A 69 -4.93 5.22 13.15
CA TRP A 69 -5.46 3.88 12.96
C TRP A 69 -6.82 3.91 12.28
N ILE A 70 -6.86 3.47 11.02
CA ILE A 70 -8.09 3.44 10.25
C ILE A 70 -8.64 2.03 10.13
N THR A 71 -9.95 1.91 9.91
CA THR A 71 -10.59 0.61 9.78
C THR A 71 -10.85 0.28 8.31
N THR A 72 -11.36 -0.92 8.07
CA THR A 72 -11.66 -1.36 6.71
C THR A 72 -12.60 -0.39 6.00
N ASP A 73 -13.61 0.07 6.73
CA ASP A 73 -14.58 1.01 6.18
C ASP A 73 -13.92 2.36 5.89
N ARG A 74 -12.71 2.55 6.41
CA ARG A 74 -11.98 3.80 6.22
C ARG A 74 -10.94 3.64 5.10
N ILE A 75 -10.87 2.45 4.53
CA ILE A 75 -9.92 2.17 3.46
C ILE A 75 -10.59 2.25 2.10
N ASN A 76 -9.87 2.75 1.10
CA ASN A 76 -10.40 2.88 -0.25
C ASN A 76 -9.89 1.74 -1.14
N LEU A 77 -10.77 0.78 -1.41
CA LEU A 77 -10.42 -0.35 -2.24
C LEU A 77 -10.83 -0.12 -3.70
N ASP A 78 -10.93 1.15 -4.07
CA ASP A 78 -11.31 1.52 -5.43
C ASP A 78 -10.08 1.89 -6.25
N LYS A 79 -9.03 2.32 -5.57
CA LYS A 79 -7.79 2.72 -6.24
C LYS A 79 -6.75 1.60 -6.15
N GLU A 80 -5.91 1.51 -7.18
CA GLU A 80 -4.87 0.48 -7.23
C GLU A 80 -4.04 0.50 -5.95
N VAL A 81 -3.38 -0.63 -5.67
CA VAL A 81 -2.54 -0.74 -4.47
C VAL A 81 -1.07 -0.84 -4.83
N LEU A 82 -0.22 -0.21 -4.05
CA LEU A 82 1.21 -0.22 -4.28
C LEU A 82 1.90 -1.24 -3.38
N TYR A 83 2.63 -2.16 -3.98
CA TYR A 83 3.34 -3.20 -3.22
C TYR A 83 4.85 -3.04 -3.38
N PRO A 84 5.60 -3.60 -2.42
CA PRO A 84 7.07 -3.55 -2.44
C PRO A 84 7.68 -4.39 -3.55
N LYS A 85 8.96 -4.18 -3.81
CA LYS A 85 9.67 -4.93 -4.85
C LYS A 85 10.67 -5.90 -4.25
N LEU A 86 10.46 -7.19 -4.52
CA LEU A 86 11.35 -8.23 -4.00
C LEU A 86 12.09 -8.93 -5.13
N LYS A 87 13.40 -8.71 -5.20
CA LYS A 87 14.23 -9.32 -6.24
C LYS A 87 15.49 -9.92 -5.63
N ALA A 88 15.42 -11.18 -5.23
CA ALA A 88 16.56 -11.86 -4.64
C ALA A 88 17.31 -12.68 -5.69
N THR A 89 18.34 -12.07 -6.28
CA THR A 89 19.14 -12.74 -7.31
C THR A 89 20.63 -12.68 -6.97
N ASP A 90 21.27 -13.84 -6.96
CA ASP A 90 22.70 -13.92 -6.66
C ASP A 90 23.41 -14.82 -7.66
N GLU A 91 22.95 -16.06 -7.77
CA GLU A 91 23.54 -17.01 -8.69
C GLU A 91 22.67 -17.22 -9.92
N ASP A 92 22.66 -16.21 -10.80
CA ASP A 92 21.87 -16.27 -12.02
C ASP A 92 22.77 -16.25 -13.25
N GLY A 1 21.62 -5.62 -4.12
CA GLY A 1 22.79 -6.37 -4.51
C GLY A 1 23.91 -5.47 -5.00
N SER A 2 24.68 -5.95 -5.97
CA SER A 2 25.80 -5.19 -6.52
C SER A 2 25.46 -4.66 -7.91
N HIS A 3 25.94 -3.47 -8.23
CA HIS A 3 25.71 -2.86 -9.53
C HIS A 3 26.76 -3.29 -10.54
N MET A 4 26.55 -4.44 -11.16
CA MET A 4 27.48 -4.96 -12.15
C MET A 4 27.08 -4.54 -13.56
N SER A 5 25.78 -4.37 -13.77
CA SER A 5 25.25 -3.98 -15.07
C SER A 5 24.32 -2.78 -14.95
N HIS A 6 24.40 -1.87 -15.91
CA HIS A 6 23.56 -0.68 -15.91
C HIS A 6 22.96 -0.44 -17.29
N ASP A 7 22.37 -1.49 -17.87
CA ASP A 7 21.76 -1.39 -19.19
C ASP A 7 20.24 -1.49 -19.08
N GLY A 8 19.59 -0.35 -18.85
CA GLY A 8 18.15 -0.33 -18.74
C GLY A 8 17.65 0.81 -17.87
N LYS A 9 16.45 1.29 -18.16
CA LYS A 9 15.85 2.39 -17.41
C LYS A 9 14.54 1.96 -16.77
N GLU A 10 14.49 0.72 -16.31
CA GLU A 10 13.28 0.19 -15.67
C GLU A 10 13.42 0.21 -14.15
N GLU A 11 12.33 0.57 -13.47
CA GLU A 11 12.32 0.62 -12.01
C GLU A 11 11.25 -0.29 -11.44
N PRO A 12 11.39 -0.64 -10.14
CA PRO A 12 10.44 -1.51 -9.45
C PRO A 12 9.10 -0.81 -9.21
N GLY A 13 8.24 -1.46 -8.42
CA GLY A 13 6.94 -0.89 -8.13
C GLY A 13 5.81 -1.65 -8.80
N ILE A 14 5.10 -2.46 -8.04
CA ILE A 14 3.99 -3.25 -8.58
C ILE A 14 2.65 -2.59 -8.26
N ALA A 15 1.72 -2.69 -9.20
CA ALA A 15 0.40 -2.11 -9.02
C ALA A 15 -0.70 -3.15 -9.23
N LYS A 16 -1.46 -3.42 -8.17
CA LYS A 16 -2.54 -4.39 -8.23
C LYS A 16 -3.76 -3.91 -7.47
N LYS A 17 -4.94 -4.28 -7.94
CA LYS A 17 -6.19 -3.89 -7.30
C LYS A 17 -6.73 -5.01 -6.42
N ILE A 18 -6.74 -4.78 -5.12
CA ILE A 18 -7.23 -5.78 -4.18
C ILE A 18 -8.58 -5.37 -3.60
N ASN A 19 -9.33 -6.34 -3.08
CA ASN A 19 -10.64 -6.08 -2.49
C ASN A 19 -10.63 -6.40 -1.00
N SER A 20 -9.71 -7.25 -0.58
CA SER A 20 -9.60 -7.64 0.83
C SER A 20 -8.49 -6.86 1.52
N VAL A 21 -8.73 -6.52 2.78
CA VAL A 21 -7.75 -5.77 3.57
C VAL A 21 -6.73 -6.70 4.20
N ASP A 22 -7.00 -8.00 4.15
CA ASP A 22 -6.11 -9.00 4.72
C ASP A 22 -4.76 -8.98 4.00
N ASP A 23 -4.79 -8.75 2.69
CA ASP A 23 -3.57 -8.71 1.89
C ASP A 23 -2.90 -7.33 1.99
N ILE A 24 -2.62 -6.90 3.21
CA ILE A 24 -1.99 -5.61 3.44
C ILE A 24 -0.75 -5.75 4.32
N ILE A 25 0.31 -5.03 3.97
CA ILE A 25 1.55 -5.08 4.72
C ILE A 25 2.05 -3.68 5.05
N ILE A 26 3.20 -3.60 5.71
CA ILE A 26 3.79 -2.31 6.07
C ILE A 26 4.33 -1.59 4.85
N LYS A 27 4.70 -2.36 3.84
CA LYS A 27 5.24 -1.79 2.60
C LYS A 27 4.14 -1.55 1.59
N CYS A 28 2.89 -1.80 2.00
CA CYS A 28 1.75 -1.61 1.12
C CYS A 28 1.20 -0.19 1.25
N GLN A 29 0.83 0.40 0.11
CA GLN A 29 0.30 1.76 0.09
C GLN A 29 -1.09 1.79 -0.55
N CYS A 30 -2.04 2.41 0.14
CA CYS A 30 -3.41 2.51 -0.36
C CYS A 30 -3.98 3.89 -0.08
N TRP A 31 -5.12 4.18 -0.69
CA TRP A 31 -5.78 5.47 -0.52
C TRP A 31 -6.77 5.42 0.64
N VAL A 32 -6.76 6.46 1.46
CA VAL A 32 -7.66 6.53 2.62
C VAL A 32 -8.69 7.64 2.45
N GLN A 33 -9.92 7.38 2.87
CA GLN A 33 -11.00 8.35 2.76
C GLN A 33 -10.97 9.34 3.93
N LYS A 34 -10.73 10.60 3.62
CA LYS A 34 -10.66 11.65 4.64
C LYS A 34 -11.27 12.95 4.12
N ASN A 35 -12.07 13.60 4.95
CA ASN A 35 -12.71 14.85 4.58
C ASN A 35 -13.47 14.71 3.27
N ASP A 36 -14.31 13.68 3.19
CA ASP A 36 -15.10 13.43 2.00
C ASP A 36 -14.21 13.40 0.76
N GLU A 37 -12.96 13.01 0.94
CA GLU A 37 -12.01 12.94 -0.15
C GLU A 37 -11.13 11.70 -0.03
N GLU A 38 -10.26 11.49 -1.02
CA GLU A 38 -9.36 10.34 -1.01
C GLU A 38 -7.91 10.80 -1.15
N ARG A 39 -7.07 10.36 -0.21
CA ARG A 39 -5.66 10.72 -0.22
C ARG A 39 -4.77 9.47 -0.10
N LEU A 40 -3.61 9.51 -0.75
CA LEU A 40 -2.68 8.39 -0.71
C LEU A 40 -2.05 8.25 0.67
N ALA A 41 -2.16 7.05 1.23
CA ALA A 41 -1.59 6.78 2.55
C ALA A 41 -0.76 5.50 2.54
N GLU A 42 0.38 5.53 3.22
CA GLU A 42 1.27 4.38 3.29
C GLU A 42 1.09 3.63 4.60
N ILE A 43 0.88 2.32 4.50
CA ILE A 43 0.69 1.49 5.68
C ILE A 43 1.94 1.48 6.55
N LEU A 44 1.73 1.48 7.87
CA LEU A 44 2.85 1.47 8.81
C LEU A 44 2.85 0.18 9.63
N SER A 45 1.67 -0.23 10.09
CA SER A 45 1.55 -1.44 10.88
C SER A 45 0.14 -2.02 10.77
N ILE A 46 -0.05 -3.20 11.34
CA ILE A 46 -1.36 -3.87 11.31
C ILE A 46 -1.80 -4.26 12.72
N ASN A 47 -3.11 -4.21 12.96
CA ASN A 47 -3.66 -4.57 14.25
C ASN A 47 -4.97 -5.34 14.09
N THR A 48 -4.89 -6.67 14.18
CA THR A 48 -6.05 -7.52 14.05
C THR A 48 -6.58 -7.96 15.41
N ARG A 49 -6.67 -7.00 16.34
CA ARG A 49 -7.16 -7.28 17.68
C ARG A 49 -8.62 -6.87 17.82
N LYS A 50 -9.26 -6.56 16.69
CA LYS A 50 -10.66 -6.15 16.69
C LYS A 50 -11.40 -6.77 15.50
N ALA A 51 -12.70 -6.53 15.44
CA ALA A 51 -13.53 -7.06 14.35
C ALA A 51 -14.56 -6.03 13.90
N PRO A 52 -14.35 -5.47 12.70
CA PRO A 52 -13.20 -5.81 11.86
C PRO A 52 -11.88 -5.29 12.45
N PRO A 53 -10.76 -5.78 11.89
CA PRO A 53 -9.42 -5.39 12.34
C PRO A 53 -9.09 -3.95 11.96
N LYS A 54 -8.05 -3.41 12.58
CA LYS A 54 -7.62 -2.04 12.32
C LYS A 54 -6.23 -2.02 11.69
N PHE A 55 -5.90 -0.90 11.06
CA PHE A 55 -4.60 -0.75 10.41
C PHE A 55 -4.04 0.66 10.62
N TYR A 56 -2.72 0.76 10.62
CA TYR A 56 -2.06 2.05 10.82
C TYR A 56 -1.62 2.65 9.49
N VAL A 57 -2.20 3.80 9.14
CA VAL A 57 -1.87 4.47 7.89
C VAL A 57 -1.17 5.79 8.15
N HIS A 58 -0.36 6.23 7.19
CA HIS A 58 0.38 7.49 7.31
C HIS A 58 0.30 8.30 6.02
N TYR A 59 -0.36 9.45 6.09
CA TYR A 59 -0.50 10.31 4.94
C TYR A 59 0.86 10.78 4.43
N VAL A 60 1.28 10.23 3.29
CA VAL A 60 2.55 10.59 2.69
C VAL A 60 2.60 12.08 2.34
N ASN A 61 1.45 12.63 1.97
CA ASN A 61 1.36 14.04 1.63
C ASN A 61 1.46 14.93 2.86
N TYR A 62 1.15 14.35 4.02
CA TYR A 62 1.19 15.08 5.28
C TYR A 62 2.36 14.61 6.14
N ASN A 63 2.46 15.15 7.35
CA ASN A 63 3.53 14.78 8.27
C ASN A 63 3.17 13.51 9.03
N LYS A 64 4.13 13.00 9.80
CA LYS A 64 3.91 11.78 10.58
C LYS A 64 2.88 12.02 11.68
N ARG A 65 2.57 13.29 11.92
CA ARG A 65 1.60 13.64 12.95
C ARG A 65 0.17 13.48 12.44
N LEU A 66 0.05 13.05 11.18
CA LEU A 66 -1.27 12.85 10.57
C LEU A 66 -1.66 11.37 10.60
N ASP A 67 -0.66 10.51 10.64
CA ASP A 67 -0.89 9.07 10.67
C ASP A 67 -1.86 8.70 11.80
N GLU A 68 -2.49 7.55 11.67
CA GLU A 68 -3.44 7.08 12.68
C GLU A 68 -3.94 5.67 12.35
N TRP A 69 -4.86 5.18 13.18
CA TRP A 69 -5.42 3.84 12.98
C TRP A 69 -6.77 3.91 12.29
N ILE A 70 -6.84 3.44 11.05
CA ILE A 70 -8.07 3.44 10.28
C ILE A 70 -8.65 2.04 10.16
N THR A 71 -9.97 1.96 9.97
CA THR A 71 -10.64 0.68 9.83
C THR A 71 -10.91 0.35 8.37
N THR A 72 -11.44 -0.84 8.11
CA THR A 72 -11.74 -1.27 6.76
C THR A 72 -12.66 -0.28 6.05
N ASP A 73 -13.67 0.20 6.78
CA ASP A 73 -14.61 1.17 6.22
C ASP A 73 -13.93 2.50 5.94
N ARG A 74 -12.72 2.66 6.47
CA ARG A 74 -11.96 3.89 6.28
C ARG A 74 -10.92 3.72 5.17
N ILE A 75 -10.88 2.53 4.57
CA ILE A 75 -9.94 2.24 3.50
C ILE A 75 -10.61 2.35 2.14
N ASN A 76 -9.86 2.86 1.17
CA ASN A 76 -10.38 3.01 -0.19
C ASN A 76 -9.89 1.88 -1.09
N LEU A 77 -10.79 0.94 -1.39
CA LEU A 77 -10.45 -0.20 -2.24
C LEU A 77 -10.85 0.07 -3.68
N ASP A 78 -10.93 1.35 -4.04
CA ASP A 78 -11.30 1.74 -5.39
C ASP A 78 -10.07 2.11 -6.21
N LYS A 79 -9.00 2.51 -5.52
CA LYS A 79 -7.76 2.88 -6.17
C LYS A 79 -6.75 1.75 -6.12
N GLU A 80 -5.98 1.59 -7.20
CA GLU A 80 -4.97 0.54 -7.28
C GLU A 80 -4.06 0.57 -6.06
N VAL A 81 -3.58 -0.60 -5.65
CA VAL A 81 -2.70 -0.71 -4.50
C VAL A 81 -1.25 -0.86 -4.93
N LEU A 82 -0.35 -0.18 -4.23
CA LEU A 82 1.08 -0.24 -4.54
C LEU A 82 1.80 -1.19 -3.59
N TYR A 83 2.50 -2.17 -4.16
CA TYR A 83 3.25 -3.14 -3.36
C TYR A 83 4.75 -3.01 -3.60
N PRO A 84 5.54 -3.48 -2.63
CA PRO A 84 7.01 -3.42 -2.71
C PRO A 84 7.57 -4.36 -3.76
N LYS A 85 8.84 -4.18 -4.09
CA LYS A 85 9.50 -5.01 -5.10
C LYS A 85 10.79 -5.62 -4.54
N LEU A 86 10.85 -6.94 -4.51
CA LEU A 86 12.02 -7.64 -4.01
C LEU A 86 12.54 -8.66 -5.03
N LYS A 87 13.86 -8.78 -5.12
CA LYS A 87 14.48 -9.72 -6.06
C LYS A 87 15.41 -10.67 -5.33
N ALA A 88 14.90 -11.85 -4.99
CA ALA A 88 15.69 -12.85 -4.28
C ALA A 88 16.65 -13.55 -5.24
N THR A 89 17.95 -13.40 -4.99
CA THR A 89 18.97 -14.01 -5.82
C THR A 89 19.93 -14.86 -4.99
N ASP A 90 20.34 -14.32 -3.85
CA ASP A 90 21.26 -15.03 -2.96
C ASP A 90 20.53 -15.53 -1.70
N GLU A 91 19.23 -15.75 -1.84
CA GLU A 91 18.42 -16.23 -0.72
C GLU A 91 17.91 -17.64 -0.98
N ASP A 92 18.45 -18.60 -0.24
CA ASP A 92 18.04 -20.00 -0.38
C ASP A 92 17.17 -20.44 0.79
N GLY A 1 31.00 -5.71 -31.76
CA GLY A 1 29.95 -4.72 -31.91
C GLY A 1 29.42 -4.22 -30.58
N SER A 2 28.93 -2.98 -30.57
CA SER A 2 28.40 -2.40 -29.35
C SER A 2 27.33 -1.36 -29.67
N HIS A 3 26.08 -1.68 -29.35
CA HIS A 3 24.96 -0.78 -29.61
C HIS A 3 24.15 -0.56 -28.33
N MET A 4 23.58 0.64 -28.20
CA MET A 4 22.78 0.99 -27.04
C MET A 4 21.29 1.02 -27.40
N SER A 5 20.86 0.02 -28.17
CA SER A 5 19.46 -0.06 -28.58
C SER A 5 18.53 -0.06 -27.37
N HIS A 6 17.46 0.73 -27.45
CA HIS A 6 16.50 0.83 -26.36
C HIS A 6 15.12 0.37 -26.81
N ASP A 7 14.51 -0.50 -26.03
CA ASP A 7 13.18 -1.02 -26.35
C ASP A 7 12.11 -0.35 -25.50
N GLY A 8 12.04 -0.73 -24.23
CA GLY A 8 11.06 -0.15 -23.33
C GLY A 8 11.67 0.29 -22.01
N LYS A 9 10.93 1.11 -21.26
CA LYS A 9 11.40 1.60 -19.97
C LYS A 9 10.61 0.97 -18.83
N GLU A 10 11.31 0.25 -17.96
CA GLU A 10 10.67 -0.41 -16.83
C GLU A 10 11.10 0.26 -15.52
N GLU A 11 10.16 0.36 -14.59
CA GLU A 11 10.44 0.98 -13.29
C GLU A 11 9.95 0.09 -12.15
N PRO A 12 10.48 0.32 -10.94
CA PRO A 12 10.12 -0.44 -9.75
C PRO A 12 8.70 -0.15 -9.29
N GLY A 13 8.29 -0.80 -8.20
CA GLY A 13 6.95 -0.60 -7.67
C GLY A 13 5.90 -1.39 -8.42
N ILE A 14 5.30 -2.35 -7.72
CA ILE A 14 4.27 -3.19 -8.32
C ILE A 14 2.87 -2.71 -7.94
N ALA A 15 2.09 -2.33 -8.93
CA ALA A 15 0.73 -1.86 -8.69
C ALA A 15 -0.29 -2.95 -9.00
N LYS A 16 -1.04 -3.37 -7.98
CA LYS A 16 -2.05 -4.40 -8.15
C LYS A 16 -3.36 -3.99 -7.47
N LYS A 17 -4.48 -4.45 -8.04
CA LYS A 17 -5.79 -4.13 -7.49
C LYS A 17 -6.32 -5.29 -6.65
N ILE A 18 -6.40 -5.07 -5.34
CA ILE A 18 -6.90 -6.10 -4.43
C ILE A 18 -8.30 -5.76 -3.93
N ASN A 19 -8.93 -6.72 -3.26
CA ASN A 19 -10.27 -6.53 -2.73
C ASN A 19 -10.38 -7.09 -1.31
N SER A 20 -9.24 -7.25 -0.66
CA SER A 20 -9.21 -7.79 0.70
C SER A 20 -8.17 -7.05 1.54
N VAL A 21 -8.62 -6.51 2.67
CA VAL A 21 -7.73 -5.78 3.58
C VAL A 21 -6.72 -6.72 4.23
N ASP A 22 -7.01 -8.01 4.17
CA ASP A 22 -6.12 -9.01 4.76
C ASP A 22 -4.74 -8.97 4.10
N ASP A 23 -4.73 -8.75 2.79
CA ASP A 23 -3.47 -8.69 2.05
C ASP A 23 -2.84 -7.30 2.16
N ILE A 24 -2.62 -6.85 3.39
CA ILE A 24 -2.03 -5.54 3.63
C ILE A 24 -0.82 -5.65 4.56
N ILE A 25 0.29 -5.05 4.14
CA ILE A 25 1.52 -5.08 4.92
C ILE A 25 2.00 -3.66 5.23
N ILE A 26 3.14 -3.57 5.90
CA ILE A 26 3.71 -2.27 6.26
C ILE A 26 4.26 -1.55 5.04
N LYS A 27 4.61 -2.33 4.01
CA LYS A 27 5.14 -1.76 2.77
C LYS A 27 4.02 -1.55 1.76
N CYS A 28 2.79 -1.81 2.17
CA CYS A 28 1.64 -1.64 1.30
C CYS A 28 1.06 -0.23 1.41
N GLN A 29 0.67 0.33 0.27
CA GLN A 29 0.10 1.68 0.25
C GLN A 29 -1.26 1.69 -0.43
N CYS A 30 -2.23 2.34 0.19
CA CYS A 30 -3.58 2.42 -0.35
C CYS A 30 -4.17 3.82 -0.14
N TRP A 31 -5.34 4.05 -0.73
CA TRP A 31 -6.01 5.34 -0.61
C TRP A 31 -7.03 5.32 0.51
N VAL A 32 -7.02 6.36 1.34
CA VAL A 32 -7.96 6.46 2.45
C VAL A 32 -8.88 7.66 2.29
N GLN A 33 -10.17 7.45 2.51
CA GLN A 33 -11.16 8.52 2.39
C GLN A 33 -11.18 9.38 3.64
N LYS A 34 -10.81 10.64 3.50
CA LYS A 34 -10.80 11.57 4.62
C LYS A 34 -11.22 12.97 4.18
N ASN A 35 -12.07 13.60 4.98
CA ASN A 35 -12.55 14.95 4.66
C ASN A 35 -13.26 14.97 3.31
N ASP A 36 -14.19 14.04 3.12
CA ASP A 36 -14.94 13.96 1.87
C ASP A 36 -13.99 13.93 0.67
N GLU A 37 -12.77 13.44 0.89
CA GLU A 37 -11.78 13.36 -0.17
C GLU A 37 -10.98 12.06 -0.07
N GLU A 38 -10.08 11.85 -1.03
CA GLU A 38 -9.26 10.65 -1.05
C GLU A 38 -7.77 11.01 -1.05
N ARG A 39 -7.04 10.49 -0.07
CA ARG A 39 -5.61 10.76 0.04
C ARG A 39 -4.82 9.45 0.11
N LEU A 40 -3.70 9.41 -0.61
CA LEU A 40 -2.86 8.22 -0.62
C LEU A 40 -2.15 8.03 0.72
N ALA A 41 -2.61 7.03 1.47
CA ALA A 41 -2.03 6.74 2.77
C ALA A 41 -1.15 5.49 2.72
N GLU A 42 0.01 5.56 3.37
CA GLU A 42 0.93 4.43 3.38
C GLU A 42 0.82 3.65 4.69
N ILE A 43 0.63 2.34 4.59
CA ILE A 43 0.51 1.49 5.77
C ILE A 43 1.79 1.51 6.60
N LEU A 44 1.64 1.50 7.91
CA LEU A 44 2.78 1.51 8.81
C LEU A 44 2.78 0.29 9.73
N SER A 45 1.57 -0.17 10.08
CA SER A 45 1.43 -1.34 10.94
C SER A 45 0.01 -1.90 10.86
N ILE A 46 -0.16 -3.13 11.33
CA ILE A 46 -1.47 -3.78 11.32
C ILE A 46 -1.84 -4.29 12.71
N ASN A 47 -3.09 -4.07 13.08
CA ASN A 47 -3.59 -4.52 14.39
C ASN A 47 -4.89 -5.29 14.25
N THR A 48 -4.79 -6.62 14.37
CA THR A 48 -5.95 -7.48 14.24
C THR A 48 -6.48 -7.89 15.62
N ARG A 49 -6.95 -6.92 16.39
CA ARG A 49 -7.47 -7.19 17.72
C ARG A 49 -8.94 -6.81 17.81
N LYS A 50 -9.55 -6.51 16.67
CA LYS A 50 -10.96 -6.13 16.62
C LYS A 50 -11.65 -6.76 15.41
N ALA A 51 -12.95 -6.53 15.30
CA ALA A 51 -13.73 -7.07 14.19
C ALA A 51 -14.76 -6.06 13.70
N PRO A 52 -14.47 -5.43 12.55
CA PRO A 52 -13.24 -5.69 11.79
C PRO A 52 -12.00 -5.17 12.51
N PRO A 53 -10.82 -5.61 12.05
CA PRO A 53 -9.53 -5.20 12.63
C PRO A 53 -9.21 -3.74 12.33
N LYS A 54 -8.04 -3.30 12.77
CA LYS A 54 -7.60 -1.93 12.54
C LYS A 54 -6.26 -1.89 11.84
N PHE A 55 -5.96 -0.77 11.18
CA PHE A 55 -4.70 -0.61 10.47
C PHE A 55 -4.15 0.80 10.65
N TYR A 56 -2.83 0.92 10.64
CA TYR A 56 -2.17 2.21 10.81
C TYR A 56 -1.73 2.77 9.47
N VAL A 57 -2.32 3.90 9.09
CA VAL A 57 -1.99 4.55 7.82
C VAL A 57 -1.24 5.86 8.05
N HIS A 58 -0.49 6.29 7.04
CA HIS A 58 0.27 7.53 7.14
C HIS A 58 0.16 8.33 5.84
N TYR A 59 -0.40 9.53 5.94
CA TYR A 59 -0.56 10.40 4.78
C TYR A 59 0.79 10.86 4.24
N VAL A 60 1.13 10.37 3.05
CA VAL A 60 2.39 10.73 2.41
C VAL A 60 2.49 12.23 2.18
N ASN A 61 1.34 12.88 2.02
CA ASN A 61 1.29 14.31 1.79
C ASN A 61 1.58 15.09 3.07
N TYR A 62 1.38 14.43 4.21
CA TYR A 62 1.62 15.06 5.50
C TYR A 62 2.82 14.41 6.20
N ASN A 63 3.06 14.82 7.44
CA ASN A 63 4.18 14.28 8.21
C ASN A 63 3.77 13.00 8.94
N LYS A 64 4.76 12.33 9.51
CA LYS A 64 4.51 11.08 10.24
C LYS A 64 3.62 11.34 11.46
N ARG A 65 3.50 12.61 11.85
CA ARG A 65 2.68 12.98 13.00
C ARG A 65 1.21 13.07 12.61
N LEU A 66 0.92 12.80 11.34
CA LEU A 66 -0.45 12.85 10.84
C LEU A 66 -1.05 11.44 10.77
N ASP A 67 -0.18 10.43 10.74
CA ASP A 67 -0.63 9.05 10.66
C ASP A 67 -1.64 8.75 11.76
N GLU A 68 -2.43 7.69 11.56
CA GLU A 68 -3.45 7.30 12.53
C GLU A 68 -3.98 5.90 12.23
N TRP A 69 -4.99 5.48 12.98
CA TRP A 69 -5.59 4.17 12.80
C TRP A 69 -6.90 4.27 12.02
N ILE A 70 -7.14 3.31 11.15
CA ILE A 70 -8.36 3.29 10.34
C ILE A 70 -8.91 1.88 10.21
N THR A 71 -10.20 1.77 9.94
CA THR A 71 -10.86 0.48 9.79
C THR A 71 -11.10 0.16 8.32
N THR A 72 -11.62 -1.04 8.07
CA THR A 72 -11.91 -1.47 6.70
C THR A 72 -12.81 -0.47 5.98
N ASP A 73 -13.84 0.00 6.67
CA ASP A 73 -14.76 0.97 6.10
C ASP A 73 -14.06 2.29 5.80
N ARG A 74 -12.87 2.47 6.37
CA ARG A 74 -12.09 3.68 6.17
C ARG A 74 -11.01 3.47 5.11
N ILE A 75 -11.11 2.36 4.38
CA ILE A 75 -10.14 2.03 3.34
C ILE A 75 -10.79 2.07 1.96
N ASN A 76 -10.06 2.62 0.99
CA ASN A 76 -10.56 2.71 -0.38
C ASN A 76 -9.99 1.59 -1.25
N LEU A 77 -10.82 0.60 -1.54
CA LEU A 77 -10.41 -0.54 -2.36
C LEU A 77 -10.78 -0.31 -3.82
N ASP A 78 -10.92 0.95 -4.20
CA ASP A 78 -11.27 1.30 -5.58
C ASP A 78 -10.03 1.70 -6.38
N LYS A 79 -9.00 2.15 -5.67
CA LYS A 79 -7.76 2.57 -6.30
C LYS A 79 -6.70 1.48 -6.20
N GLU A 80 -5.86 1.38 -7.23
CA GLU A 80 -4.81 0.38 -7.26
C GLU A 80 -3.95 0.45 -6.01
N VAL A 81 -3.44 -0.70 -5.58
CA VAL A 81 -2.60 -0.77 -4.38
C VAL A 81 -1.12 -0.84 -4.76
N LEU A 82 -0.30 -0.17 -3.95
CA LEU A 82 1.14 -0.15 -4.19
C LEU A 82 1.86 -1.14 -3.29
N TYR A 83 2.73 -1.96 -3.89
CA TYR A 83 3.48 -2.95 -3.14
C TYR A 83 4.98 -2.79 -3.36
N PRO A 84 5.77 -3.30 -2.42
CA PRO A 84 7.25 -3.22 -2.49
C PRO A 84 7.82 -4.10 -3.59
N LYS A 85 9.06 -3.81 -3.99
CA LYS A 85 9.73 -4.57 -5.04
C LYS A 85 10.73 -5.54 -4.45
N LEU A 86 10.78 -6.75 -5.01
CA LEU A 86 11.70 -7.77 -4.54
C LEU A 86 12.90 -7.91 -5.47
N LYS A 87 14.05 -8.24 -4.90
CA LYS A 87 15.27 -8.39 -5.69
C LYS A 87 16.30 -9.22 -4.93
N ALA A 88 16.93 -10.15 -5.62
CA ALA A 88 17.95 -11.00 -5.01
C ALA A 88 19.27 -10.92 -5.77
N THR A 89 20.36 -11.33 -5.12
CA THR A 89 21.67 -11.29 -5.73
C THR A 89 22.46 -12.56 -5.39
N ASP A 90 23.44 -12.89 -6.24
CA ASP A 90 24.26 -14.06 -6.04
C ASP A 90 25.73 -13.67 -5.81
N GLU A 91 26.24 -13.99 -4.62
CA GLU A 91 27.62 -13.67 -4.29
C GLU A 91 28.43 -14.94 -4.01
N ASP A 92 28.02 -16.04 -4.63
CA ASP A 92 28.70 -17.32 -4.45
C ASP A 92 29.23 -17.83 -5.78
N GLY A 1 29.95 -10.79 -27.40
CA GLY A 1 28.74 -10.35 -26.71
C GLY A 1 27.49 -10.59 -27.52
N SER A 2 26.43 -9.84 -27.20
CA SER A 2 25.17 -9.98 -27.89
C SER A 2 25.19 -9.22 -29.22
N HIS A 3 25.49 -9.92 -30.30
CA HIS A 3 25.54 -9.31 -31.62
C HIS A 3 24.18 -8.72 -32.00
N MET A 4 23.12 -9.35 -31.55
CA MET A 4 21.76 -8.89 -31.84
C MET A 4 21.43 -7.66 -31.01
N SER A 5 20.40 -6.93 -31.44
CA SER A 5 19.97 -5.72 -30.74
C SER A 5 18.48 -5.77 -30.43
N HIS A 6 18.14 -5.61 -29.16
CA HIS A 6 16.74 -5.63 -28.73
C HIS A 6 16.40 -4.37 -27.93
N ASP A 7 15.13 -4.23 -27.58
CA ASP A 7 14.66 -3.07 -26.82
C ASP A 7 13.73 -3.50 -25.69
N GLY A 8 13.79 -2.79 -24.57
CA GLY A 8 12.94 -3.11 -23.43
C GLY A 8 13.32 -2.33 -22.20
N LYS A 9 12.31 -1.92 -21.43
CA LYS A 9 12.55 -1.16 -20.20
C LYS A 9 11.64 -1.64 -19.08
N GLU A 10 12.20 -1.77 -17.88
CA GLU A 10 11.43 -2.22 -16.73
C GLU A 10 11.84 -1.47 -15.47
N GLU A 11 10.87 -1.13 -14.64
CA GLU A 11 11.13 -0.41 -13.39
C GLU A 11 10.40 -1.06 -12.22
N PRO A 12 10.87 -0.76 -11.00
CA PRO A 12 10.28 -1.30 -9.78
C PRO A 12 8.90 -0.72 -9.50
N GLY A 13 8.24 -1.26 -8.47
CA GLY A 13 6.90 -0.79 -8.12
C GLY A 13 5.81 -1.66 -8.71
N ILE A 14 5.21 -2.50 -7.89
CA ILE A 14 4.15 -3.38 -8.33
C ILE A 14 2.77 -2.83 -7.95
N ALA A 15 1.98 -2.50 -8.96
CA ALA A 15 0.65 -1.96 -8.74
C ALA A 15 -0.43 -3.00 -9.04
N LYS A 16 -1.23 -3.33 -8.03
CA LYS A 16 -2.29 -4.31 -8.19
C LYS A 16 -3.55 -3.88 -7.45
N LYS A 17 -4.71 -4.24 -8.00
CA LYS A 17 -5.99 -3.89 -7.39
C LYS A 17 -6.55 -5.06 -6.59
N ILE A 18 -6.67 -4.87 -5.28
CA ILE A 18 -7.19 -5.91 -4.40
C ILE A 18 -8.62 -5.58 -3.95
N ASN A 19 -9.21 -6.48 -3.19
CA ASN A 19 -10.57 -6.29 -2.69
C ASN A 19 -10.69 -6.77 -1.24
N SER A 20 -9.55 -6.97 -0.60
CA SER A 20 -9.53 -7.43 0.79
C SER A 20 -8.44 -6.72 1.58
N VAL A 21 -8.76 -6.35 2.82
CA VAL A 21 -7.80 -5.67 3.68
C VAL A 21 -6.80 -6.64 4.29
N ASP A 22 -7.15 -7.93 4.24
CA ASP A 22 -6.28 -8.97 4.78
C ASP A 22 -4.93 -9.00 4.05
N ASP A 23 -4.98 -8.79 2.74
CA ASP A 23 -3.76 -8.79 1.93
C ASP A 23 -3.07 -7.43 1.99
N ILE A 24 -2.76 -6.99 3.21
CA ILE A 24 -2.10 -5.71 3.40
C ILE A 24 -0.84 -5.86 4.27
N ILE A 25 0.19 -5.10 3.93
CA ILE A 25 1.45 -5.16 4.68
C ILE A 25 1.93 -3.76 5.05
N ILE A 26 3.09 -3.69 5.70
CA ILE A 26 3.65 -2.41 6.11
C ILE A 26 4.17 -1.63 4.91
N LYS A 27 4.63 -2.35 3.89
CA LYS A 27 5.16 -1.73 2.68
C LYS A 27 4.04 -1.49 1.67
N CYS A 28 2.80 -1.79 2.07
CA CYS A 28 1.65 -1.60 1.20
C CYS A 28 1.12 -0.18 1.31
N GLN A 29 0.73 0.40 0.17
CA GLN A 29 0.20 1.76 0.15
C GLN A 29 -1.16 1.79 -0.54
N CYS A 30 -2.14 2.40 0.13
CA CYS A 30 -3.49 2.51 -0.41
C CYS A 30 -4.01 3.93 -0.27
N TRP A 31 -5.30 4.10 -0.56
CA TRP A 31 -5.93 5.41 -0.49
C TRP A 31 -7.00 5.44 0.60
N VAL A 32 -7.00 6.50 1.40
CA VAL A 32 -7.97 6.64 2.48
C VAL A 32 -8.90 7.82 2.23
N GLN A 33 -10.17 7.66 2.58
CA GLN A 33 -11.17 8.71 2.39
C GLN A 33 -11.15 9.68 3.57
N LYS A 34 -10.81 10.93 3.29
CA LYS A 34 -10.76 11.96 4.32
C LYS A 34 -11.24 13.30 3.78
N ASN A 35 -12.06 13.99 4.57
CA ASN A 35 -12.59 15.30 4.16
C ASN A 35 -13.27 15.20 2.79
N ASP A 36 -14.16 14.24 2.65
CA ASP A 36 -14.88 14.04 1.39
C ASP A 36 -13.91 13.95 0.22
N GLU A 37 -12.70 13.50 0.50
CA GLU A 37 -11.68 13.37 -0.54
C GLU A 37 -10.87 12.09 -0.34
N GLU A 38 -9.90 11.87 -1.22
CA GLU A 38 -9.06 10.68 -1.15
C GLU A 38 -7.58 11.06 -1.13
N ARG A 39 -6.87 10.59 -0.11
CA ARG A 39 -5.45 10.89 0.04
C ARG A 39 -4.64 9.60 0.11
N LEU A 40 -3.50 9.59 -0.58
CA LEU A 40 -2.63 8.42 -0.59
C LEU A 40 -2.04 8.16 0.79
N ALA A 41 -2.52 7.08 1.43
CA ALA A 41 -2.04 6.72 2.76
C ALA A 41 -1.16 5.47 2.70
N GLU A 42 0.00 5.54 3.35
CA GLU A 42 0.93 4.41 3.36
C GLU A 42 0.81 3.65 4.67
N ILE A 43 0.68 2.32 4.57
CA ILE A 43 0.57 1.46 5.74
C ILE A 43 1.84 1.52 6.59
N LEU A 44 1.67 1.50 7.91
CA LEU A 44 2.79 1.54 8.82
C LEU A 44 2.85 0.28 9.69
N SER A 45 1.67 -0.28 9.97
CA SER A 45 1.58 -1.48 10.79
C SER A 45 0.17 -2.06 10.74
N ILE A 46 0.02 -3.29 11.24
CA ILE A 46 -1.27 -3.96 11.26
C ILE A 46 -1.67 -4.35 12.68
N ASN A 47 -2.96 -4.27 12.98
CA ASN A 47 -3.47 -4.62 14.29
C ASN A 47 -4.79 -5.38 14.18
N THR A 48 -4.71 -6.71 14.23
CA THR A 48 -5.91 -7.54 14.14
C THR A 48 -6.36 -8.01 15.52
N ARG A 49 -6.60 -7.06 16.42
CA ARG A 49 -7.04 -7.37 17.77
C ARG A 49 -8.55 -7.23 17.90
N LYS A 50 -9.17 -6.63 16.88
CA LYS A 50 -10.61 -6.43 16.89
C LYS A 50 -11.24 -7.01 15.63
N ALA A 51 -12.56 -6.83 15.49
CA ALA A 51 -13.28 -7.33 14.33
C ALA A 51 -14.32 -6.32 13.85
N PRO A 52 -14.11 -5.76 12.65
CA PRO A 52 -12.94 -6.08 11.83
C PRO A 52 -11.64 -5.53 12.43
N PRO A 53 -10.50 -6.00 11.90
CA PRO A 53 -9.17 -5.57 12.36
C PRO A 53 -8.88 -4.12 12.00
N LYS A 54 -7.89 -3.54 12.68
CA LYS A 54 -7.50 -2.17 12.43
C LYS A 54 -6.13 -2.10 11.77
N PHE A 55 -5.85 -0.96 11.12
CA PHE A 55 -4.57 -0.78 10.45
C PHE A 55 -4.04 0.64 10.65
N TYR A 56 -2.73 0.79 10.65
CA TYR A 56 -2.10 2.09 10.84
C TYR A 56 -1.68 2.69 9.50
N VAL A 57 -2.23 3.86 9.18
CA VAL A 57 -1.90 4.54 7.94
C VAL A 57 -1.24 5.88 8.20
N HIS A 58 -0.44 6.34 7.24
CA HIS A 58 0.25 7.62 7.38
C HIS A 58 0.13 8.45 6.10
N TYR A 59 -0.33 9.69 6.24
CA TYR A 59 -0.50 10.57 5.10
C TYR A 59 0.84 11.11 4.61
N VAL A 60 1.29 10.60 3.47
CA VAL A 60 2.56 11.03 2.90
C VAL A 60 2.55 12.51 2.57
N ASN A 61 1.36 13.05 2.29
CA ASN A 61 1.22 14.46 1.97
C ASN A 61 1.44 15.32 3.21
N TYR A 62 1.23 14.73 4.39
CA TYR A 62 1.40 15.45 5.64
C TYR A 62 2.52 14.83 6.47
N ASN A 63 2.68 15.32 7.70
CA ASN A 63 3.72 14.81 8.58
C ASN A 63 3.29 13.51 9.24
N LYS A 64 4.21 12.88 9.96
CA LYS A 64 3.93 11.61 10.63
C LYS A 64 2.95 11.82 11.79
N ARG A 65 2.72 13.09 12.13
CA ARG A 65 1.80 13.42 13.22
C ARG A 65 0.35 13.36 12.75
N LEU A 66 0.16 13.03 11.48
CA LEU A 66 -1.18 12.93 10.90
C LEU A 66 -1.64 11.48 10.84
N ASP A 67 -0.69 10.56 10.84
CA ASP A 67 -1.00 9.13 10.79
C ASP A 67 -2.00 8.75 11.88
N GLU A 68 -2.65 7.61 11.71
CA GLU A 68 -3.64 7.13 12.67
C GLU A 68 -4.06 5.71 12.35
N TRP A 69 -4.95 5.16 13.17
CA TRP A 69 -5.44 3.80 12.98
C TRP A 69 -6.81 3.80 12.31
N ILE A 70 -6.83 3.44 11.02
CA ILE A 70 -8.07 3.39 10.27
C ILE A 70 -8.61 1.97 10.16
N THR A 71 -9.91 1.85 9.89
CA THR A 71 -10.54 0.54 9.76
C THR A 71 -10.82 0.21 8.30
N THR A 72 -11.32 -1.00 8.07
CA THR A 72 -11.63 -1.45 6.71
C THR A 72 -12.57 -0.46 6.01
N ASP A 73 -13.58 0.00 6.73
CA ASP A 73 -14.56 0.94 6.19
C ASP A 73 -13.90 2.28 5.88
N ARG A 74 -12.69 2.47 6.41
CA ARG A 74 -11.95 3.71 6.20
C ARG A 74 -10.90 3.54 5.10
N ILE A 75 -10.94 2.40 4.43
CA ILE A 75 -9.99 2.12 3.35
C ILE A 75 -10.68 2.16 2.00
N ASN A 76 -9.96 2.66 1.00
CA ASN A 76 -10.50 2.76 -0.36
C ASN A 76 -10.00 1.61 -1.22
N LEU A 77 -10.88 0.66 -1.51
CA LEU A 77 -10.53 -0.50 -2.33
C LEU A 77 -10.90 -0.25 -3.78
N ASP A 78 -11.04 1.01 -4.15
CA ASP A 78 -11.38 1.38 -5.52
C ASP A 78 -10.14 1.80 -6.31
N LYS A 79 -9.12 2.23 -5.58
CA LYS A 79 -7.88 2.67 -6.20
C LYS A 79 -6.82 1.57 -6.14
N GLU A 80 -5.96 1.52 -7.15
CA GLU A 80 -4.90 0.51 -7.20
C GLU A 80 -4.08 0.52 -5.93
N VAL A 81 -3.40 -0.59 -5.65
CA VAL A 81 -2.57 -0.70 -4.46
C VAL A 81 -1.09 -0.81 -4.83
N LEU A 82 -0.24 -0.16 -4.03
CA LEU A 82 1.19 -0.19 -4.27
C LEU A 82 1.88 -1.19 -3.37
N TYR A 83 2.63 -2.10 -3.96
CA TYR A 83 3.35 -3.13 -3.21
C TYR A 83 4.86 -2.94 -3.33
N PRO A 84 5.60 -3.51 -2.38
CA PRO A 84 7.06 -3.43 -2.35
C PRO A 84 7.71 -4.23 -3.48
N LYS A 85 8.92 -3.83 -3.86
CA LYS A 85 9.65 -4.51 -4.93
C LYS A 85 10.90 -5.19 -4.38
N LEU A 86 10.95 -6.52 -4.49
CA LEU A 86 12.08 -7.29 -4.01
C LEU A 86 12.66 -8.16 -5.12
N LYS A 87 13.90 -8.61 -4.94
CA LYS A 87 14.56 -9.46 -5.92
C LYS A 87 14.66 -10.89 -5.43
N ALA A 88 14.42 -11.84 -6.33
CA ALA A 88 14.48 -13.26 -5.99
C ALA A 88 15.93 -13.72 -5.84
N THR A 89 16.25 -14.31 -4.69
CA THR A 89 17.60 -14.80 -4.44
C THR A 89 17.59 -16.29 -4.11
N ASP A 90 18.72 -16.95 -4.33
CA ASP A 90 18.84 -18.37 -4.06
C ASP A 90 20.16 -18.69 -3.37
N GLU A 91 20.11 -19.59 -2.40
CA GLU A 91 21.31 -19.99 -1.65
C GLU A 91 21.50 -21.50 -1.67
N ASP A 92 22.33 -21.97 -2.60
CA ASP A 92 22.60 -23.40 -2.73
C ASP A 92 24.09 -23.66 -2.76
N GLY A 1 21.36 -16.57 2.98
CA GLY A 1 21.93 -17.78 2.43
C GLY A 1 22.80 -17.51 1.23
N SER A 2 22.56 -16.39 0.56
CA SER A 2 23.34 -16.02 -0.62
C SER A 2 23.10 -14.55 -0.99
N HIS A 3 24.17 -13.78 -0.98
CA HIS A 3 24.08 -12.36 -1.32
C HIS A 3 24.07 -12.15 -2.83
N MET A 4 22.90 -11.94 -3.39
CA MET A 4 22.76 -11.73 -4.84
C MET A 4 22.63 -10.25 -5.15
N SER A 5 22.66 -9.92 -6.45
CA SER A 5 22.55 -8.53 -6.89
C SER A 5 21.36 -8.36 -7.82
N HIS A 6 20.70 -7.20 -7.74
CA HIS A 6 19.56 -6.91 -8.57
C HIS A 6 20.00 -6.30 -9.90
N ASP A 7 19.45 -6.83 -11.00
CA ASP A 7 19.78 -6.34 -12.33
C ASP A 7 18.51 -6.05 -13.13
N GLY A 8 18.70 -5.48 -14.32
CA GLY A 8 17.56 -5.16 -15.17
C GLY A 8 17.60 -3.72 -15.66
N LYS A 9 16.81 -3.43 -16.69
CA LYS A 9 16.75 -2.09 -17.26
C LYS A 9 15.44 -1.40 -16.89
N GLU A 10 14.85 -1.81 -15.77
CA GLU A 10 13.60 -1.24 -15.31
C GLU A 10 13.61 -1.04 -13.80
N GLU A 11 12.69 -0.22 -13.30
CA GLU A 11 12.59 0.06 -11.88
C GLU A 11 11.47 -0.74 -11.24
N PRO A 12 11.54 -0.89 -9.90
CA PRO A 12 10.53 -1.63 -9.14
C PRO A 12 9.19 -0.91 -9.10
N GLY A 13 8.28 -1.44 -8.28
CA GLY A 13 6.97 -0.83 -8.15
C GLY A 13 5.87 -1.67 -8.81
N ILE A 14 5.13 -2.39 -7.98
CA ILE A 14 4.05 -3.24 -8.48
C ILE A 14 2.69 -2.65 -8.14
N ALA A 15 1.84 -2.52 -9.16
CA ALA A 15 0.50 -1.97 -8.97
C ALA A 15 -0.56 -3.03 -9.24
N LYS A 16 -1.33 -3.36 -8.22
CA LYS A 16 -2.39 -4.36 -8.34
C LYS A 16 -3.64 -3.91 -7.59
N LYS A 17 -4.80 -4.31 -8.10
CA LYS A 17 -6.07 -3.96 -7.48
C LYS A 17 -6.61 -5.11 -6.64
N ILE A 18 -6.60 -4.93 -5.33
CA ILE A 18 -7.08 -5.96 -4.41
C ILE A 18 -8.47 -5.60 -3.87
N ASN A 19 -9.12 -6.58 -3.23
CA ASN A 19 -10.44 -6.37 -2.67
C ASN A 19 -10.51 -6.91 -1.25
N SER A 20 -9.35 -7.08 -0.62
CA SER A 20 -9.29 -7.59 0.74
C SER A 20 -8.22 -6.86 1.54
N VAL A 21 -8.57 -6.46 2.76
CA VAL A 21 -7.64 -5.75 3.63
C VAL A 21 -6.62 -6.71 4.24
N ASP A 22 -6.93 -8.00 4.19
CA ASP A 22 -6.04 -9.02 4.74
C ASP A 22 -4.70 -9.02 4.01
N ASP A 23 -4.74 -8.82 2.70
CA ASP A 23 -3.52 -8.78 1.89
C ASP A 23 -2.86 -7.41 1.95
N ILE A 24 -2.56 -6.96 3.18
CA ILE A 24 -1.92 -5.66 3.37
C ILE A 24 -0.68 -5.79 4.23
N ILE A 25 0.35 -5.01 3.90
CA ILE A 25 1.60 -5.03 4.65
C ILE A 25 2.05 -3.62 5.00
N ILE A 26 3.21 -3.52 5.65
CA ILE A 26 3.76 -2.23 6.04
C ILE A 26 4.28 -1.47 4.82
N LYS A 27 4.63 -2.21 3.77
CA LYS A 27 5.14 -1.60 2.55
C LYS A 27 4.02 -1.38 1.55
N CYS A 28 2.79 -1.67 1.96
CA CYS A 28 1.63 -1.51 1.09
C CYS A 28 1.05 -0.10 1.23
N GLN A 29 0.65 0.48 0.10
CA GLN A 29 0.09 1.83 0.09
C GLN A 29 -1.28 1.83 -0.59
N CYS A 30 -2.25 2.44 0.07
CA CYS A 30 -3.61 2.52 -0.47
C CYS A 30 -4.18 3.93 -0.31
N TRP A 31 -5.46 4.08 -0.64
CA TRP A 31 -6.12 5.38 -0.54
C TRP A 31 -7.16 5.37 0.58
N VAL A 32 -7.18 6.44 1.37
CA VAL A 32 -8.13 6.56 2.47
C VAL A 32 -9.06 7.75 2.28
N GLN A 33 -10.31 7.59 2.70
CA GLN A 33 -11.29 8.66 2.57
C GLN A 33 -11.21 9.62 3.75
N LYS A 34 -10.93 10.89 3.45
CA LYS A 34 -10.81 11.92 4.48
C LYS A 34 -11.39 13.24 4.00
N ASN A 35 -12.20 13.87 4.85
CA ASN A 35 -12.82 15.15 4.51
C ASN A 35 -13.53 15.07 3.16
N ASP A 36 -14.38 14.05 3.00
CA ASP A 36 -15.12 13.86 1.76
C ASP A 36 -14.18 13.85 0.55
N GLU A 37 -12.94 13.42 0.78
CA GLU A 37 -11.94 13.37 -0.29
C GLU A 37 -11.10 12.10 -0.17
N GLU A 38 -10.18 11.92 -1.12
CA GLU A 38 -9.31 10.76 -1.13
C GLU A 38 -7.85 11.17 -1.03
N ARG A 39 -7.13 10.57 -0.08
CA ARG A 39 -5.71 10.87 0.12
C ARG A 39 -4.88 9.59 0.17
N LEU A 40 -3.79 9.58 -0.58
CA LEU A 40 -2.90 8.42 -0.62
C LEU A 40 -2.26 8.17 0.75
N ALA A 41 -2.70 7.11 1.41
CA ALA A 41 -2.18 6.76 2.73
C ALA A 41 -1.28 5.54 2.65
N GLU A 42 -0.12 5.62 3.29
CA GLU A 42 0.84 4.51 3.29
C GLU A 42 0.75 3.71 4.59
N ILE A 43 0.58 2.41 4.46
CA ILE A 43 0.48 1.53 5.62
C ILE A 43 1.77 1.54 6.43
N LEU A 44 1.64 1.49 7.75
CA LEU A 44 2.79 1.50 8.64
C LEU A 44 2.80 0.25 9.52
N SER A 45 1.61 -0.22 9.89
CA SER A 45 1.50 -1.40 10.74
C SER A 45 0.08 -1.98 10.66
N ILE A 46 -0.10 -3.15 11.25
CA ILE A 46 -1.40 -3.81 11.26
C ILE A 46 -1.77 -4.28 12.66
N ASN A 47 -3.00 -3.96 13.08
CA ASN A 47 -3.48 -4.35 14.40
C ASN A 47 -4.76 -5.17 14.29
N THR A 48 -4.63 -6.49 14.45
CA THR A 48 -5.78 -7.38 14.37
C THR A 48 -6.27 -7.76 15.75
N ARG A 49 -6.78 -6.78 16.48
CA ARG A 49 -7.30 -7.01 17.83
C ARG A 49 -8.78 -6.65 17.91
N LYS A 50 -9.39 -6.40 16.76
CA LYS A 50 -10.80 -6.06 16.71
C LYS A 50 -11.49 -6.73 15.52
N ALA A 51 -12.80 -6.53 15.41
CA ALA A 51 -13.57 -7.12 14.32
C ALA A 51 -14.61 -6.15 13.79
N PRO A 52 -14.33 -5.55 12.62
CA PRO A 52 -13.10 -5.82 11.88
C PRO A 52 -11.86 -5.25 12.57
N PRO A 53 -10.67 -5.71 12.13
CA PRO A 53 -9.40 -5.25 12.70
C PRO A 53 -9.09 -3.81 12.34
N LYS A 54 -7.94 -3.32 12.80
CA LYS A 54 -7.52 -1.95 12.53
C LYS A 54 -6.17 -1.92 11.81
N PHE A 55 -5.89 -0.81 11.14
CA PHE A 55 -4.63 -0.66 10.42
C PHE A 55 -4.06 0.74 10.61
N TYR A 56 -2.74 0.85 10.57
CA TYR A 56 -2.07 2.14 10.74
C TYR A 56 -1.67 2.72 9.39
N VAL A 57 -2.15 3.92 9.11
CA VAL A 57 -1.84 4.59 7.85
C VAL A 57 -1.18 5.95 8.11
N HIS A 58 -0.37 6.39 7.15
CA HIS A 58 0.32 7.67 7.26
C HIS A 58 0.07 8.54 6.03
N TYR A 59 -0.37 9.76 6.25
CA TYR A 59 -0.65 10.69 5.17
C TYR A 59 0.64 11.26 4.58
N VAL A 60 0.98 10.84 3.37
CA VAL A 60 2.19 11.30 2.71
C VAL A 60 2.16 12.81 2.50
N ASN A 61 0.95 13.37 2.39
CA ASN A 61 0.78 14.80 2.20
C ASN A 61 1.19 15.57 3.45
N TYR A 62 1.19 14.88 4.59
CA TYR A 62 1.55 15.50 5.86
C TYR A 62 2.75 14.79 6.49
N ASN A 63 3.06 15.17 7.73
CA ASN A 63 4.18 14.57 8.44
C ASN A 63 3.78 13.23 9.04
N LYS A 64 4.76 12.52 9.60
CA LYS A 64 4.52 11.23 10.22
C LYS A 64 3.70 11.37 11.48
N ARG A 65 3.54 12.61 11.94
CA ARG A 65 2.78 12.88 13.16
C ARG A 65 1.28 12.93 12.86
N LEU A 66 0.93 12.72 11.59
CA LEU A 66 -0.46 12.74 11.18
C LEU A 66 -1.02 11.33 11.06
N ASP A 67 -0.17 10.34 11.31
CA ASP A 67 -0.57 8.94 11.23
C ASP A 67 -1.84 8.70 12.05
N GLU A 68 -2.61 7.69 11.65
CA GLU A 68 -3.85 7.37 12.34
C GLU A 68 -4.23 5.90 12.11
N TRP A 69 -5.13 5.39 12.95
CA TRP A 69 -5.58 4.00 12.83
C TRP A 69 -6.92 3.92 12.13
N ILE A 70 -6.88 3.50 10.86
CA ILE A 70 -8.10 3.38 10.07
C ILE A 70 -8.55 1.92 9.97
N THR A 71 -9.85 1.72 9.83
CA THR A 71 -10.42 0.38 9.73
C THR A 71 -10.70 0.01 8.28
N THR A 72 -11.17 -1.22 8.07
CA THR A 72 -11.48 -1.69 6.73
C THR A 72 -12.45 -0.76 6.02
N ASP A 73 -13.49 -0.35 6.75
CA ASP A 73 -14.50 0.56 6.19
C ASP A 73 -13.90 1.92 5.89
N ARG A 74 -12.70 2.17 6.41
CA ARG A 74 -12.01 3.44 6.20
C ARG A 74 -10.97 3.31 5.10
N ILE A 75 -11.00 2.19 4.39
CA ILE A 75 -10.05 1.94 3.31
C ILE A 75 -10.75 1.98 1.94
N ASN A 76 -10.06 2.50 0.94
CA ASN A 76 -10.61 2.59 -0.40
C ASN A 76 -10.08 1.46 -1.29
N LEU A 77 -10.94 0.49 -1.57
CA LEU A 77 -10.56 -0.64 -2.40
C LEU A 77 -10.94 -0.40 -3.85
N ASP A 78 -11.11 0.86 -4.21
CA ASP A 78 -11.46 1.24 -5.58
C ASP A 78 -10.24 1.69 -6.36
N LYS A 79 -9.20 2.12 -5.64
CA LYS A 79 -7.98 2.59 -6.26
C LYS A 79 -6.91 1.50 -6.23
N GLU A 80 -6.07 1.46 -7.26
CA GLU A 80 -5.00 0.48 -7.36
C GLU A 80 -4.10 0.53 -6.12
N VAL A 81 -3.63 -0.64 -5.69
CA VAL A 81 -2.77 -0.73 -4.52
C VAL A 81 -1.30 -0.85 -4.93
N LEU A 82 -0.44 -0.14 -4.21
CA LEU A 82 1.00 -0.17 -4.50
C LEU A 82 1.72 -1.11 -3.55
N TYR A 83 2.46 -2.06 -4.11
CA TYR A 83 3.21 -3.03 -3.31
C TYR A 83 4.70 -2.96 -3.64
N PRO A 84 5.53 -3.41 -2.69
CA PRO A 84 6.98 -3.42 -2.84
C PRO A 84 7.45 -4.45 -3.87
N LYS A 85 8.71 -4.33 -4.29
CA LYS A 85 9.27 -5.26 -5.27
C LYS A 85 10.46 -6.01 -4.69
N LEU A 86 10.40 -7.34 -4.73
CA LEU A 86 11.47 -8.17 -4.20
C LEU A 86 11.75 -9.35 -5.12
N LYS A 87 12.92 -9.34 -5.76
CA LYS A 87 13.30 -10.41 -6.68
C LYS A 87 14.81 -10.49 -6.81
N ALA A 88 15.38 -11.65 -6.52
CA ALA A 88 16.81 -11.86 -6.62
C ALA A 88 17.15 -12.98 -7.59
N THR A 89 17.50 -12.61 -8.82
CA THR A 89 17.83 -13.59 -9.85
C THR A 89 19.04 -13.14 -10.67
N ASP A 90 20.13 -13.89 -10.59
CA ASP A 90 21.34 -13.56 -11.34
C ASP A 90 21.70 -14.68 -12.31
N GLU A 91 20.89 -14.83 -13.35
CA GLU A 91 21.13 -15.86 -14.36
C GLU A 91 21.53 -15.24 -15.69
N ASP A 92 22.82 -14.93 -15.82
CA ASP A 92 23.33 -14.33 -17.05
C ASP A 92 24.19 -15.33 -17.82
N GLY A 1 17.47 -6.90 -37.46
CA GLY A 1 17.33 -5.49 -37.77
C GLY A 1 16.60 -4.73 -36.68
N SER A 2 15.75 -3.79 -37.08
CA SER A 2 14.99 -2.99 -36.13
C SER A 2 15.92 -2.28 -35.15
N HIS A 3 17.02 -1.75 -35.66
CA HIS A 3 17.99 -1.05 -34.83
C HIS A 3 17.57 0.39 -34.60
N MET A 4 16.84 0.95 -35.56
CA MET A 4 16.37 2.33 -35.47
C MET A 4 15.53 2.53 -34.22
N SER A 5 14.79 1.49 -33.84
CA SER A 5 13.93 1.54 -32.66
C SER A 5 14.74 1.85 -31.41
N HIS A 6 14.10 2.46 -30.42
CA HIS A 6 14.77 2.81 -29.18
C HIS A 6 13.96 2.32 -27.98
N ASP A 7 14.65 1.98 -26.89
CA ASP A 7 13.99 1.49 -25.69
C ASP A 7 14.02 2.56 -24.59
N GLY A 8 13.29 2.31 -23.50
CA GLY A 8 13.25 3.26 -22.41
C GLY A 8 13.95 2.73 -21.17
N LYS A 9 13.23 2.68 -20.06
CA LYS A 9 13.78 2.20 -18.80
C LYS A 9 12.69 1.59 -17.92
N GLU A 10 13.06 0.56 -17.16
CA GLU A 10 12.12 -0.11 -16.28
C GLU A 10 12.48 0.15 -14.81
N GLU A 11 11.46 0.41 -14.00
CA GLU A 11 11.66 0.68 -12.58
C GLU A 11 10.80 -0.24 -11.72
N PRO A 12 11.17 -0.40 -10.44
CA PRO A 12 10.44 -1.25 -9.50
C PRO A 12 9.08 -0.66 -9.13
N GLY A 13 8.30 -1.42 -8.37
CA GLY A 13 6.99 -0.96 -7.96
C GLY A 13 5.87 -1.72 -8.64
N ILE A 14 5.18 -2.58 -7.90
CA ILE A 14 4.08 -3.37 -8.45
C ILE A 14 2.73 -2.76 -8.08
N ALA A 15 1.96 -2.40 -9.08
CA ALA A 15 0.64 -1.81 -8.86
C ALA A 15 -0.47 -2.83 -9.15
N LYS A 16 -1.25 -3.13 -8.13
CA LYS A 16 -2.35 -4.10 -8.26
C LYS A 16 -3.57 -3.63 -7.49
N LYS A 17 -4.75 -3.97 -7.98
CA LYS A 17 -6.00 -3.60 -7.33
C LYS A 17 -6.55 -4.75 -6.50
N ILE A 18 -6.51 -4.61 -5.18
CA ILE A 18 -7.01 -5.63 -4.27
C ILE A 18 -8.40 -5.29 -3.76
N ASN A 19 -9.06 -6.27 -3.16
CA ASN A 19 -10.40 -6.07 -2.62
C ASN A 19 -10.52 -6.64 -1.21
N SER A 20 -9.36 -6.86 -0.57
CA SER A 20 -9.34 -7.40 0.77
C SER A 20 -8.27 -6.71 1.62
N VAL A 21 -8.67 -6.21 2.78
CA VAL A 21 -7.75 -5.52 3.68
C VAL A 21 -6.78 -6.50 4.31
N ASP A 22 -7.11 -7.79 4.25
CA ASP A 22 -6.26 -8.82 4.82
C ASP A 22 -4.89 -8.85 4.12
N ASP A 23 -4.91 -8.65 2.81
CA ASP A 23 -3.68 -8.66 2.02
C ASP A 23 -2.99 -7.30 2.09
N ILE A 24 -2.71 -6.85 3.31
CA ILE A 24 -2.05 -5.57 3.51
C ILE A 24 -0.81 -5.72 4.40
N ILE A 25 0.24 -4.96 4.07
CA ILE A 25 1.48 -5.01 4.84
C ILE A 25 2.00 -3.61 5.12
N ILE A 26 3.16 -3.54 5.77
CA ILE A 26 3.77 -2.26 6.10
C ILE A 26 4.30 -1.57 4.86
N LYS A 27 4.68 -2.35 3.85
CA LYS A 27 5.19 -1.81 2.61
C LYS A 27 4.06 -1.56 1.61
N CYS A 28 2.84 -1.78 2.06
CA CYS A 28 1.67 -1.58 1.21
C CYS A 28 1.17 -0.14 1.30
N GLN A 29 0.78 0.42 0.16
CA GLN A 29 0.29 1.80 0.11
C GLN A 29 -1.10 1.85 -0.53
N CYS A 30 -2.05 2.44 0.18
CA CYS A 30 -3.42 2.56 -0.32
C CYS A 30 -4.01 3.92 0.02
N TRP A 31 -5.09 4.27 -0.65
CA TRP A 31 -5.75 5.56 -0.41
C TRP A 31 -6.75 5.46 0.73
N VAL A 32 -6.73 6.44 1.62
CA VAL A 32 -7.62 6.47 2.76
C VAL A 32 -8.71 7.53 2.59
N GLN A 33 -9.89 7.25 3.10
CA GLN A 33 -11.01 8.18 3.00
C GLN A 33 -10.96 9.21 4.12
N LYS A 34 -10.78 10.47 3.75
CA LYS A 34 -10.72 11.56 4.73
C LYS A 34 -11.39 12.81 4.19
N ASN A 35 -12.17 13.47 5.04
CA ASN A 35 -12.86 14.70 4.64
C ASN A 35 -13.65 14.48 3.36
N ASP A 36 -14.47 13.44 3.34
CA ASP A 36 -15.29 13.12 2.17
C ASP A 36 -14.42 13.07 0.91
N GLU A 37 -13.15 12.73 1.08
CA GLU A 37 -12.22 12.63 -0.04
C GLU A 37 -11.30 11.44 0.11
N GLU A 38 -10.41 11.25 -0.85
CA GLU A 38 -9.47 10.14 -0.83
C GLU A 38 -8.04 10.63 -1.02
N ARG A 39 -7.14 10.22 -0.14
CA ARG A 39 -5.74 10.62 -0.23
C ARG A 39 -4.82 9.41 -0.08
N LEU A 40 -3.69 9.45 -0.77
CA LEU A 40 -2.72 8.35 -0.73
C LEU A 40 -2.12 8.22 0.67
N ALA A 41 -2.18 7.01 1.22
CA ALA A 41 -1.64 6.76 2.55
C ALA A 41 -0.77 5.50 2.55
N GLU A 42 0.36 5.57 3.25
CA GLU A 42 1.27 4.44 3.34
C GLU A 42 1.08 3.68 4.64
N ILE A 43 0.87 2.38 4.54
CA ILE A 43 0.67 1.53 5.72
C ILE A 43 1.92 1.51 6.58
N LEU A 44 1.72 1.51 7.90
CA LEU A 44 2.84 1.48 8.84
C LEU A 44 2.84 0.18 9.64
N SER A 45 1.68 -0.19 10.17
CA SER A 45 1.55 -1.41 10.95
C SER A 45 0.14 -1.98 10.84
N ILE A 46 -0.06 -3.17 11.41
CA ILE A 46 -1.36 -3.83 11.37
C ILE A 46 -1.79 -4.26 12.76
N ASN A 47 -3.08 -4.17 13.03
CA ASN A 47 -3.63 -4.56 14.33
C ASN A 47 -4.91 -5.37 14.16
N THR A 48 -4.79 -6.69 14.25
CA THR A 48 -5.95 -7.58 14.12
C THR A 48 -6.47 -8.02 15.48
N ARG A 49 -6.98 -7.05 16.25
CA ARG A 49 -7.51 -7.34 17.57
C ARG A 49 -8.98 -6.97 17.66
N LYS A 50 -9.57 -6.64 16.51
CA LYS A 50 -10.98 -6.26 16.45
C LYS A 50 -11.65 -6.86 15.21
N ALA A 51 -12.95 -6.62 15.08
CA ALA A 51 -13.71 -7.12 13.95
C ALA A 51 -14.72 -6.09 13.46
N PRO A 52 -14.41 -5.45 12.33
CA PRO A 52 -13.18 -5.71 11.58
C PRO A 52 -11.94 -5.21 12.32
N PRO A 53 -10.76 -5.66 11.87
CA PRO A 53 -9.48 -5.27 12.47
C PRO A 53 -9.14 -3.81 12.21
N LYS A 54 -7.97 -3.38 12.69
CA LYS A 54 -7.53 -2.00 12.50
C LYS A 54 -6.15 -1.97 11.84
N PHE A 55 -5.85 -0.86 11.18
CA PHE A 55 -4.57 -0.70 10.50
C PHE A 55 -4.02 0.71 10.70
N TYR A 56 -2.70 0.83 10.69
CA TYR A 56 -2.06 2.13 10.88
C TYR A 56 -1.63 2.73 9.55
N VAL A 57 -2.23 3.86 9.19
CA VAL A 57 -1.91 4.53 7.93
C VAL A 57 -1.16 5.83 8.18
N HIS A 58 -0.34 6.23 7.22
CA HIS A 58 0.43 7.46 7.34
C HIS A 58 0.38 8.26 6.04
N TYR A 59 -0.33 9.39 6.07
CA TYR A 59 -0.45 10.24 4.88
C TYR A 59 0.92 10.65 4.37
N VAL A 60 1.30 10.09 3.22
CA VAL A 60 2.59 10.41 2.61
C VAL A 60 2.69 11.89 2.26
N ASN A 61 1.64 12.41 1.63
CA ASN A 61 1.61 13.81 1.24
C ASN A 61 1.73 14.72 2.46
N TYR A 62 1.38 14.19 3.61
CA TYR A 62 1.44 14.95 4.86
C TYR A 62 2.56 14.43 5.76
N ASN A 63 2.65 14.99 6.96
CA ASN A 63 3.68 14.58 7.91
C ASN A 63 3.24 13.36 8.70
N LYS A 64 4.15 12.81 9.49
CA LYS A 64 3.86 11.63 10.31
C LYS A 64 2.94 11.98 11.46
N ARG A 65 2.73 13.27 11.67
CA ARG A 65 1.87 13.74 12.75
C ARG A 65 0.40 13.61 12.38
N LEU A 66 0.15 13.16 11.16
CA LEU A 66 -1.22 12.98 10.67
C LEU A 66 -1.62 11.51 10.69
N ASP A 67 -0.62 10.64 10.68
CA ASP A 67 -0.88 9.20 10.71
C ASP A 67 -1.82 8.83 11.83
N GLU A 68 -2.46 7.66 11.71
CA GLU A 68 -3.40 7.20 12.73
C GLU A 68 -3.91 5.80 12.38
N TRP A 69 -4.86 5.32 13.17
CA TRP A 69 -5.44 4.00 12.95
C TRP A 69 -6.79 4.10 12.24
N ILE A 70 -6.95 3.34 11.17
CA ILE A 70 -8.19 3.35 10.40
C ILE A 70 -8.73 1.93 10.22
N THR A 71 -10.03 1.83 9.95
CA THR A 71 -10.67 0.54 9.76
C THR A 71 -10.92 0.27 8.28
N THR A 72 -11.41 -0.93 7.98
CA THR A 72 -11.69 -1.32 6.60
C THR A 72 -12.63 -0.33 5.93
N ASP A 73 -13.64 0.12 6.67
CA ASP A 73 -14.61 1.07 6.15
C ASP A 73 -13.96 2.43 5.89
N ARG A 74 -12.75 2.60 6.42
CA ARG A 74 -12.02 3.85 6.25
C ARG A 74 -10.98 3.73 5.14
N ILE A 75 -10.89 2.54 4.55
CA ILE A 75 -9.93 2.29 3.48
C ILE A 75 -10.60 2.36 2.11
N ASN A 76 -9.87 2.87 1.12
CA ASN A 76 -10.40 2.99 -0.23
C ASN A 76 -9.91 1.85 -1.11
N LEU A 77 -10.80 0.91 -1.40
CA LEU A 77 -10.47 -0.24 -2.23
C LEU A 77 -10.83 0.02 -3.69
N ASP A 78 -10.97 1.30 -4.03
CA ASP A 78 -11.30 1.68 -5.40
C ASP A 78 -10.07 2.11 -6.18
N LYS A 79 -9.01 2.48 -5.44
CA LYS A 79 -7.76 2.91 -6.06
C LYS A 79 -6.74 1.78 -6.06
N GLU A 80 -5.83 1.82 -7.04
CA GLU A 80 -4.80 0.80 -7.15
C GLU A 80 -3.89 0.79 -5.92
N VAL A 81 -3.46 -0.40 -5.51
CA VAL A 81 -2.60 -0.54 -4.35
C VAL A 81 -1.14 -0.71 -4.77
N LEU A 82 -0.25 -0.09 -4.02
CA LEU A 82 1.19 -0.17 -4.31
C LEU A 82 1.87 -1.17 -3.39
N TYR A 83 2.64 -2.08 -3.98
CA TYR A 83 3.35 -3.10 -3.22
C TYR A 83 4.85 -3.05 -3.51
N PRO A 84 5.65 -3.57 -2.57
CA PRO A 84 7.10 -3.60 -2.70
C PRO A 84 7.57 -4.59 -3.77
N LYS A 85 8.83 -4.48 -4.16
CA LYS A 85 9.40 -5.36 -5.16
C LYS A 85 10.45 -6.29 -4.56
N LEU A 86 10.20 -7.58 -4.62
CA LEU A 86 11.13 -8.57 -4.07
C LEU A 86 11.65 -9.49 -5.17
N LYS A 87 12.85 -10.03 -4.96
CA LYS A 87 13.46 -10.93 -5.94
C LYS A 87 13.97 -12.20 -5.26
N ALA A 88 13.07 -13.16 -5.06
CA ALA A 88 13.42 -14.43 -4.43
C ALA A 88 13.62 -15.52 -5.47
N THR A 89 14.33 -16.58 -5.08
CA THR A 89 14.59 -17.70 -5.98
C THR A 89 14.25 -19.02 -5.32
N ASP A 90 13.26 -19.73 -5.88
CA ASP A 90 12.85 -21.02 -5.34
C ASP A 90 13.43 -22.16 -6.16
N GLU A 91 14.07 -23.11 -5.49
CA GLU A 91 14.67 -24.25 -6.15
C GLU A 91 14.04 -25.56 -5.66
N ASP A 92 14.25 -25.88 -4.39
CA ASP A 92 13.70 -27.10 -3.81
C ASP A 92 12.66 -26.77 -2.75
N GLY A 1 11.57 -19.01 -27.67
CA GLY A 1 12.52 -18.16 -28.38
C GLY A 1 12.71 -16.83 -27.70
N SER A 2 13.68 -16.05 -28.18
CA SER A 2 13.97 -14.74 -27.61
C SER A 2 13.43 -13.63 -28.50
N HIS A 3 12.18 -13.78 -28.92
CA HIS A 3 11.53 -12.79 -29.77
C HIS A 3 10.53 -11.95 -28.97
N MET A 4 10.81 -11.77 -27.69
CA MET A 4 9.94 -11.00 -26.82
C MET A 4 10.03 -9.51 -27.14
N SER A 5 8.92 -8.80 -26.97
CA SER A 5 8.86 -7.38 -27.25
C SER A 5 9.18 -6.57 -25.99
N HIS A 6 8.88 -7.14 -24.84
CA HIS A 6 9.13 -6.47 -23.56
C HIS A 6 10.58 -6.01 -23.47
N ASP A 7 10.82 -4.99 -22.65
CA ASP A 7 12.16 -4.46 -22.47
C ASP A 7 12.60 -4.56 -21.01
N GLY A 8 13.88 -4.31 -20.76
CA GLY A 8 14.40 -4.38 -19.40
C GLY A 8 14.24 -3.07 -18.66
N LYS A 9 14.04 -1.99 -19.39
CA LYS A 9 13.86 -0.67 -18.78
C LYS A 9 12.47 -0.53 -18.18
N GLU A 10 12.31 -1.01 -16.95
CA GLU A 10 11.03 -0.92 -16.26
C GLU A 10 11.23 -0.72 -14.76
N GLU A 11 11.01 0.51 -14.32
CA GLU A 11 11.18 0.85 -12.90
C GLU A 11 10.38 -0.12 -12.02
N PRO A 12 10.81 -0.23 -10.75
CA PRO A 12 10.15 -1.12 -9.78
C PRO A 12 8.77 -0.63 -9.38
N GLY A 13 8.11 -1.36 -8.48
CA GLY A 13 6.79 -0.97 -8.03
C GLY A 13 5.69 -1.80 -8.66
N ILE A 14 5.07 -2.67 -7.86
CA ILE A 14 3.99 -3.52 -8.36
C ILE A 14 2.63 -2.96 -8.00
N ALA A 15 1.85 -2.63 -9.02
CA ALA A 15 0.50 -2.08 -8.81
C ALA A 15 -0.56 -3.14 -9.05
N LYS A 16 -1.34 -3.45 -8.01
CA LYS A 16 -2.39 -4.45 -8.12
C LYS A 16 -3.64 -3.98 -7.37
N LYS A 17 -4.81 -4.38 -7.88
CA LYS A 17 -6.07 -4.01 -7.26
C LYS A 17 -6.62 -5.15 -6.40
N ILE A 18 -6.77 -4.88 -5.11
CA ILE A 18 -7.28 -5.89 -4.18
C ILE A 18 -8.64 -5.49 -3.64
N ASN A 19 -9.36 -6.46 -3.08
CA ASN A 19 -10.68 -6.21 -2.51
C ASN A 19 -10.69 -6.47 -1.01
N SER A 20 -9.78 -7.33 -0.56
CA SER A 20 -9.69 -7.67 0.86
C SER A 20 -8.56 -6.89 1.53
N VAL A 21 -8.78 -6.53 2.79
CA VAL A 21 -7.78 -5.78 3.55
C VAL A 21 -6.76 -6.72 4.18
N ASP A 22 -7.05 -8.01 4.15
CA ASP A 22 -6.16 -9.02 4.73
C ASP A 22 -4.81 -9.00 4.01
N ASP A 23 -4.84 -8.77 2.70
CA ASP A 23 -3.61 -8.73 1.90
C ASP A 23 -2.94 -7.37 2.00
N ILE A 24 -2.66 -6.94 3.22
CA ILE A 24 -2.01 -5.65 3.45
C ILE A 24 -0.77 -5.81 4.33
N ILE A 25 0.27 -5.05 4.01
CA ILE A 25 1.51 -5.10 4.78
C ILE A 25 2.01 -3.70 5.11
N ILE A 26 3.16 -3.63 5.77
CA ILE A 26 3.73 -2.34 6.15
C ILE A 26 4.28 -1.61 4.94
N LYS A 27 4.64 -2.36 3.91
CA LYS A 27 5.18 -1.77 2.68
C LYS A 27 4.07 -1.55 1.66
N CYS A 28 2.84 -1.80 2.07
CA CYS A 28 1.69 -1.62 1.19
C CYS A 28 1.16 -0.19 1.28
N GLN A 29 0.79 0.37 0.14
CA GLN A 29 0.27 1.74 0.09
C GLN A 29 -1.11 1.76 -0.56
N CYS A 30 -2.08 2.35 0.14
CA CYS A 30 -3.45 2.45 -0.36
C CYS A 30 -3.97 3.87 -0.26
N TRP A 31 -5.26 4.05 -0.52
CA TRP A 31 -5.88 5.36 -0.45
C TRP A 31 -6.96 5.40 0.63
N VAL A 32 -6.99 6.49 1.39
CA VAL A 32 -7.98 6.65 2.46
C VAL A 32 -8.90 7.82 2.17
N GLN A 33 -10.17 7.68 2.55
CA GLN A 33 -11.15 8.73 2.34
C GLN A 33 -11.12 9.73 3.49
N LYS A 34 -10.77 10.98 3.17
CA LYS A 34 -10.72 12.03 4.17
C LYS A 34 -11.19 13.36 3.59
N ASN A 35 -12.00 14.08 4.36
CA ASN A 35 -12.52 15.37 3.92
C ASN A 35 -13.22 15.24 2.57
N ASP A 36 -14.12 14.28 2.46
CA ASP A 36 -14.86 14.05 1.22
C ASP A 36 -13.89 13.92 0.04
N GLU A 37 -12.68 13.47 0.32
CA GLU A 37 -11.67 13.30 -0.73
C GLU A 37 -10.87 12.02 -0.50
N GLU A 38 -9.91 11.76 -1.39
CA GLU A 38 -9.07 10.58 -1.29
C GLU A 38 -7.59 10.95 -1.28
N ARG A 39 -6.88 10.53 -0.25
CA ARG A 39 -5.46 10.82 -0.13
C ARG A 39 -4.64 9.53 -0.07
N LEU A 40 -3.44 9.56 -0.65
CA LEU A 40 -2.57 8.40 -0.66
C LEU A 40 -1.99 8.14 0.72
N ALA A 41 -2.44 7.07 1.36
CA ALA A 41 -1.97 6.72 2.69
C ALA A 41 -1.10 5.46 2.64
N GLU A 42 0.06 5.52 3.29
CA GLU A 42 0.99 4.39 3.31
C GLU A 42 0.86 3.63 4.62
N ILE A 43 0.68 2.31 4.52
CA ILE A 43 0.55 1.46 5.69
C ILE A 43 1.82 1.47 6.53
N LEU A 44 1.66 1.45 7.85
CA LEU A 44 2.80 1.47 8.76
C LEU A 44 2.84 0.19 9.60
N SER A 45 1.66 -0.23 10.08
CA SER A 45 1.56 -1.43 10.89
C SER A 45 0.17 -2.04 10.79
N ILE A 46 0.00 -3.23 11.35
CA ILE A 46 -1.28 -3.92 11.32
C ILE A 46 -1.70 -4.36 12.72
N ASN A 47 -3.00 -4.29 12.99
CA ASN A 47 -3.53 -4.67 14.29
C ASN A 47 -4.85 -5.43 14.14
N THR A 48 -4.78 -6.76 14.19
CA THR A 48 -5.96 -7.59 14.05
C THR A 48 -6.46 -8.06 15.41
N ARG A 49 -6.57 -7.12 16.35
CA ARG A 49 -7.04 -7.45 17.70
C ARG A 49 -8.52 -7.12 17.86
N LYS A 50 -9.17 -6.77 16.75
CA LYS A 50 -10.59 -6.42 16.76
C LYS A 50 -11.30 -7.00 15.54
N ALA A 51 -12.60 -6.79 15.48
CA ALA A 51 -13.41 -7.29 14.36
C ALA A 51 -14.45 -6.27 13.93
N PRO A 52 -14.24 -5.68 12.75
CA PRO A 52 -13.09 -5.99 11.89
C PRO A 52 -11.78 -5.47 12.48
N PRO A 53 -10.65 -5.94 11.93
CA PRO A 53 -9.32 -5.53 12.39
C PRO A 53 -9.00 -4.09 12.04
N LYS A 54 -7.97 -3.55 12.67
CA LYS A 54 -7.55 -2.17 12.44
C LYS A 54 -6.18 -2.12 11.77
N PHE A 55 -5.88 -0.99 11.14
CA PHE A 55 -4.59 -0.81 10.46
C PHE A 55 -4.05 0.59 10.68
N TYR A 56 -2.73 0.72 10.66
CA TYR A 56 -2.09 2.01 10.86
C TYR A 56 -1.67 2.63 9.53
N VAL A 57 -2.26 3.78 9.22
CA VAL A 57 -1.95 4.47 7.97
C VAL A 57 -1.26 5.80 8.24
N HIS A 58 -0.48 6.26 7.27
CA HIS A 58 0.24 7.52 7.39
C HIS A 58 0.17 8.33 6.10
N TYR A 59 -0.36 9.54 6.20
CA TYR A 59 -0.49 10.42 5.04
C TYR A 59 0.88 10.90 4.57
N VAL A 60 1.33 10.37 3.43
CA VAL A 60 2.63 10.76 2.87
C VAL A 60 2.66 12.24 2.55
N ASN A 61 1.54 12.77 2.05
CA ASN A 61 1.44 14.18 1.70
C ASN A 61 1.59 15.06 2.93
N TYR A 62 1.36 14.47 4.10
CA TYR A 62 1.47 15.20 5.36
C TYR A 62 2.57 14.62 6.24
N ASN A 63 2.69 15.15 7.45
CA ASN A 63 3.70 14.67 8.40
C ASN A 63 3.27 13.37 9.06
N LYS A 64 4.17 12.78 9.83
CA LYS A 64 3.89 11.53 10.52
C LYS A 64 2.96 11.77 11.71
N ARG A 65 2.73 13.04 12.03
CA ARG A 65 1.86 13.41 13.14
C ARG A 65 0.39 13.31 12.73
N LEU A 66 0.16 12.96 11.47
CA LEU A 66 -1.20 12.83 10.96
C LEU A 66 -1.64 11.37 10.93
N ASP A 67 -0.66 10.47 10.89
CA ASP A 67 -0.94 9.04 10.85
C ASP A 67 -1.90 8.65 11.98
N GLU A 68 -2.56 7.50 11.82
CA GLU A 68 -3.49 7.01 12.83
C GLU A 68 -3.97 5.60 12.49
N TRP A 69 -4.87 5.08 13.31
CA TRP A 69 -5.41 3.74 13.10
C TRP A 69 -6.78 3.80 12.42
N ILE A 70 -6.85 3.36 11.18
CA ILE A 70 -8.10 3.37 10.43
C ILE A 70 -8.66 1.95 10.30
N THR A 71 -9.97 1.87 10.07
CA THR A 71 -10.64 0.58 9.93
C THR A 71 -10.92 0.26 8.46
N THR A 72 -11.44 -0.93 8.20
CA THR A 72 -11.75 -1.36 6.84
C THR A 72 -12.66 -0.35 6.15
N ASP A 73 -13.68 0.12 6.86
CA ASP A 73 -14.62 1.09 6.31
C ASP A 73 -13.93 2.41 6.00
N ARG A 74 -12.73 2.57 6.55
CA ARG A 74 -11.96 3.80 6.33
C ARG A 74 -10.90 3.58 5.26
N ILE A 75 -11.03 2.49 4.51
CA ILE A 75 -10.08 2.18 3.44
C ILE A 75 -10.75 2.26 2.07
N ASN A 76 -10.01 2.76 1.10
CA ASN A 76 -10.53 2.89 -0.26
C ASN A 76 -10.03 1.74 -1.14
N LEU A 77 -10.92 0.80 -1.44
CA LEU A 77 -10.57 -0.35 -2.27
C LEU A 77 -10.94 -0.10 -3.73
N ASP A 78 -11.03 1.18 -4.10
CA ASP A 78 -11.38 1.55 -5.46
C ASP A 78 -10.13 1.92 -6.26
N LYS A 79 -9.08 2.34 -5.54
CA LYS A 79 -7.83 2.72 -6.18
C LYS A 79 -6.80 1.60 -6.10
N GLU A 80 -5.99 1.46 -7.14
CA GLU A 80 -4.97 0.41 -7.18
C GLU A 80 -4.10 0.46 -5.92
N VAL A 81 -3.43 -0.65 -5.64
CA VAL A 81 -2.57 -0.75 -4.47
C VAL A 81 -1.11 -0.85 -4.86
N LEU A 82 -0.25 -0.16 -4.13
CA LEU A 82 1.19 -0.18 -4.41
C LEU A 82 1.92 -1.14 -3.47
N TYR A 83 2.74 -2.01 -4.05
CA TYR A 83 3.50 -2.98 -3.28
C TYR A 83 4.99 -2.75 -3.42
N PRO A 84 5.78 -3.26 -2.46
CA PRO A 84 7.23 -3.13 -2.46
C PRO A 84 7.88 -3.96 -3.56
N LYS A 85 9.16 -3.68 -3.83
CA LYS A 85 9.90 -4.40 -4.85
C LYS A 85 10.99 -5.28 -4.23
N LEU A 86 10.91 -6.57 -4.48
CA LEU A 86 11.89 -7.52 -3.93
C LEU A 86 12.82 -8.02 -5.03
N LYS A 87 14.02 -8.41 -4.66
CA LYS A 87 15.01 -8.92 -5.60
C LYS A 87 16.01 -9.83 -4.92
N ALA A 88 16.67 -10.69 -5.70
CA ALA A 88 17.65 -11.61 -5.16
C ALA A 88 18.99 -10.92 -4.94
N THR A 89 19.13 -10.28 -3.78
CA THR A 89 20.36 -9.57 -3.44
C THR A 89 20.87 -9.99 -2.07
N ASP A 90 21.98 -10.73 -2.05
CA ASP A 90 22.57 -11.19 -0.80
C ASP A 90 23.94 -10.54 -0.58
N GLU A 91 24.11 -9.35 -1.13
CA GLU A 91 25.37 -8.62 -1.00
C GLU A 91 25.12 -7.16 -0.65
N ASP A 92 26.19 -6.46 -0.26
CA ASP A 92 26.08 -5.05 0.10
C ASP A 92 26.66 -4.16 -0.99
N GLY A 1 12.13 -12.44 -36.08
CA GLY A 1 13.32 -11.71 -35.73
C GLY A 1 14.40 -12.59 -35.13
N SER A 2 15.59 -12.02 -34.91
CA SER A 2 16.71 -12.76 -34.35
C SER A 2 17.21 -12.10 -33.07
N HIS A 3 16.31 -11.93 -32.11
CA HIS A 3 16.67 -11.31 -30.84
C HIS A 3 15.99 -12.02 -29.67
N MET A 4 16.78 -12.40 -28.67
CA MET A 4 16.25 -13.10 -27.50
C MET A 4 15.51 -12.12 -26.58
N SER A 5 16.27 -11.25 -25.93
CA SER A 5 15.69 -10.26 -25.02
C SER A 5 16.53 -8.99 -24.99
N HIS A 6 15.99 -7.91 -25.52
CA HIS A 6 16.69 -6.63 -25.56
C HIS A 6 17.06 -6.18 -24.15
N ASP A 7 17.77 -5.07 -24.06
CA ASP A 7 18.20 -4.54 -22.77
C ASP A 7 17.47 -3.23 -22.45
N GLY A 8 16.34 -3.36 -21.76
CA GLY A 8 15.56 -2.19 -21.38
C GLY A 8 15.86 -1.71 -19.98
N LYS A 9 15.09 -0.74 -19.51
CA LYS A 9 15.27 -0.19 -18.18
C LYS A 9 13.94 0.24 -17.57
N GLU A 10 13.39 -0.61 -16.71
CA GLU A 10 12.12 -0.34 -16.06
C GLU A 10 12.28 -0.30 -14.54
N GLU A 11 11.84 0.81 -13.93
CA GLU A 11 11.93 0.98 -12.49
C GLU A 11 10.97 0.04 -11.77
N PRO A 12 11.23 -0.21 -10.48
CA PRO A 12 10.40 -1.08 -9.64
C PRO A 12 9.04 -0.48 -9.35
N GLY A 13 8.24 -1.18 -8.55
CA GLY A 13 6.92 -0.68 -8.19
C GLY A 13 5.82 -1.48 -8.87
N ILE A 14 5.15 -2.34 -8.10
CA ILE A 14 4.08 -3.16 -8.62
C ILE A 14 2.71 -2.58 -8.25
N ALA A 15 1.79 -2.57 -9.21
CA ALA A 15 0.45 -2.05 -8.99
C ALA A 15 -0.60 -3.12 -9.21
N LYS A 16 -1.32 -3.48 -8.15
CA LYS A 16 -2.36 -4.49 -8.25
C LYS A 16 -3.62 -4.05 -7.51
N LYS A 17 -4.77 -4.46 -8.02
CA LYS A 17 -6.05 -4.10 -7.40
C LYS A 17 -6.59 -5.24 -6.55
N ILE A 18 -6.68 -5.00 -5.25
CA ILE A 18 -7.18 -6.01 -4.32
C ILE A 18 -8.55 -5.62 -3.76
N ASN A 19 -9.19 -6.57 -3.09
CA ASN A 19 -10.51 -6.32 -2.50
C ASN A 19 -10.60 -6.90 -1.09
N SER A 20 -9.43 -7.11 -0.48
CA SER A 20 -9.37 -7.66 0.87
C SER A 20 -8.28 -6.98 1.68
N VAL A 21 -8.67 -6.38 2.80
CA VAL A 21 -7.72 -5.69 3.67
C VAL A 21 -6.74 -6.66 4.30
N ASP A 22 -7.06 -7.96 4.23
CA ASP A 22 -6.20 -9.00 4.79
C ASP A 22 -4.85 -9.02 4.07
N ASP A 23 -4.87 -8.82 2.76
CA ASP A 23 -3.65 -8.83 1.97
C ASP A 23 -2.96 -7.47 2.03
N ILE A 24 -2.67 -7.01 3.24
CA ILE A 24 -2.01 -5.73 3.44
C ILE A 24 -0.76 -5.88 4.30
N ILE A 25 0.27 -5.12 3.97
CA ILE A 25 1.52 -5.16 4.72
C ILE A 25 1.99 -3.76 5.10
N ILE A 26 3.14 -3.69 5.76
CA ILE A 26 3.70 -2.41 6.18
C ILE A 26 4.24 -1.62 5.00
N LYS A 27 4.61 -2.35 3.94
CA LYS A 27 5.15 -1.73 2.73
C LYS A 27 4.05 -1.50 1.71
N CYS A 28 2.82 -1.80 2.08
CA CYS A 28 1.67 -1.63 1.20
C CYS A 28 1.12 -0.21 1.29
N GLN A 29 0.76 0.36 0.15
CA GLN A 29 0.22 1.71 0.10
C GLN A 29 -1.16 1.73 -0.56
N CYS A 30 -2.11 2.38 0.09
CA CYS A 30 -3.47 2.46 -0.45
C CYS A 30 -4.03 3.88 -0.30
N TRP A 31 -5.30 4.04 -0.63
CA TRP A 31 -5.95 5.35 -0.53
C TRP A 31 -6.99 5.36 0.58
N VAL A 32 -7.05 6.46 1.31
CA VAL A 32 -8.00 6.59 2.42
C VAL A 32 -8.92 7.79 2.20
N GLN A 33 -10.17 7.67 2.64
CA GLN A 33 -11.15 8.74 2.50
C GLN A 33 -11.00 9.76 3.61
N LYS A 34 -10.71 11.00 3.23
CA LYS A 34 -10.55 12.09 4.20
C LYS A 34 -11.14 13.38 3.68
N ASN A 35 -11.96 14.03 4.51
CA ASN A 35 -12.60 15.29 4.12
C ASN A 35 -13.30 15.16 2.77
N ASP A 36 -14.15 14.14 2.65
CA ASP A 36 -14.89 13.90 1.42
C ASP A 36 -13.94 13.85 0.22
N GLU A 37 -12.70 13.41 0.47
CA GLU A 37 -11.70 13.32 -0.59
C GLU A 37 -10.86 12.04 -0.43
N GLU A 38 -9.94 11.83 -1.36
CA GLU A 38 -9.09 10.65 -1.32
C GLU A 38 -7.62 11.05 -1.22
N ARG A 39 -6.92 10.51 -0.23
CA ARG A 39 -5.51 10.81 -0.03
C ARG A 39 -4.68 9.52 0.05
N LEU A 40 -3.56 9.51 -0.66
CA LEU A 40 -2.67 8.36 -0.67
C LEU A 40 -2.05 8.13 0.70
N ALA A 41 -2.48 7.07 1.37
CA ALA A 41 -1.97 6.73 2.69
C ALA A 41 -1.11 5.47 2.65
N GLU A 42 0.05 5.53 3.29
CA GLU A 42 0.97 4.39 3.32
C GLU A 42 0.83 3.63 4.63
N ILE A 43 0.67 2.31 4.54
CA ILE A 43 0.53 1.46 5.71
C ILE A 43 1.81 1.49 6.56
N LEU A 44 1.63 1.48 7.87
CA LEU A 44 2.76 1.50 8.79
C LEU A 44 2.80 0.22 9.64
N SER A 45 1.62 -0.28 9.99
CA SER A 45 1.52 -1.49 10.80
C SER A 45 0.11 -2.07 10.74
N ILE A 46 -0.07 -3.26 11.30
CA ILE A 46 -1.36 -3.91 11.31
C ILE A 46 -1.74 -4.36 12.73
N ASN A 47 -3.01 -4.24 13.07
CA ASN A 47 -3.49 -4.64 14.38
C ASN A 47 -4.86 -5.33 14.28
N THR A 48 -4.84 -6.65 14.36
CA THR A 48 -6.07 -7.43 14.28
C THR A 48 -6.52 -7.91 15.65
N ARG A 49 -6.79 -6.96 16.55
CA ARG A 49 -7.22 -7.28 17.90
C ARG A 49 -8.73 -7.15 18.03
N LYS A 50 -9.35 -6.48 17.06
CA LYS A 50 -10.80 -6.29 17.07
C LYS A 50 -11.43 -6.87 15.80
N ALA A 51 -12.73 -6.68 15.66
CA ALA A 51 -13.46 -7.19 14.49
C ALA A 51 -14.49 -6.18 14.01
N PRO A 52 -14.26 -5.62 12.82
CA PRO A 52 -13.09 -5.95 11.99
C PRO A 52 -11.80 -5.42 12.59
N PRO A 53 -10.65 -5.90 12.06
CA PRO A 53 -9.33 -5.47 12.53
C PRO A 53 -9.01 -4.03 12.17
N LYS A 54 -7.98 -3.48 12.79
CA LYS A 54 -7.58 -2.10 12.52
C LYS A 54 -6.21 -2.06 11.84
N PHE A 55 -5.91 -0.94 11.18
CA PHE A 55 -4.64 -0.78 10.49
C PHE A 55 -4.09 0.63 10.71
N TYR A 56 -2.77 0.75 10.69
CA TYR A 56 -2.11 2.04 10.88
C TYR A 56 -1.70 2.64 9.54
N VAL A 57 -2.27 3.79 9.21
CA VAL A 57 -1.96 4.47 7.96
C VAL A 57 -1.27 5.81 8.22
N HIS A 58 -0.48 6.26 7.25
CA HIS A 58 0.23 7.53 7.37
C HIS A 58 0.10 8.35 6.09
N TYR A 59 -0.34 9.60 6.23
CA TYR A 59 -0.52 10.49 5.09
C TYR A 59 0.83 10.99 4.58
N VAL A 60 1.24 10.49 3.42
CA VAL A 60 2.51 10.89 2.83
C VAL A 60 2.53 12.38 2.53
N ASN A 61 1.39 12.92 2.14
CA ASN A 61 1.27 14.33 1.83
C ASN A 61 1.49 15.20 3.08
N TYR A 62 1.27 14.59 4.24
CA TYR A 62 1.46 15.30 5.51
C TYR A 62 2.57 14.67 6.33
N ASN A 63 2.77 15.18 7.55
CA ASN A 63 3.80 14.67 8.43
C ASN A 63 3.37 13.36 9.09
N LYS A 64 4.29 12.73 9.80
CA LYS A 64 4.01 11.47 10.48
C LYS A 64 3.09 11.69 11.67
N ARG A 65 2.87 12.95 12.03
CA ARG A 65 2.02 13.31 13.15
C ARG A 65 0.54 13.25 12.75
N LEU A 66 0.29 12.93 11.49
CA LEU A 66 -1.08 12.85 10.98
C LEU A 66 -1.55 11.40 10.92
N ASP A 67 -0.60 10.46 10.87
CA ASP A 67 -0.92 9.05 10.83
C ASP A 67 -1.88 8.67 11.94
N GLU A 68 -2.57 7.55 11.77
CA GLU A 68 -3.52 7.08 12.77
C GLU A 68 -4.00 5.66 12.45
N TRP A 69 -4.91 5.14 13.28
CA TRP A 69 -5.44 3.80 13.08
C TRP A 69 -6.81 3.86 12.41
N ILE A 70 -6.87 3.42 11.16
CA ILE A 70 -8.12 3.41 10.42
C ILE A 70 -8.69 2.00 10.29
N THR A 71 -9.99 1.91 10.08
CA THR A 71 -10.66 0.62 9.95
C THR A 71 -10.92 0.29 8.48
N THR A 72 -11.42 -0.92 8.23
CA THR A 72 -11.70 -1.37 6.88
C THR A 72 -12.62 -0.39 6.16
N ASP A 73 -13.66 0.06 6.87
CA ASP A 73 -14.62 1.00 6.30
C ASP A 73 -13.93 2.32 5.94
N ARG A 74 -12.74 2.54 6.49
CA ARG A 74 -11.99 3.75 6.24
C ARG A 74 -10.92 3.52 5.18
N ILE A 75 -11.06 2.43 4.43
CA ILE A 75 -10.11 2.10 3.38
C ILE A 75 -10.75 2.18 2.00
N ASN A 76 -10.00 2.68 1.03
CA ASN A 76 -10.49 2.80 -0.33
C ASN A 76 -9.99 1.66 -1.21
N LEU A 77 -10.88 0.71 -1.50
CA LEU A 77 -10.52 -0.44 -2.32
C LEU A 77 -10.90 -0.20 -3.79
N ASP A 78 -11.01 1.07 -4.15
CA ASP A 78 -11.36 1.44 -5.52
C ASP A 78 -10.12 1.83 -6.32
N LYS A 79 -9.07 2.24 -5.62
CA LYS A 79 -7.82 2.64 -6.26
C LYS A 79 -6.79 1.51 -6.18
N GLU A 80 -6.00 1.39 -7.24
CA GLU A 80 -4.96 0.35 -7.30
C GLU A 80 -4.06 0.42 -6.08
N VAL A 81 -3.56 -0.74 -5.66
CA VAL A 81 -2.67 -0.82 -4.50
C VAL A 81 -1.22 -0.93 -4.93
N LEU A 82 -0.34 -0.21 -4.22
CA LEU A 82 1.08 -0.22 -4.53
C LEU A 82 1.84 -1.13 -3.57
N TYR A 83 2.63 -2.03 -4.13
CA TYR A 83 3.41 -2.97 -3.33
C TYR A 83 4.90 -2.89 -3.68
N PRO A 84 5.75 -3.31 -2.73
CA PRO A 84 7.20 -3.29 -2.92
C PRO A 84 7.67 -4.32 -3.94
N LYS A 85 8.85 -4.09 -4.51
CA LYS A 85 9.40 -5.01 -5.50
C LYS A 85 10.55 -5.82 -4.90
N LEU A 86 10.40 -7.15 -4.94
CA LEU A 86 11.42 -8.04 -4.40
C LEU A 86 11.97 -8.95 -5.49
N LYS A 87 13.27 -9.24 -5.41
CA LYS A 87 13.92 -10.11 -6.39
C LYS A 87 14.57 -11.31 -5.71
N ALA A 88 13.81 -12.40 -5.60
CA ALA A 88 14.32 -13.62 -4.97
C ALA A 88 14.12 -14.82 -5.87
N THR A 89 14.79 -15.93 -5.54
CA THR A 89 14.68 -17.15 -6.32
C THR A 89 14.27 -18.33 -5.45
N ASP A 90 13.70 -19.36 -6.07
CA ASP A 90 13.27 -20.55 -5.35
C ASP A 90 13.84 -21.81 -5.98
N GLU A 91 14.69 -22.50 -5.23
CA GLU A 91 15.32 -23.73 -5.72
C GLU A 91 15.07 -24.88 -4.76
N ASP A 92 13.92 -24.86 -4.10
CA ASP A 92 13.56 -25.91 -3.15
C ASP A 92 12.32 -26.66 -3.61
N GLY A 1 14.88 -13.96 -2.53
CA GLY A 1 16.32 -14.10 -2.57
C GLY A 1 17.01 -12.89 -3.15
N SER A 2 16.31 -11.75 -3.14
CA SER A 2 16.87 -10.51 -3.67
C SER A 2 17.38 -9.62 -2.54
N HIS A 3 18.54 -9.95 -2.01
CA HIS A 3 19.14 -9.18 -0.93
C HIS A 3 20.58 -8.77 -1.28
N MET A 4 21.31 -9.68 -1.92
CA MET A 4 22.69 -9.42 -2.31
C MET A 4 22.77 -9.03 -3.78
N SER A 5 22.18 -9.86 -4.64
CA SER A 5 22.21 -9.60 -6.07
C SER A 5 21.08 -8.66 -6.48
N HIS A 6 21.35 -7.80 -7.45
CA HIS A 6 20.36 -6.84 -7.92
C HIS A 6 20.61 -6.47 -9.39
N ASP A 7 19.75 -6.97 -10.27
CA ASP A 7 19.88 -6.70 -11.69
C ASP A 7 18.51 -6.45 -12.32
N GLY A 8 18.51 -6.12 -13.61
CA GLY A 8 17.26 -5.85 -14.31
C GLY A 8 17.29 -4.54 -15.06
N LYS A 9 16.31 -4.34 -15.93
CA LYS A 9 16.21 -3.12 -16.72
C LYS A 9 14.90 -2.39 -16.44
N GLU A 10 14.34 -2.62 -15.26
CA GLU A 10 13.09 -1.99 -14.87
C GLU A 10 13.04 -1.75 -13.36
N GLU A 11 12.70 -0.53 -12.96
CA GLU A 11 12.63 -0.18 -11.55
C GLU A 11 11.47 -0.90 -10.88
N PRO A 12 11.52 -0.99 -9.54
CA PRO A 12 10.49 -1.66 -8.74
C PRO A 12 9.17 -0.89 -8.73
N GLY A 13 8.19 -1.40 -8.00
CA GLY A 13 6.91 -0.74 -7.92
C GLY A 13 5.82 -1.50 -8.65
N ILE A 14 5.00 -2.23 -7.90
CA ILE A 14 3.91 -3.01 -8.48
C ILE A 14 2.56 -2.37 -8.19
N ALA A 15 1.66 -2.42 -9.17
CA ALA A 15 0.34 -1.85 -9.02
C ALA A 15 -0.74 -2.90 -9.27
N LYS A 16 -1.48 -3.23 -8.21
CA LYS A 16 -2.55 -4.22 -8.30
C LYS A 16 -3.77 -3.78 -7.51
N LYS A 17 -4.95 -4.13 -8.01
CA LYS A 17 -6.20 -3.78 -7.34
C LYS A 17 -6.74 -4.95 -6.52
N ILE A 18 -6.81 -4.78 -5.21
CA ILE A 18 -7.32 -5.83 -4.33
C ILE A 18 -8.71 -5.49 -3.81
N ASN A 19 -9.29 -6.40 -3.04
CA ASN A 19 -10.62 -6.21 -2.48
C ASN A 19 -10.69 -6.72 -1.05
N SER A 20 -9.52 -6.93 -0.44
CA SER A 20 -9.46 -7.43 0.93
C SER A 20 -8.33 -6.74 1.69
N VAL A 21 -8.65 -6.26 2.90
CA VAL A 21 -7.67 -5.58 3.73
C VAL A 21 -6.67 -6.57 4.32
N ASP A 22 -7.02 -7.85 4.28
CA ASP A 22 -6.15 -8.90 4.81
C ASP A 22 -4.83 -8.94 4.05
N ASP A 23 -4.89 -8.73 2.74
CA ASP A 23 -3.71 -8.74 1.90
C ASP A 23 -3.00 -7.40 1.95
N ILE A 24 -2.65 -6.96 3.14
CA ILE A 24 -1.96 -5.69 3.33
C ILE A 24 -0.69 -5.86 4.15
N ILE A 25 0.35 -5.11 3.78
CA ILE A 25 1.63 -5.18 4.49
C ILE A 25 2.12 -3.79 4.88
N ILE A 26 3.30 -3.74 5.49
CA ILE A 26 3.88 -2.47 5.91
C ILE A 26 4.39 -1.68 4.71
N LYS A 27 4.73 -2.39 3.64
CA LYS A 27 5.23 -1.76 2.43
C LYS A 27 4.10 -1.50 1.44
N CYS A 28 2.87 -1.80 1.86
CA CYS A 28 1.70 -1.60 1.02
C CYS A 28 1.17 -0.18 1.14
N GLN A 29 0.76 0.40 0.01
CA GLN A 29 0.24 1.77 0.00
C GLN A 29 -1.16 1.81 -0.62
N CYS A 30 -2.10 2.40 0.10
CA CYS A 30 -3.47 2.50 -0.39
C CYS A 30 -3.99 3.93 -0.24
N TRP A 31 -5.29 4.11 -0.47
CA TRP A 31 -5.90 5.42 -0.37
C TRP A 31 -6.96 5.44 0.73
N VAL A 32 -7.06 6.57 1.44
CA VAL A 32 -8.03 6.71 2.52
C VAL A 32 -8.97 7.87 2.25
N GLN A 33 -10.23 7.71 2.66
CA GLN A 33 -11.24 8.76 2.46
C GLN A 33 -11.19 9.77 3.59
N LYS A 34 -10.86 11.02 3.25
CA LYS A 34 -10.78 12.09 4.23
C LYS A 34 -11.28 13.40 3.65
N ASN A 35 -12.07 14.13 4.44
CA ASN A 35 -12.62 15.40 3.99
C ASN A 35 -13.33 15.26 2.65
N ASP A 36 -14.22 14.28 2.57
CA ASP A 36 -14.97 14.03 1.34
C ASP A 36 -14.03 13.90 0.15
N GLU A 37 -12.80 13.47 0.42
CA GLU A 37 -11.80 13.30 -0.64
C GLU A 37 -10.98 12.02 -0.42
N GLU A 38 -10.04 11.77 -1.31
CA GLU A 38 -9.19 10.59 -1.22
C GLU A 38 -7.72 10.98 -1.25
N ARG A 39 -6.96 10.55 -0.24
CA ARG A 39 -5.54 10.85 -0.15
C ARG A 39 -4.72 9.57 -0.10
N LEU A 40 -3.51 9.62 -0.65
CA LEU A 40 -2.62 8.47 -0.66
C LEU A 40 -2.02 8.21 0.71
N ALA A 41 -2.47 7.13 1.35
CA ALA A 41 -1.97 6.77 2.67
C ALA A 41 -1.11 5.51 2.62
N GLU A 42 0.01 5.53 3.32
CA GLU A 42 0.92 4.39 3.35
C GLU A 42 0.72 3.57 4.62
N ILE A 43 0.85 2.26 4.50
CA ILE A 43 0.68 1.37 5.64
C ILE A 43 1.95 1.32 6.49
N LEU A 44 1.78 1.25 7.81
CA LEU A 44 2.90 1.20 8.73
C LEU A 44 2.94 -0.13 9.47
N SER A 45 1.81 -0.50 10.06
CA SER A 45 1.70 -1.75 10.80
C SER A 45 0.28 -2.28 10.77
N ILE A 46 0.10 -3.53 11.22
CA ILE A 46 -1.21 -4.16 11.24
C ILE A 46 -1.58 -4.60 12.65
N ASN A 47 -2.87 -4.49 12.97
CA ASN A 47 -3.36 -4.88 14.29
C ASN A 47 -4.68 -5.64 14.17
N THR A 48 -4.61 -6.96 14.29
CA THR A 48 -5.79 -7.80 14.19
C THR A 48 -6.29 -8.21 15.57
N ARG A 49 -6.72 -7.23 16.36
CA ARG A 49 -7.22 -7.49 17.70
C ARG A 49 -8.69 -7.10 17.82
N LYS A 50 -9.31 -6.78 16.69
CA LYS A 50 -10.71 -6.39 16.66
C LYS A 50 -11.42 -6.99 15.46
N ALA A 51 -12.73 -6.76 15.37
CA ALA A 51 -13.52 -7.27 14.26
C ALA A 51 -14.55 -6.24 13.80
N PRO A 52 -14.28 -5.61 12.65
CA PRO A 52 -13.07 -5.87 11.87
C PRO A 52 -11.81 -5.36 12.56
N PRO A 53 -10.64 -5.81 12.06
CA PRO A 53 -9.35 -5.42 12.62
C PRO A 53 -9.01 -3.96 12.34
N LYS A 54 -7.82 -3.53 12.74
CA LYS A 54 -7.38 -2.16 12.53
C LYS A 54 -6.02 -2.13 11.84
N PHE A 55 -5.71 -1.00 11.20
CA PHE A 55 -4.44 -0.84 10.51
C PHE A 55 -3.88 0.56 10.71
N TYR A 56 -2.56 0.67 10.68
CA TYR A 56 -1.89 1.96 10.86
C TYR A 56 -1.49 2.57 9.53
N VAL A 57 -2.02 3.75 9.23
CA VAL A 57 -1.71 4.44 7.98
C VAL A 57 -1.09 5.80 8.25
N HIS A 58 -0.36 6.32 7.26
CA HIS A 58 0.28 7.62 7.39
C HIS A 58 0.13 8.43 6.11
N TYR A 59 -0.36 9.66 6.24
CA TYR A 59 -0.56 10.53 5.09
C TYR A 59 0.76 11.10 4.61
N VAL A 60 1.23 10.64 3.45
CA VAL A 60 2.47 11.11 2.88
C VAL A 60 2.42 12.61 2.61
N ASN A 61 1.31 13.06 2.02
CA ASN A 61 1.14 14.48 1.70
C ASN A 61 1.21 15.33 2.96
N TYR A 62 0.97 14.71 4.11
CA TYR A 62 1.00 15.42 5.38
C TYR A 62 2.17 14.94 6.24
N ASN A 63 2.26 15.46 7.46
CA ASN A 63 3.33 15.09 8.37
C ASN A 63 3.01 13.78 9.09
N LYS A 64 3.98 13.27 9.84
CA LYS A 64 3.79 12.03 10.58
C LYS A 64 2.78 12.20 11.70
N ARG A 65 2.43 13.46 11.99
CA ARG A 65 1.46 13.76 13.04
C ARG A 65 0.03 13.54 12.55
N LEU A 66 -0.10 13.13 11.30
CA LEU A 66 -1.41 12.87 10.71
C LEU A 66 -1.74 11.38 10.73
N ASP A 67 -0.71 10.55 10.75
CA ASP A 67 -0.89 9.11 10.77
C ASP A 67 -1.77 8.69 11.94
N GLU A 68 -2.39 7.51 11.81
CA GLU A 68 -3.28 7.01 12.85
C GLU A 68 -3.76 5.60 12.51
N TRP A 69 -4.68 5.08 13.32
CA TRP A 69 -5.23 3.75 13.10
C TRP A 69 -6.59 3.83 12.43
N ILE A 70 -6.70 3.28 11.22
CA ILE A 70 -7.95 3.29 10.49
C ILE A 70 -8.51 1.88 10.33
N THR A 71 -9.82 1.79 10.14
CA THR A 71 -10.47 0.49 9.98
C THR A 71 -10.75 0.20 8.50
N THR A 72 -11.25 -1.00 8.23
CA THR A 72 -11.56 -1.41 6.86
C THR A 72 -12.48 -0.42 6.19
N ASP A 73 -13.51 0.03 6.92
CA ASP A 73 -14.48 0.98 6.40
C ASP A 73 -13.81 2.32 6.08
N ARG A 74 -12.60 2.50 6.62
CA ARG A 74 -11.86 3.74 6.39
C ARG A 74 -10.81 3.56 5.30
N ILE A 75 -10.93 2.47 4.55
CA ILE A 75 -10.00 2.18 3.46
C ILE A 75 -10.70 2.23 2.11
N ASN A 76 -9.98 2.73 1.11
CA ASN A 76 -10.53 2.83 -0.24
C ASN A 76 -10.03 1.69 -1.12
N LEU A 77 -10.91 0.74 -1.39
CA LEU A 77 -10.57 -0.41 -2.22
C LEU A 77 -10.94 -0.17 -3.68
N ASP A 78 -11.10 1.11 -4.03
CA ASP A 78 -11.45 1.48 -5.41
C ASP A 78 -10.21 1.93 -6.18
N LYS A 79 -9.19 2.33 -5.45
CA LYS A 79 -7.94 2.79 -6.07
C LYS A 79 -6.89 1.69 -6.05
N GLU A 80 -6.09 1.63 -7.11
CA GLU A 80 -5.05 0.62 -7.21
C GLU A 80 -4.16 0.62 -5.97
N VAL A 81 -3.55 -0.52 -5.68
CA VAL A 81 -2.67 -0.65 -4.52
C VAL A 81 -1.21 -0.78 -4.94
N LEU A 82 -0.32 -0.18 -4.16
CA LEU A 82 1.11 -0.22 -4.45
C LEU A 82 1.82 -1.22 -3.54
N TYR A 83 2.59 -2.12 -4.15
CA TYR A 83 3.32 -3.13 -3.40
C TYR A 83 4.79 -3.13 -3.78
N PRO A 84 5.64 -3.63 -2.86
CA PRO A 84 7.09 -3.70 -3.08
C PRO A 84 7.46 -4.74 -4.14
N LYS A 85 8.63 -4.57 -4.74
CA LYS A 85 9.11 -5.48 -5.77
C LYS A 85 10.46 -6.08 -5.37
N LEU A 86 10.49 -7.41 -5.27
CA LEU A 86 11.72 -8.12 -4.90
C LEU A 86 12.00 -9.26 -5.86
N LYS A 87 12.88 -9.03 -6.82
CA LYS A 87 13.24 -10.05 -7.80
C LYS A 87 14.70 -10.46 -7.64
N ALA A 88 14.94 -11.77 -7.69
CA ALA A 88 16.30 -12.30 -7.56
C ALA A 88 16.73 -13.02 -8.83
N THR A 89 17.74 -12.47 -9.50
CA THR A 89 18.25 -13.05 -10.73
C THR A 89 19.77 -12.96 -10.79
N ASP A 90 20.40 -14.03 -11.27
CA ASP A 90 21.85 -14.09 -11.38
C ASP A 90 22.28 -14.16 -12.84
N GLU A 91 21.88 -13.17 -13.63
CA GLU A 91 22.22 -13.13 -15.05
C GLU A 91 22.96 -11.84 -15.39
N ASP A 92 23.90 -11.92 -16.32
CA ASP A 92 24.67 -10.76 -16.75
C ASP A 92 24.72 -10.68 -18.27
#